data_3ORG
#
_entry.id   3ORG
#
_cell.length_a   229.629
_cell.length_b   178.270
_cell.length_c   145.135
_cell.angle_alpha   90.000
_cell.angle_beta   129.210
_cell.angle_gamma   90.000
#
_symmetry.space_group_name_H-M   'C 1 2 1'
#
loop_
_entity.id
_entity.type
_entity.pdbx_description
1 polymer CmCLC
2 non-polymer 'CHLORIDE ION'
#
_entity_poly.entity_id   1
_entity_poly.type   'polypeptide(L)'
_entity_poly.pdbx_seq_one_letter_code
;MGSLMYLLRLVCFLTLLGVTAALFIFAVDLAVHGLEELRMKISRLAGRFAGYILYVVSGVALCLLSTFWCAVLSTEAEGS
GLPQMKSILSGFYDKMRSALELRVLFAKALGLICAIGGGLPVGWEGPNVHIACIIAHQFYRLGVFKELCTDRALRLQTLA
AACAVGLASSFGAPLGGVLYSIETIASFYLVQAFWKGVLSALSGAIVYELLYTTPLVEAFEGTNFDASDVSRTQTLLYAI
LGALMGVLGALFIRCVRSIYELRMRHYPGTNRYFLVGVVALFASALQYPFRLFALDPRATINDLFKAVPLYQTDHFGWTE
LILMPIIKFILVALSIGLPLPAGVFVPSFLIGAGFGRLYGELMRVVFGNAIVPGSYAVVGAAAFTAGVTRALSCAVIIFE
VTGQIRHLVPVLISVLLAVIVGNAFNRSLYETLVLMKHLPYMPILRRDRSPEMTAREIMHPIEGEPHLFPDSEPQHIKGI
LEKFPNRLVFPVIDANGYLLGAISRKEIVDRLQHVLEDVPEPIAGHRTLVLLDAADLSENIEGLVDETPSGEHSSKGKRT
ATVLEPTSSLVVPCDVSPIVVTSYSLVRQLHFLFVMLMPSMIYVTERGKLVGIVEREDVAYGYSNSLEVLFQ
;
_entity_poly.pdbx_strand_id   A,B,C,D
#
# COMPACT_ATOMS: atom_id res chain seq x y z
N SER A 3 39.08 -46.69 -0.44
CA SER A 3 38.85 -45.37 0.24
C SER A 3 40.13 -44.51 0.18
N LEU A 4 41.23 -45.12 -0.26
CA LEU A 4 42.52 -44.44 -0.44
C LEU A 4 42.90 -44.41 -1.91
N MET A 5 42.59 -45.50 -2.60
CA MET A 5 42.74 -45.59 -4.04
C MET A 5 41.81 -44.61 -4.73
N TYR A 6 40.73 -44.28 -4.02
CA TYR A 6 39.78 -43.25 -4.40
C TYR A 6 40.46 -41.88 -4.39
N LEU A 7 41.02 -41.51 -3.24
CA LEU A 7 41.65 -40.21 -3.04
C LEU A 7 42.87 -39.99 -3.95
N LEU A 8 43.77 -40.96 -4.01
CA LEU A 8 45.00 -40.84 -4.81
C LEU A 8 44.72 -40.74 -6.31
N ARG A 9 43.66 -41.38 -6.76
CA ARG A 9 43.25 -41.30 -8.16
C ARG A 9 42.91 -39.87 -8.48
N LEU A 10 41.97 -39.33 -7.69
CA LEU A 10 41.44 -37.97 -7.78
C LEU A 10 42.58 -36.96 -7.65
N VAL A 11 43.38 -37.06 -6.58
CA VAL A 11 44.52 -36.16 -6.37
C VAL A 11 45.48 -36.16 -7.57
N CYS A 12 45.79 -37.35 -8.07
CA CYS A 12 46.61 -37.48 -9.29
C CYS A 12 46.03 -36.74 -10.49
N PHE A 13 44.71 -36.78 -10.64
CA PHE A 13 44.00 -36.17 -11.76
C PHE A 13 44.05 -34.67 -11.72
N LEU A 14 43.68 -34.13 -10.57
CA LEU A 14 43.62 -32.71 -10.38
C LEU A 14 45.01 -32.07 -10.54
N THR A 15 46.02 -32.69 -9.93
CA THR A 15 47.41 -32.22 -10.04
C THR A 15 47.95 -32.29 -11.47
N LEU A 16 47.68 -33.39 -12.17
CA LEU A 16 48.06 -33.51 -13.58
C LEU A 16 47.25 -32.60 -14.53
N LEU A 17 46.02 -32.23 -14.13
CA LEU A 17 45.20 -31.25 -14.86
C LEU A 17 45.76 -29.86 -14.62
N GLY A 18 45.77 -29.45 -13.35
CA GLY A 18 46.19 -28.12 -12.96
C GLY A 18 47.53 -27.67 -13.51
N VAL A 19 48.52 -28.55 -13.40
CA VAL A 19 49.83 -28.32 -13.99
C VAL A 19 49.67 -28.01 -15.49
N THR A 20 49.21 -29.00 -16.25
CA THR A 20 49.20 -28.89 -17.72
C THR A 20 48.23 -27.83 -18.24
N ALA A 21 47.27 -27.42 -17.42
CA ALA A 21 46.34 -26.32 -17.74
C ALA A 21 47.04 -24.96 -17.66
N ALA A 22 47.60 -24.66 -16.48
CA ALA A 22 48.41 -23.47 -16.30
C ALA A 22 49.71 -23.48 -17.13
N LEU A 23 50.08 -24.66 -17.63
CA LEU A 23 51.25 -24.77 -18.48
C LEU A 23 50.90 -24.39 -19.92
N PHE A 24 49.76 -24.89 -20.39
CA PHE A 24 49.27 -24.61 -21.73
C PHE A 24 48.91 -23.14 -21.87
N ILE A 25 48.32 -22.58 -20.81
CA ILE A 25 47.91 -21.18 -20.77
C ILE A 25 49.13 -20.27 -20.72
N PHE A 26 50.21 -20.77 -20.13
CA PHE A 26 51.47 -20.05 -20.10
C PHE A 26 52.04 -19.96 -21.51
N ALA A 27 51.85 -21.02 -22.31
CA ALA A 27 52.30 -21.06 -23.70
C ALA A 27 51.46 -20.17 -24.62
N VAL A 28 50.17 -20.07 -24.33
CA VAL A 28 49.27 -19.13 -25.00
C VAL A 28 49.75 -17.70 -24.75
N ASP A 29 49.94 -17.38 -23.47
CA ASP A 29 50.44 -16.08 -23.01
C ASP A 29 51.80 -15.77 -23.60
N LEU A 30 52.65 -16.79 -23.70
CA LEU A 30 53.97 -16.68 -24.29
C LEU A 30 53.89 -16.40 -25.79
N ALA A 31 52.90 -17.00 -26.45
CA ALA A 31 52.71 -16.84 -27.89
C ALA A 31 52.07 -15.50 -28.25
N VAL A 32 51.36 -14.88 -27.31
CA VAL A 32 50.77 -13.57 -27.54
C VAL A 32 51.83 -12.47 -27.43
N HIS A 33 52.76 -12.65 -26.50
CA HIS A 33 53.84 -11.71 -26.23
C HIS A 33 54.92 -11.71 -27.31
N GLY A 34 54.89 -12.72 -28.17
CA GLY A 34 55.82 -12.81 -29.28
C GLY A 34 55.19 -12.28 -30.55
N LEU A 35 53.96 -12.70 -30.80
CA LEU A 35 53.18 -12.30 -31.98
C LEU A 35 52.96 -10.79 -32.03
N GLU A 36 52.85 -10.17 -30.85
CA GLU A 36 52.79 -8.71 -30.74
C GLU A 36 54.14 -8.07 -31.07
N GLU A 37 55.23 -8.69 -30.63
CA GLU A 37 56.57 -8.15 -30.87
C GLU A 37 57.03 -8.33 -32.32
N LEU A 38 56.53 -9.39 -32.97
CA LEU A 38 56.74 -9.58 -34.39
C LEU A 38 56.09 -8.43 -35.14
N ARG A 39 54.78 -8.28 -34.94
CA ARG A 39 53.96 -7.19 -35.49
C ARG A 39 54.62 -5.80 -35.30
N MET A 40 55.34 -5.62 -34.20
CA MET A 40 56.01 -4.35 -33.90
C MET A 40 57.29 -4.19 -34.73
N LYS A 41 58.02 -5.29 -34.93
CA LYS A 41 59.23 -5.30 -35.77
C LYS A 41 58.90 -4.89 -37.20
N ILE A 42 57.88 -5.53 -37.76
CA ILE A 42 57.41 -5.23 -39.12
C ILE A 42 57.25 -3.72 -39.35
N SER A 43 56.71 -3.03 -38.34
CA SER A 43 56.43 -1.60 -38.44
C SER A 43 57.67 -0.72 -38.36
N ARG A 44 58.54 -1.00 -37.39
CA ARG A 44 59.74 -0.18 -37.14
C ARG A 44 60.87 -0.37 -38.18
N LEU A 45 60.72 -1.34 -39.07
CA LEU A 45 61.71 -1.58 -40.13
C LEU A 45 61.49 -0.66 -41.33
N ALA A 46 60.22 -0.32 -41.59
CA ALA A 46 59.84 0.60 -42.68
C ALA A 46 59.89 2.06 -42.19
N GLY A 47 59.59 3.01 -43.09
CA GLY A 47 59.47 4.42 -42.72
C GLY A 47 58.36 4.68 -41.70
N ARG A 48 58.27 5.91 -41.20
CA ARG A 48 57.31 6.25 -40.15
C ARG A 48 55.86 6.30 -40.67
N PHE A 49 55.68 6.97 -41.81
CA PHE A 49 54.38 7.05 -42.50
C PHE A 49 53.77 5.67 -42.72
N ALA A 50 54.50 4.81 -43.42
CA ALA A 50 54.09 3.43 -43.70
C ALA A 50 54.16 2.55 -42.47
N GLY A 51 55.09 2.87 -41.57
CA GLY A 51 55.25 2.14 -40.31
C GLY A 51 53.96 2.05 -39.51
N TYR A 52 53.12 3.07 -39.64
CA TYR A 52 51.82 3.11 -38.95
C TYR A 52 50.75 2.26 -39.67
N ILE A 53 50.74 2.33 -41.00
CA ILE A 53 49.78 1.58 -41.82
C ILE A 53 50.10 0.08 -41.82
N LEU A 54 51.38 -0.27 -41.77
CA LEU A 54 51.79 -1.67 -41.62
C LEU A 54 51.47 -2.25 -40.24
N TYR A 55 51.26 -1.37 -39.26
CA TYR A 55 50.77 -1.79 -37.94
C TYR A 55 49.29 -2.19 -38.05
N VAL A 56 48.51 -1.35 -38.74
CA VAL A 56 47.07 -1.56 -38.89
C VAL A 56 46.80 -2.77 -39.80
N VAL A 57 47.51 -2.86 -40.91
CA VAL A 57 47.34 -3.95 -41.86
C VAL A 57 47.64 -5.30 -41.23
N SER A 58 48.78 -5.40 -40.52
CA SER A 58 49.11 -6.60 -39.76
C SER A 58 48.03 -6.92 -38.75
N GLY A 59 47.48 -5.87 -38.13
CA GLY A 59 46.41 -5.99 -37.15
C GLY A 59 45.12 -6.59 -37.68
N VAL A 60 44.69 -6.11 -38.84
CA VAL A 60 43.50 -6.66 -39.49
C VAL A 60 43.76 -8.12 -39.85
N ALA A 61 44.90 -8.36 -40.50
CA ALA A 61 45.31 -9.70 -40.94
C ALA A 61 45.21 -10.76 -39.85
N LEU A 62 45.72 -10.44 -38.67
CA LEU A 62 45.69 -11.39 -37.55
C LEU A 62 44.29 -11.58 -36.97
N CYS A 63 43.42 -10.60 -37.17
CA CYS A 63 42.01 -10.76 -36.76
C CYS A 63 41.23 -11.61 -37.76
N LEU A 64 41.66 -11.55 -39.03
CA LEU A 64 41.09 -12.38 -40.10
C LEU A 64 41.55 -13.83 -39.92
N LEU A 65 42.82 -14.03 -39.62
CA LEU A 65 43.37 -15.35 -39.36
C LEU A 65 42.72 -15.97 -38.13
N SER A 66 42.32 -15.12 -37.18
CA SER A 66 41.66 -15.54 -35.95
C SER A 66 40.30 -16.18 -36.22
N THR A 67 39.44 -15.48 -36.96
CA THR A 67 38.11 -15.98 -37.32
C THR A 67 38.19 -17.14 -38.30
N PHE A 68 39.26 -17.17 -39.09
CA PHE A 68 39.54 -18.26 -40.02
C PHE A 68 39.82 -19.56 -39.28
N TRP A 69 40.62 -19.50 -38.22
CA TRP A 69 40.94 -20.67 -37.40
C TRP A 69 39.67 -21.37 -36.88
N CYS A 70 38.76 -20.57 -36.31
CA CYS A 70 37.46 -21.08 -35.85
C CYS A 70 36.66 -21.70 -36.98
N ALA A 71 36.66 -21.04 -38.13
CA ALA A 71 35.95 -21.49 -39.31
C ALA A 71 36.49 -22.82 -39.83
N VAL A 72 37.81 -22.91 -39.97
CA VAL A 72 38.46 -24.07 -40.60
C VAL A 72 38.64 -25.29 -39.66
N LEU A 73 38.53 -25.07 -38.35
CA LEU A 73 38.70 -26.14 -37.36
C LEU A 73 37.39 -26.52 -36.66
N SER A 74 36.86 -25.61 -35.85
CA SER A 74 35.58 -25.82 -35.17
C SER A 74 34.93 -24.50 -34.77
N THR A 75 33.86 -24.14 -35.46
CA THR A 75 33.15 -22.88 -35.18
C THR A 75 32.53 -22.87 -33.78
N GLU A 76 32.53 -24.02 -33.12
CA GLU A 76 32.06 -24.14 -31.73
C GLU A 76 33.02 -23.45 -30.77
N ALA A 77 34.15 -22.99 -31.32
CA ALA A 77 35.17 -22.28 -30.55
C ALA A 77 35.00 -20.76 -30.62
N GLU A 78 33.93 -20.31 -31.25
CA GLU A 78 33.64 -18.87 -31.36
C GLU A 78 33.10 -18.35 -30.05
N GLY A 79 33.44 -17.11 -29.73
CA GLY A 79 32.96 -16.45 -28.53
C GLY A 79 33.74 -16.76 -27.26
N SER A 80 33.12 -16.47 -26.10
CA SER A 80 33.74 -16.63 -24.79
C SER A 80 34.16 -18.06 -24.50
N GLY A 81 33.19 -18.92 -24.24
CA GLY A 81 33.46 -20.30 -23.87
C GLY A 81 32.83 -20.63 -22.55
N LEU A 82 32.95 -19.72 -21.59
CA LEU A 82 32.31 -19.87 -20.28
C LEU A 82 30.81 -20.12 -20.45
N PRO A 83 30.09 -19.24 -21.19
CA PRO A 83 28.70 -19.52 -21.53
C PRO A 83 28.46 -20.92 -22.08
N GLN A 84 29.35 -21.36 -22.98
CA GLN A 84 29.26 -22.70 -23.60
C GLN A 84 29.46 -23.81 -22.58
N MET A 85 30.11 -23.45 -21.48
CA MET A 85 30.47 -24.39 -20.42
C MET A 85 29.38 -24.39 -19.36
N LYS A 86 28.96 -23.20 -18.96
CA LYS A 86 27.81 -23.00 -18.08
C LYS A 86 26.65 -23.91 -18.56
N SER A 87 26.56 -24.05 -19.88
CA SER A 87 25.62 -24.94 -20.55
C SER A 87 25.86 -26.39 -20.17
N ILE A 88 27.08 -26.86 -20.37
CA ILE A 88 27.46 -28.25 -20.07
C ILE A 88 27.23 -28.61 -18.60
N LEU A 89 27.68 -27.75 -17.68
CA LEU A 89 27.59 -28.02 -16.26
C LEU A 89 26.16 -27.89 -15.74
N SER A 90 25.30 -27.42 -16.62
CA SER A 90 23.90 -27.21 -16.30
C SER A 90 23.08 -28.51 -16.44
N GLY A 91 23.66 -29.50 -17.12
CA GLY A 91 22.99 -30.79 -17.32
C GLY A 91 22.82 -31.16 -18.78
N PHE A 92 23.57 -30.47 -19.64
CA PHE A 92 23.48 -30.68 -21.06
C PHE A 92 24.77 -31.21 -21.61
N TYR A 93 25.52 -31.93 -20.77
CA TYR A 93 26.79 -32.52 -21.23
C TYR A 93 26.61 -33.41 -22.47
N ASP A 94 25.56 -34.23 -22.48
CA ASP A 94 25.24 -35.07 -23.63
C ASP A 94 24.99 -34.27 -24.93
N LYS A 95 24.39 -33.09 -24.79
CA LYS A 95 24.08 -32.23 -25.95
C LYS A 95 25.26 -31.38 -26.45
N MET A 96 26.07 -30.89 -25.51
CA MET A 96 27.13 -29.92 -25.84
C MET A 96 28.52 -30.51 -25.85
N ARG A 97 28.59 -31.83 -25.70
CA ARG A 97 29.82 -32.62 -25.70
C ARG A 97 30.77 -32.28 -26.86
N SER A 98 30.19 -31.80 -27.95
CA SER A 98 30.91 -31.49 -29.18
C SER A 98 31.90 -30.36 -29.00
N ALA A 99 31.62 -29.48 -28.04
CA ALA A 99 32.43 -28.30 -27.82
C ALA A 99 33.75 -28.64 -27.13
N LEU A 100 33.80 -29.83 -26.53
CA LEU A 100 34.97 -30.30 -25.76
C LEU A 100 35.96 -31.16 -26.58
N GLU A 101 35.61 -31.42 -27.84
CA GLU A 101 36.46 -32.17 -28.78
C GLU A 101 37.86 -31.55 -28.89
N LEU A 102 38.86 -32.39 -29.14
CA LEU A 102 40.26 -31.96 -29.17
C LEU A 102 40.49 -30.91 -30.26
N ARG A 103 39.82 -31.06 -31.39
CA ARG A 103 39.93 -30.11 -32.50
C ARG A 103 39.52 -28.68 -32.12
N VAL A 104 38.63 -28.55 -31.14
CA VAL A 104 38.12 -27.24 -30.68
C VAL A 104 39.15 -26.51 -29.82
N LEU A 105 40.03 -27.28 -29.15
CA LEU A 105 41.16 -26.73 -28.39
C LEU A 105 42.11 -25.94 -29.29
N PHE A 106 42.28 -26.40 -30.52
CA PHE A 106 43.16 -25.73 -31.44
C PHE A 106 42.55 -24.43 -31.97
N ALA A 107 41.27 -24.47 -32.34
CA ALA A 107 40.57 -23.26 -32.81
C ALA A 107 40.41 -22.23 -31.70
N LYS A 108 40.33 -22.70 -30.45
CA LYS A 108 40.31 -21.81 -29.29
C LYS A 108 41.64 -21.12 -29.10
N ALA A 109 42.70 -21.90 -28.92
CA ALA A 109 44.03 -21.38 -28.59
C ALA A 109 44.75 -20.67 -29.75
N LEU A 110 44.48 -21.09 -30.98
CA LEU A 110 45.00 -20.37 -32.15
C LEU A 110 44.21 -19.08 -32.37
N GLY A 111 42.88 -19.18 -32.27
CA GLY A 111 42.00 -18.02 -32.42
C GLY A 111 42.32 -16.92 -31.44
N LEU A 112 42.59 -17.30 -30.19
CA LEU A 112 42.89 -16.36 -29.11
C LEU A 112 44.22 -15.65 -29.31
N ILE A 113 45.28 -16.42 -29.55
CA ILE A 113 46.60 -15.87 -29.84
C ILE A 113 46.54 -14.80 -30.94
N CYS A 114 45.79 -15.10 -32.00
CA CYS A 114 45.66 -14.19 -33.13
C CYS A 114 44.68 -13.03 -32.91
N ALA A 115 43.71 -13.22 -32.03
CA ALA A 115 42.74 -12.16 -31.73
C ALA A 115 43.39 -11.04 -30.91
N ILE A 116 44.07 -11.42 -29.81
CA ILE A 116 44.78 -10.45 -28.96
C ILE A 116 46.02 -9.93 -29.67
N GLY A 117 46.62 -10.76 -30.52
CA GLY A 117 47.78 -10.37 -31.31
C GLY A 117 47.45 -9.31 -32.32
N GLY A 118 46.28 -9.42 -32.94
CA GLY A 118 45.82 -8.47 -33.95
C GLY A 118 45.33 -7.15 -33.38
N GLY A 119 45.35 -7.03 -32.06
CA GLY A 119 45.01 -5.78 -31.37
C GLY A 119 43.54 -5.57 -31.08
N LEU A 120 42.80 -6.67 -30.92
CA LEU A 120 41.40 -6.58 -30.51
C LEU A 120 41.30 -6.29 -29.00
N PRO A 121 40.33 -5.45 -28.60
CA PRO A 121 40.04 -5.21 -27.19
C PRO A 121 39.33 -6.41 -26.56
N VAL A 122 40.05 -7.52 -26.47
CA VAL A 122 39.45 -8.83 -26.18
C VAL A 122 40.26 -9.58 -25.12
N GLY A 123 39.58 -10.04 -24.07
CA GLY A 123 40.22 -10.78 -22.98
C GLY A 123 40.39 -12.27 -23.24
N TRP A 124 40.79 -13.01 -22.22
CA TRP A 124 41.08 -14.44 -22.35
C TRP A 124 40.45 -15.32 -21.28
N GLU A 125 39.80 -14.68 -20.29
CA GLU A 125 39.14 -15.37 -19.17
C GLU A 125 38.22 -16.50 -19.63
N GLY A 126 37.29 -16.18 -20.50
CA GLY A 126 36.37 -17.15 -21.07
C GLY A 126 37.11 -18.21 -21.86
N PRO A 127 37.73 -17.82 -23.00
CA PRO A 127 38.46 -18.77 -23.83
C PRO A 127 39.32 -19.69 -22.99
N ASN A 128 39.94 -19.13 -21.97
CA ASN A 128 40.83 -19.86 -21.10
C ASN A 128 40.15 -20.97 -20.29
N VAL A 129 38.99 -20.68 -19.69
CA VAL A 129 38.22 -21.70 -19.00
C VAL A 129 37.85 -22.83 -19.98
N HIS A 130 37.49 -22.44 -21.20
CA HIS A 130 37.14 -23.39 -22.26
C HIS A 130 38.27 -24.37 -22.53
N ILE A 131 39.49 -23.84 -22.57
CA ILE A 131 40.68 -24.66 -22.83
C ILE A 131 40.86 -25.72 -21.74
N ALA A 132 40.84 -25.26 -20.49
CA ALA A 132 41.06 -26.13 -19.35
C ALA A 132 40.11 -27.30 -19.31
N CYS A 133 38.85 -27.06 -19.66
CA CYS A 133 37.85 -28.12 -19.73
C CYS A 133 38.20 -29.20 -20.77
N ILE A 134 38.70 -28.76 -21.93
CA ILE A 134 39.07 -29.66 -23.03
C ILE A 134 40.31 -30.48 -22.68
N ILE A 135 41.25 -29.87 -21.95
CA ILE A 135 42.40 -30.60 -21.41
C ILE A 135 41.91 -31.62 -20.37
N ALA A 136 41.10 -31.17 -19.42
CA ALA A 136 40.51 -32.07 -18.45
C ALA A 136 39.77 -33.22 -19.13
N HIS A 137 39.08 -32.90 -20.24
CA HIS A 137 38.30 -33.88 -20.99
C HIS A 137 39.20 -34.89 -21.66
N GLN A 138 40.42 -34.50 -21.97
CA GLN A 138 41.36 -35.39 -22.66
C GLN A 138 41.92 -36.43 -21.70
N PHE A 139 42.45 -35.99 -20.57
CA PHE A 139 42.83 -36.89 -19.48
C PHE A 139 41.73 -37.92 -19.19
N TYR A 140 40.48 -37.49 -19.29
CA TYR A 140 39.32 -38.35 -19.06
C TYR A 140 39.39 -39.61 -19.91
N ARG A 141 40.16 -39.53 -20.99
CA ARG A 141 40.30 -40.65 -21.91
C ARG A 141 41.21 -41.77 -21.37
N LEU A 142 42.18 -41.41 -20.54
CA LEU A 142 43.08 -42.40 -19.92
C LEU A 142 42.30 -43.32 -18.98
N GLY A 143 42.71 -44.58 -18.93
CA GLY A 143 41.98 -45.60 -18.19
C GLY A 143 41.70 -45.27 -16.74
N VAL A 144 42.74 -44.82 -16.05
CA VAL A 144 42.64 -44.52 -14.62
C VAL A 144 41.66 -43.39 -14.34
N PHE A 145 41.48 -42.51 -15.33
CA PHE A 145 40.64 -41.32 -15.16
C PHE A 145 39.25 -41.42 -15.78
N LYS A 146 39.00 -42.41 -16.62
CA LYS A 146 37.74 -42.51 -17.39
C LYS A 146 36.49 -42.49 -16.50
N GLU A 147 36.56 -43.20 -15.38
CA GLU A 147 35.48 -43.27 -14.41
C GLU A 147 35.05 -41.86 -13.92
N LEU A 148 36.02 -40.95 -13.86
CA LEU A 148 35.79 -39.57 -13.43
C LEU A 148 34.80 -38.84 -14.31
N CYS A 149 34.66 -39.28 -15.56
CA CYS A 149 33.68 -38.71 -16.49
C CYS A 149 32.36 -39.47 -16.44
N THR A 150 32.47 -40.80 -16.32
CA THR A 150 31.32 -41.70 -16.21
C THR A 150 30.37 -41.26 -15.10
N ASP A 151 30.91 -41.11 -13.89
CA ASP A 151 30.14 -40.75 -12.72
C ASP A 151 29.60 -39.33 -12.88
N ARG A 152 28.29 -39.25 -13.07
CA ARG A 152 27.56 -37.99 -13.23
C ARG A 152 27.99 -36.93 -12.23
N ALA A 153 28.01 -37.31 -10.94
CA ALA A 153 28.38 -36.42 -9.84
C ALA A 153 29.87 -36.03 -9.86
N LEU A 154 30.72 -37.02 -10.13
CA LEU A 154 32.16 -36.85 -10.09
C LEU A 154 32.69 -36.18 -11.36
N ARG A 155 31.90 -36.20 -12.43
CA ARG A 155 32.25 -35.45 -13.66
C ARG A 155 31.99 -33.95 -13.49
N LEU A 156 30.88 -33.65 -12.82
CA LEU A 156 30.50 -32.28 -12.45
C LEU A 156 31.65 -31.62 -11.69
N GLN A 157 32.05 -32.28 -10.62
CA GLN A 157 33.02 -31.71 -9.69
C GLN A 157 34.40 -31.48 -10.32
N THR A 158 34.79 -32.37 -11.21
CA THR A 158 36.09 -32.30 -11.89
C THR A 158 36.12 -31.29 -13.04
N LEU A 159 35.06 -31.28 -13.86
CA LEU A 159 34.93 -30.26 -14.90
C LEU A 159 34.83 -28.85 -14.29
N ALA A 160 34.39 -28.79 -13.04
CA ALA A 160 34.35 -27.54 -12.29
C ALA A 160 35.76 -27.08 -11.91
N ALA A 161 36.61 -28.06 -11.61
CA ALA A 161 38.01 -27.82 -11.26
C ALA A 161 38.82 -27.38 -12.46
N ALA A 162 38.49 -27.91 -13.64
CA ALA A 162 39.02 -27.42 -14.89
C ALA A 162 38.74 -25.92 -14.98
N CYS A 163 37.49 -25.54 -14.73
CA CYS A 163 37.05 -24.15 -14.74
C CYS A 163 37.86 -23.29 -13.77
N ALA A 164 38.02 -23.78 -12.55
CA ALA A 164 38.79 -23.07 -11.53
C ALA A 164 40.23 -22.78 -11.96
N VAL A 165 40.98 -23.82 -12.33
CA VAL A 165 42.36 -23.67 -12.84
C VAL A 165 42.42 -22.85 -14.15
N GLY A 166 41.35 -22.95 -14.96
CA GLY A 166 41.18 -22.10 -16.12
C GLY A 166 41.10 -20.63 -15.72
N LEU A 167 40.18 -20.30 -14.82
CA LEU A 167 40.04 -18.94 -14.36
C LEU A 167 41.23 -18.49 -13.55
N ALA A 168 41.53 -19.21 -12.48
CA ALA A 168 42.63 -18.80 -11.58
C ALA A 168 43.91 -18.39 -12.32
N SER A 169 44.24 -19.11 -13.40
CA SER A 169 45.43 -18.85 -14.20
C SER A 169 45.31 -17.57 -15.03
N SER A 170 44.08 -17.27 -15.45
CA SER A 170 43.78 -16.08 -16.24
C SER A 170 43.97 -14.80 -15.44
N PHE A 171 43.88 -14.89 -14.12
CA PHE A 171 44.09 -13.72 -13.25
C PHE A 171 45.38 -13.77 -12.44
N GLY A 172 46.03 -14.94 -12.42
CA GLY A 172 47.18 -15.17 -11.55
C GLY A 172 46.81 -14.86 -10.11
N ALA A 173 45.69 -15.42 -9.67
CA ALA A 173 45.16 -15.21 -8.32
C ALA A 173 44.35 -16.44 -7.93
N PRO A 174 45.01 -17.45 -7.32
CA PRO A 174 44.40 -18.78 -7.12
C PRO A 174 43.04 -18.72 -6.43
N LEU A 175 42.95 -18.09 -5.26
CA LEU A 175 41.69 -18.04 -4.54
C LEU A 175 40.67 -17.24 -5.31
N GLY A 176 41.07 -16.03 -5.73
CA GLY A 176 40.24 -15.20 -6.60
C GLY A 176 39.67 -15.99 -7.78
N GLY A 177 40.47 -16.88 -8.33
CA GLY A 177 40.04 -17.71 -9.45
C GLY A 177 38.98 -18.72 -9.08
N VAL A 178 39.26 -19.57 -8.10
CA VAL A 178 38.32 -20.62 -7.69
C VAL A 178 36.99 -20.02 -7.18
N LEU A 179 37.09 -18.91 -6.44
CA LEU A 179 35.93 -18.15 -5.96
C LEU A 179 35.04 -17.57 -7.06
N TYR A 180 35.67 -16.93 -8.05
CA TYR A 180 34.99 -16.47 -9.25
C TYR A 180 34.35 -17.64 -10.00
N SER A 181 35.00 -18.79 -9.96
CA SER A 181 34.49 -19.98 -10.63
C SER A 181 33.15 -20.42 -10.06
N ILE A 182 33.05 -20.53 -8.73
CA ILE A 182 31.82 -21.05 -8.09
C ILE A 182 30.68 -20.07 -8.26
N GLU A 183 31.02 -18.80 -8.48
CA GLU A 183 30.06 -17.74 -8.61
C GLU A 183 29.40 -17.69 -9.97
N THR A 184 29.97 -18.38 -10.96
CA THR A 184 29.54 -18.16 -12.34
C THR A 184 29.21 -19.38 -13.21
N ILE A 185 30.02 -20.43 -13.13
CA ILE A 185 29.74 -21.62 -13.92
C ILE A 185 28.60 -22.38 -13.24
N ALA A 186 28.76 -22.55 -11.93
CA ALA A 186 27.85 -23.30 -11.07
C ALA A 186 26.44 -22.71 -10.94
N SER A 187 25.43 -23.57 -10.84
CA SER A 187 24.09 -23.11 -10.50
C SER A 187 23.92 -23.30 -9.01
N PHE A 188 24.02 -24.55 -8.59
CA PHE A 188 24.38 -24.82 -7.20
C PHE A 188 25.78 -25.51 -7.18
N TYR A 189 26.27 -25.81 -6.00
CA TYR A 189 27.66 -26.16 -5.87
C TYR A 189 27.82 -27.11 -4.70
N LEU A 190 28.31 -28.32 -5.01
CA LEU A 190 28.61 -29.31 -3.98
C LEU A 190 29.90 -28.92 -3.28
N VAL A 191 29.80 -28.81 -1.96
CA VAL A 191 30.87 -28.24 -1.16
C VAL A 191 32.10 -29.09 -1.22
N GLN A 192 31.91 -30.37 -1.54
CA GLN A 192 33.02 -31.30 -1.76
C GLN A 192 33.99 -30.69 -2.73
N ALA A 193 33.53 -30.42 -3.96
CA ALA A 193 34.38 -29.83 -5.01
C ALA A 193 35.33 -28.70 -4.58
N PHE A 194 34.94 -27.89 -3.60
CA PHE A 194 35.77 -26.74 -3.22
C PHE A 194 37.23 -27.14 -2.96
N TRP A 195 37.47 -28.32 -2.38
CA TRP A 195 38.86 -28.77 -2.17
C TRP A 195 39.51 -29.29 -3.47
N LYS A 196 38.69 -29.78 -4.38
CA LYS A 196 39.16 -30.30 -5.65
C LYS A 196 39.54 -29.13 -6.56
N GLY A 197 38.77 -28.05 -6.48
CA GLY A 197 39.05 -26.83 -7.24
C GLY A 197 40.26 -26.07 -6.74
N VAL A 198 40.37 -25.93 -5.42
CA VAL A 198 41.54 -25.31 -4.78
C VAL A 198 42.80 -26.10 -5.13
N LEU A 199 42.73 -27.44 -5.07
CA LEU A 199 43.88 -28.29 -5.38
C LEU A 199 44.37 -28.09 -6.81
N SER A 200 43.45 -28.16 -7.75
CA SER A 200 43.77 -28.01 -9.16
C SER A 200 44.25 -26.58 -9.51
N ALA A 201 43.94 -25.61 -8.66
CA ALA A 201 44.37 -24.23 -8.87
C ALA A 201 45.78 -24.00 -8.33
N LEU A 202 46.04 -24.47 -7.11
CA LEU A 202 47.36 -24.33 -6.48
C LEU A 202 48.43 -25.09 -7.25
N SER A 203 48.05 -26.18 -7.90
CA SER A 203 48.94 -26.93 -8.77
C SER A 203 49.49 -26.00 -9.85
N GLY A 204 48.60 -25.30 -10.53
CA GLY A 204 48.98 -24.35 -11.59
C GLY A 204 49.58 -23.05 -11.09
N ALA A 205 49.41 -22.77 -9.81
CA ALA A 205 50.05 -21.64 -9.19
C ALA A 205 51.53 -21.94 -9.01
N ILE A 206 51.82 -23.18 -8.61
CA ILE A 206 53.19 -23.68 -8.44
C ILE A 206 53.94 -23.73 -9.79
N VAL A 207 53.21 -24.07 -10.85
CA VAL A 207 53.76 -23.99 -12.20
C VAL A 207 54.08 -22.53 -12.49
N TYR A 208 53.08 -21.66 -12.32
CA TYR A 208 53.26 -20.22 -12.56
C TYR A 208 54.26 -19.54 -11.64
N GLU A 209 54.76 -20.28 -10.66
CA GLU A 209 55.77 -19.78 -9.74
C GLU A 209 57.16 -20.17 -10.27
N LEU A 210 57.23 -20.51 -11.56
CA LEU A 210 58.47 -20.98 -12.18
C LEU A 210 58.67 -20.44 -13.60
N ASP A 229 47.22 -1.94 -2.35
CA ASP A 229 47.25 -0.49 -2.18
C ASP A 229 46.60 -0.04 -0.86
N VAL A 230 46.20 1.23 -0.80
CA VAL A 230 45.43 1.74 0.34
C VAL A 230 44.18 2.54 -0.10
N SER A 231 43.00 2.06 0.30
CA SER A 231 41.74 2.79 0.09
C SER A 231 41.18 3.29 1.41
N ARG A 232 41.26 4.60 1.64
CA ARG A 232 40.68 5.20 2.85
C ARG A 232 39.20 4.86 2.99
N THR A 233 38.73 4.84 4.24
CA THR A 233 37.35 4.52 4.58
C THR A 233 36.35 5.71 4.45
N GLN A 234 36.62 6.62 3.52
CA GLN A 234 35.62 7.58 3.03
C GLN A 234 34.61 6.81 2.14
N THR A 235 34.13 5.67 2.65
CA THR A 235 33.42 4.66 1.87
C THR A 235 32.13 5.14 1.23
N LEU A 236 31.42 6.08 1.87
CA LEU A 236 30.14 6.53 1.34
C LEU A 236 30.27 6.85 -0.15
N LEU A 237 31.34 7.56 -0.51
CA LEU A 237 31.62 7.93 -1.90
C LEU A 237 32.03 6.74 -2.77
N TYR A 238 32.53 5.68 -2.16
CA TYR A 238 32.82 4.45 -2.89
C TYR A 238 31.55 3.67 -3.21
N ALA A 239 30.57 3.76 -2.30
CA ALA A 239 29.27 3.09 -2.48
C ALA A 239 28.46 3.80 -3.55
N ILE A 240 28.62 5.12 -3.64
CA ILE A 240 27.98 5.93 -4.67
C ILE A 240 28.59 5.58 -6.03
N LEU A 241 29.88 5.24 -6.05
CA LEU A 241 30.54 4.71 -7.26
C LEU A 241 30.09 3.28 -7.56
N GLY A 242 29.86 2.49 -6.52
CA GLY A 242 29.35 1.13 -6.68
C GLY A 242 27.97 1.12 -7.30
N ALA A 243 27.09 1.96 -6.77
CA ALA A 243 25.76 2.15 -7.33
C ALA A 243 25.83 2.44 -8.82
N LEU A 244 26.42 3.59 -9.18
CA LEU A 244 26.59 4.02 -10.57
C LEU A 244 27.20 2.95 -11.47
N MET A 245 28.24 2.29 -10.97
CA MET A 245 28.99 1.30 -11.73
C MET A 245 28.16 0.07 -12.09
N GLY A 246 27.26 -0.33 -11.19
CA GLY A 246 26.29 -1.37 -11.48
C GLY A 246 25.42 -0.95 -12.66
N VAL A 247 24.90 0.27 -12.59
CA VAL A 247 24.07 0.85 -13.67
C VAL A 247 24.83 0.87 -15.00
N LEU A 248 26.15 1.10 -14.95
CA LEU A 248 26.98 1.06 -16.16
C LEU A 248 27.23 -0.36 -16.66
N GLY A 249 27.32 -1.31 -15.73
CA GLY A 249 27.46 -2.72 -16.07
C GLY A 249 26.19 -3.22 -16.73
N ALA A 250 25.05 -2.77 -16.21
CA ALA A 250 23.75 -3.06 -16.79
C ALA A 250 23.72 -2.59 -18.23
N LEU A 251 24.08 -1.32 -18.45
CA LEU A 251 24.13 -0.74 -19.78
C LEU A 251 25.08 -1.52 -20.67
N PHE A 252 26.19 -2.01 -20.11
CA PHE A 252 27.18 -2.78 -20.88
C PHE A 252 26.64 -4.09 -21.41
N ILE A 253 25.95 -4.84 -20.57
CA ILE A 253 25.33 -6.10 -20.97
C ILE A 253 24.15 -5.81 -21.94
N ARG A 254 23.42 -4.73 -21.65
CA ARG A 254 22.34 -4.22 -22.53
C ARG A 254 22.86 -3.90 -23.93
N CYS A 255 24.06 -3.34 -23.99
CA CYS A 255 24.70 -2.96 -25.26
C CYS A 255 25.16 -4.17 -26.05
N VAL A 256 25.85 -5.09 -25.38
CA VAL A 256 26.34 -6.32 -25.99
C VAL A 256 25.21 -7.02 -26.74
N ARG A 257 24.09 -7.25 -26.05
CA ARG A 257 22.96 -7.95 -26.62
C ARG A 257 22.31 -7.19 -27.80
N SER A 258 22.16 -5.88 -27.66
CA SER A 258 21.45 -5.03 -28.64
C SER A 258 22.25 -4.74 -29.90
N ILE A 259 23.55 -4.54 -29.74
CA ILE A 259 24.47 -4.38 -30.87
C ILE A 259 24.57 -5.71 -31.61
N TYR A 260 24.53 -6.81 -30.86
CA TYR A 260 24.55 -8.15 -31.46
C TYR A 260 23.26 -8.44 -32.24
N GLU A 261 22.13 -8.40 -31.55
CA GLU A 261 20.85 -8.80 -32.15
C GLU A 261 20.34 -7.86 -33.24
N LEU A 262 20.95 -6.69 -33.40
CA LEU A 262 20.65 -5.85 -34.56
C LEU A 262 21.49 -6.25 -35.78
N ARG A 263 22.51 -7.07 -35.57
CA ARG A 263 23.28 -7.68 -36.66
C ARG A 263 22.62 -8.94 -37.18
N MET A 264 21.81 -9.56 -36.33
CA MET A 264 21.14 -10.80 -36.67
C MET A 264 19.80 -10.50 -37.32
N ARG A 265 19.03 -9.61 -36.71
CA ARG A 265 17.72 -9.20 -37.23
C ARG A 265 17.87 -8.38 -38.50
N HIS A 266 18.75 -7.38 -38.45
CA HIS A 266 19.04 -6.51 -39.58
C HIS A 266 20.44 -6.80 -40.08
N TYR A 267 20.67 -6.61 -41.38
CA TYR A 267 21.96 -6.91 -42.02
C TYR A 267 22.41 -8.35 -41.71
N PRO A 268 21.45 -9.31 -41.65
CA PRO A 268 21.80 -10.66 -41.20
C PRO A 268 22.58 -11.46 -42.26
N GLY A 269 23.36 -12.42 -41.79
CA GLY A 269 24.13 -13.29 -42.68
C GLY A 269 25.35 -12.63 -43.31
N THR A 270 25.82 -11.55 -42.69
CA THR A 270 27.13 -10.97 -43.03
C THR A 270 28.15 -12.01 -42.60
N ASN A 271 29.11 -12.31 -43.48
CA ASN A 271 30.01 -13.45 -43.21
C ASN A 271 31.49 -13.16 -42.97
N ARG A 272 31.88 -13.51 -41.73
CA ARG A 272 33.25 -13.59 -41.22
C ARG A 272 34.12 -12.35 -41.40
N TYR A 273 35.02 -12.37 -42.40
CA TYR A 273 36.15 -11.45 -42.50
C TYR A 273 35.77 -9.99 -42.68
N PHE A 274 34.77 -9.73 -43.52
CA PHE A 274 34.26 -8.38 -43.71
C PHE A 274 33.74 -7.81 -42.38
N LEU A 275 33.09 -8.65 -41.59
CA LEU A 275 32.62 -8.27 -40.25
C LEU A 275 33.80 -8.04 -39.31
N VAL A 276 34.59 -9.09 -39.09
CA VAL A 276 35.78 -9.05 -38.24
C VAL A 276 36.76 -7.95 -38.68
N GLY A 277 36.96 -7.84 -40.00
CA GLY A 277 37.91 -6.90 -40.59
C GLY A 277 37.56 -5.43 -40.41
N VAL A 278 36.27 -5.09 -40.50
CA VAL A 278 35.83 -3.72 -40.26
C VAL A 278 36.09 -3.33 -38.80
N VAL A 279 35.74 -4.21 -37.87
CA VAL A 279 35.99 -3.97 -36.44
C VAL A 279 37.50 -3.85 -36.12
N ALA A 280 38.32 -4.63 -36.81
CA ALA A 280 39.77 -4.58 -36.66
C ALA A 280 40.31 -3.22 -37.09
N LEU A 281 39.95 -2.82 -38.32
CA LEU A 281 40.34 -1.53 -38.90
C LEU A 281 39.77 -0.35 -38.10
N PHE A 282 38.46 -0.34 -37.95
CA PHE A 282 37.71 0.66 -37.18
C PHE A 282 38.34 0.88 -35.80
N ALA A 283 38.73 -0.21 -35.14
CA ALA A 283 39.36 -0.19 -33.81
C ALA A 283 40.71 0.52 -33.83
N SER A 284 41.64 0.00 -34.63
CA SER A 284 43.00 0.55 -34.73
C SER A 284 43.03 2.04 -35.08
N ALA A 285 41.95 2.52 -35.70
CA ALA A 285 41.79 3.93 -36.05
C ALA A 285 41.11 4.74 -34.94
N LEU A 286 40.03 4.20 -34.37
CA LEU A 286 39.28 4.89 -33.32
C LEU A 286 40.15 5.13 -32.07
N GLN A 287 41.25 4.40 -31.96
CA GLN A 287 42.19 4.56 -30.85
C GLN A 287 43.45 5.33 -31.25
N TYR A 288 43.34 6.17 -32.28
CA TYR A 288 44.48 6.93 -32.80
C TYR A 288 45.12 7.91 -31.79
N PRO A 289 44.30 8.73 -31.08
CA PRO A 289 44.87 9.59 -30.04
C PRO A 289 45.21 8.89 -28.70
N PHE A 290 45.05 7.57 -28.64
CA PHE A 290 45.48 6.79 -27.48
C PHE A 290 46.29 5.56 -27.89
N PRO A 297 47.88 -2.79 -22.01
CA PRO A 297 46.83 -3.53 -21.29
C PRO A 297 47.06 -3.49 -19.77
N ARG A 298 47.76 -4.49 -19.22
CA ARG A 298 48.23 -4.47 -17.82
C ARG A 298 49.18 -3.27 -17.54
N ALA A 299 49.57 -2.56 -18.60
CA ALA A 299 50.38 -1.36 -18.44
C ALA A 299 49.55 -0.18 -17.95
N THR A 300 48.46 0.13 -18.65
CA THR A 300 47.59 1.26 -18.30
C THR A 300 47.08 1.11 -16.86
N ILE A 301 46.58 -0.08 -16.55
CA ILE A 301 45.96 -0.40 -15.25
C ILE A 301 46.80 0.13 -14.08
N ASN A 302 47.95 -0.49 -13.86
CA ASN A 302 48.84 -0.08 -12.78
C ASN A 302 49.10 1.42 -12.74
N ASP A 303 49.00 2.09 -13.90
CA ASP A 303 49.28 3.52 -14.00
C ASP A 303 48.19 4.42 -13.40
N LEU A 304 46.93 4.08 -13.68
CA LEU A 304 45.78 4.75 -13.06
C LEU A 304 45.71 4.45 -11.55
N PHE A 305 46.18 3.26 -11.19
CA PHE A 305 46.27 2.80 -9.80
C PHE A 305 47.31 3.57 -8.98
N LYS A 306 48.36 4.03 -9.67
CA LYS A 306 49.30 4.99 -9.10
C LYS A 306 48.51 6.26 -8.75
N ALA A 307 48.89 6.89 -7.65
CA ALA A 307 48.13 8.02 -7.12
C ALA A 307 48.78 9.39 -7.37
N VAL A 308 48.76 9.83 -8.64
CA VAL A 308 49.22 11.17 -9.02
C VAL A 308 48.11 11.99 -9.72
N THR A 319 39.35 15.57 -19.71
CA THR A 319 39.70 15.60 -21.14
C THR A 319 40.66 14.47 -21.46
N GLU A 320 40.57 13.97 -22.70
CA GLU A 320 41.41 12.88 -23.20
C GLU A 320 41.40 11.61 -22.33
N LEU A 321 40.58 11.62 -21.27
CA LEU A 321 40.41 10.47 -20.36
C LEU A 321 38.92 10.21 -20.14
N ILE A 322 38.11 11.09 -20.70
CA ILE A 322 36.65 10.96 -20.67
C ILE A 322 36.23 10.08 -21.83
N LEU A 323 36.90 10.28 -22.97
CA LEU A 323 36.64 9.52 -24.19
C LEU A 323 37.23 8.11 -24.12
N MET A 324 38.39 7.98 -23.46
CA MET A 324 39.08 6.68 -23.35
C MET A 324 38.17 5.50 -22.94
N PRO A 325 37.46 5.60 -21.79
CA PRO A 325 36.64 4.45 -21.38
C PRO A 325 35.39 4.31 -22.23
N ILE A 326 34.76 5.43 -22.60
CA ILE A 326 33.55 5.47 -23.41
C ILE A 326 33.76 4.82 -24.78
N ILE A 327 34.90 5.11 -25.41
CA ILE A 327 35.27 4.48 -26.69
C ILE A 327 35.44 2.97 -26.50
N LYS A 328 36.18 2.58 -25.47
CA LYS A 328 36.44 1.18 -25.17
C LYS A 328 35.19 0.43 -24.67
N PHE A 329 34.28 1.16 -24.02
CA PHE A 329 32.98 0.62 -23.62
C PHE A 329 32.23 0.12 -24.85
N ILE A 330 32.16 0.96 -25.88
CA ILE A 330 31.56 0.60 -27.17
C ILE A 330 32.41 -0.46 -27.87
N LEU A 331 33.70 -0.16 -28.07
CA LEU A 331 34.62 -1.05 -28.78
C LEU A 331 34.63 -2.50 -28.29
N VAL A 332 34.68 -2.70 -26.97
CA VAL A 332 34.69 -4.05 -26.41
C VAL A 332 33.33 -4.71 -26.58
N ALA A 333 32.27 -4.02 -26.16
CA ALA A 333 30.90 -4.54 -26.28
C ALA A 333 30.68 -5.14 -27.66
N LEU A 334 31.13 -4.40 -28.67
CA LEU A 334 31.02 -4.80 -30.07
C LEU A 334 31.85 -6.04 -30.41
N SER A 335 33.09 -6.07 -29.89
CA SER A 335 34.07 -7.11 -30.22
C SER A 335 33.79 -8.52 -29.69
N ILE A 336 33.14 -8.62 -28.52
CA ILE A 336 32.83 -9.93 -27.94
C ILE A 336 31.62 -10.57 -28.59
N GLY A 337 31.04 -9.87 -29.57
CA GLY A 337 29.96 -10.41 -30.39
C GLY A 337 30.51 -11.09 -31.63
N LEU A 338 31.78 -10.83 -31.92
CA LEU A 338 32.45 -11.36 -33.11
C LEU A 338 32.56 -12.88 -33.11
N PRO A 339 32.55 -13.50 -34.31
CA PRO A 339 32.78 -14.94 -34.50
C PRO A 339 34.24 -15.32 -34.32
N LEU A 340 34.71 -15.31 -33.07
CA LEU A 340 36.08 -15.68 -32.69
C LEU A 340 36.22 -15.71 -31.16
N PRO A 341 37.30 -16.34 -30.63
CA PRO A 341 37.56 -16.43 -29.19
C PRO A 341 37.68 -15.07 -28.49
N ALA A 342 36.84 -14.84 -27.48
CA ALA A 342 36.73 -13.52 -26.84
C ALA A 342 36.33 -13.49 -25.34
N GLY A 343 37.31 -13.31 -24.46
CA GLY A 343 37.04 -13.12 -23.04
C GLY A 343 36.73 -11.66 -22.77
N VAL A 344 36.32 -11.34 -21.54
CA VAL A 344 35.83 -9.98 -21.27
C VAL A 344 36.34 -9.37 -19.96
N PHE A 345 37.11 -10.11 -19.19
CA PHE A 345 37.49 -9.66 -17.83
C PHE A 345 38.49 -8.52 -17.80
N VAL A 346 39.67 -8.76 -18.36
CA VAL A 346 40.74 -7.74 -18.40
C VAL A 346 40.34 -6.45 -19.15
N PRO A 347 39.55 -6.57 -20.25
CA PRO A 347 39.01 -5.36 -20.88
C PRO A 347 38.08 -4.57 -19.96
N SER A 348 37.18 -5.28 -19.26
CA SER A 348 36.27 -4.65 -18.32
C SER A 348 37.00 -4.06 -17.13
N PHE A 349 38.16 -4.62 -16.83
CA PHE A 349 39.02 -4.08 -15.78
C PHE A 349 39.44 -2.67 -16.14
N LEU A 350 39.86 -2.48 -17.38
CA LEU A 350 40.25 -1.15 -17.86
C LEU A 350 39.10 -0.16 -17.80
N ILE A 351 37.93 -0.57 -18.29
CA ILE A 351 36.77 0.33 -18.45
C ILE A 351 36.29 0.86 -17.09
N GLY A 352 36.35 0.01 -16.07
CA GLY A 352 36.05 0.41 -14.71
C GLY A 352 37.04 1.40 -14.14
N ALA A 353 38.31 1.01 -14.10
CA ALA A 353 39.42 1.87 -13.66
C ALA A 353 39.32 3.26 -14.28
N GLY A 354 39.05 3.31 -15.59
CA GLY A 354 38.85 4.56 -16.32
C GLY A 354 37.73 5.39 -15.74
N PHE A 355 36.55 4.79 -15.60
CA PHE A 355 35.40 5.46 -14.98
C PHE A 355 35.67 5.84 -13.54
N GLY A 356 36.40 4.98 -12.83
CA GLY A 356 36.79 5.22 -11.45
C GLY A 356 37.79 6.35 -11.30
N ARG A 357 38.61 6.57 -12.33
CA ARG A 357 39.54 7.70 -12.34
C ARG A 357 38.79 9.00 -12.66
N LEU A 358 37.79 8.91 -13.53
CA LEU A 358 36.93 10.03 -13.88
C LEU A 358 36.13 10.49 -12.65
N TYR A 359 35.67 9.51 -11.87
CA TYR A 359 34.98 9.74 -10.60
C TYR A 359 35.99 10.22 -9.55
N GLY A 360 37.12 9.52 -9.44
CA GLY A 360 38.17 9.87 -8.49
C GLY A 360 38.82 11.22 -8.73
N GLU A 361 38.61 11.76 -9.92
CA GLU A 361 39.08 13.10 -10.23
C GLU A 361 37.99 14.13 -9.98
N LEU A 362 36.76 13.79 -10.36
CA LEU A 362 35.62 14.68 -10.09
C LEU A 362 35.27 14.73 -8.61
N MET A 363 35.90 13.86 -7.83
CA MET A 363 35.77 13.89 -6.38
C MET A 363 36.95 14.62 -5.75
N ARG A 364 38.07 14.61 -6.47
CA ARG A 364 39.28 15.33 -6.10
C ARG A 364 38.98 16.79 -5.81
N VAL A 365 38.22 17.42 -6.71
CA VAL A 365 37.88 18.83 -6.60
C VAL A 365 36.78 19.11 -5.58
N VAL A 366 35.76 18.26 -5.53
CA VAL A 366 34.57 18.54 -4.71
C VAL A 366 34.80 18.38 -3.20
N PHE A 367 35.75 17.53 -2.81
CA PHE A 367 35.98 17.24 -1.38
C PHE A 367 37.37 17.60 -0.87
N GLY A 368 38.25 18.03 -1.77
CA GLY A 368 39.56 18.53 -1.39
C GLY A 368 40.71 17.59 -1.69
N ASN A 369 41.93 18.07 -1.41
CA ASN A 369 43.16 17.32 -1.67
C ASN A 369 43.21 15.99 -0.92
N ALA A 370 42.45 15.92 0.19
CA ALA A 370 42.35 14.72 1.01
C ALA A 370 41.83 13.50 0.25
N ILE A 371 41.15 13.76 -0.86
CA ILE A 371 40.70 12.68 -1.76
C ILE A 371 41.82 12.27 -2.72
N VAL A 372 42.06 10.96 -2.79
CA VAL A 372 43.07 10.38 -3.65
C VAL A 372 42.38 9.73 -4.86
N PRO A 373 42.71 10.19 -6.08
CA PRO A 373 42.05 9.70 -7.30
C PRO A 373 42.44 8.27 -7.69
N GLY A 374 43.59 7.81 -7.20
CA GLY A 374 44.09 6.46 -7.52
C GLY A 374 43.26 5.31 -6.97
N SER A 375 42.85 5.42 -5.71
CA SER A 375 42.09 4.38 -5.04
C SER A 375 40.68 4.25 -5.59
N TYR A 376 40.17 5.32 -6.20
CA TYR A 376 38.85 5.28 -6.82
C TYR A 376 38.87 4.53 -8.16
N ALA A 377 40.05 4.48 -8.80
CA ALA A 377 40.25 3.66 -10.00
C ALA A 377 40.26 2.16 -9.67
N VAL A 378 40.74 1.82 -8.47
CA VAL A 378 40.81 0.43 -8.00
C VAL A 378 39.42 -0.12 -7.70
N VAL A 379 38.65 0.66 -6.94
CA VAL A 379 37.24 0.39 -6.67
C VAL A 379 36.44 0.43 -7.98
N GLY A 380 36.92 1.25 -8.91
CA GLY A 380 36.33 1.37 -10.24
C GLY A 380 36.46 0.12 -11.08
N ALA A 381 37.69 -0.37 -11.21
CA ALA A 381 37.97 -1.59 -11.97
C ALA A 381 37.26 -2.83 -11.42
N ALA A 382 37.18 -2.92 -10.10
CA ALA A 382 36.53 -4.04 -9.42
C ALA A 382 35.01 -4.01 -9.52
N ALA A 383 34.42 -2.82 -9.42
CA ALA A 383 32.97 -2.67 -9.35
C ALA A 383 32.30 -2.85 -10.70
N PHE A 384 33.01 -2.44 -11.76
CA PHE A 384 32.46 -2.57 -13.11
C PHE A 384 32.50 -4.01 -13.62
N THR A 385 33.62 -4.70 -13.44
CA THR A 385 33.67 -6.13 -13.74
C THR A 385 32.64 -6.85 -12.89
N ALA A 386 32.40 -6.35 -11.69
CA ALA A 386 31.35 -6.87 -10.81
C ALA A 386 29.95 -6.49 -11.31
N GLY A 387 29.89 -5.44 -12.10
CA GLY A 387 28.64 -5.05 -12.74
C GLY A 387 28.31 -6.02 -13.86
N VAL A 388 29.23 -6.14 -14.81
CA VAL A 388 29.03 -6.98 -15.98
C VAL A 388 29.01 -8.47 -15.62
N THR A 389 29.93 -8.90 -14.75
CA THR A 389 30.09 -10.31 -14.39
C THR A 389 29.09 -10.76 -13.31
N ARG A 390 28.85 -9.88 -12.34
CA ARG A 390 28.00 -10.15 -11.17
C ARG A 390 28.71 -11.07 -10.18
N ALA A 391 30.01 -11.27 -10.38
CA ALA A 391 30.86 -11.98 -9.44
C ALA A 391 31.33 -11.02 -8.36
N LEU A 392 30.90 -11.28 -7.13
CA LEU A 392 31.41 -10.56 -5.97
C LEU A 392 32.92 -10.78 -5.78
N SER A 393 33.45 -11.79 -6.47
CA SER A 393 34.84 -12.20 -6.37
C SER A 393 35.84 -11.20 -6.90
N CYS A 394 35.45 -10.40 -7.90
CA CYS A 394 36.34 -9.37 -8.47
C CYS A 394 36.98 -8.50 -7.39
N ALA A 395 36.28 -8.34 -6.27
CA ALA A 395 36.82 -7.69 -5.08
C ALA A 395 38.05 -8.45 -4.58
N VAL A 396 37.94 -9.78 -4.45
CA VAL A 396 39.06 -10.63 -4.02
C VAL A 396 40.13 -10.72 -5.10
N ILE A 397 39.72 -10.71 -6.37
CA ILE A 397 40.68 -10.81 -7.46
C ILE A 397 41.61 -9.60 -7.48
N ILE A 398 41.04 -8.39 -7.44
CA ILE A 398 41.86 -7.18 -7.38
C ILE A 398 42.85 -7.19 -6.19
N PHE A 399 42.40 -7.71 -5.05
CA PHE A 399 43.26 -7.85 -3.88
C PHE A 399 44.41 -8.76 -4.23
N GLU A 400 44.09 -10.02 -4.56
CA GLU A 400 45.10 -11.02 -4.84
C GLU A 400 46.15 -10.61 -5.87
N VAL A 401 45.74 -9.95 -6.96
CA VAL A 401 46.66 -9.58 -8.05
C VAL A 401 47.79 -8.64 -7.61
N THR A 402 47.52 -7.35 -7.45
CA THR A 402 48.54 -6.43 -6.92
C THR A 402 48.10 -5.85 -5.57
N GLY A 403 46.80 -5.78 -5.36
CA GLY A 403 46.28 -5.37 -4.05
C GLY A 403 47.07 -5.92 -2.86
N GLN A 404 47.19 -5.10 -1.82
CA GLN A 404 47.82 -5.54 -0.58
C GLN A 404 46.76 -6.06 0.40
N ILE A 405 45.48 -5.75 0.13
CA ILE A 405 44.36 -5.98 1.06
C ILE A 405 44.52 -5.16 2.37
N ARG A 406 44.61 -3.84 2.23
CA ARG A 406 44.57 -2.92 3.37
C ARG A 406 43.29 -3.16 4.14
N HIS A 407 42.18 -2.98 3.46
CA HIS A 407 40.85 -3.30 3.97
C HIS A 407 40.01 -3.72 2.78
N LEU A 408 39.24 -4.78 2.95
CA LEU A 408 38.29 -5.17 1.93
C LEU A 408 37.05 -4.28 2.05
N VAL A 409 36.59 -4.11 3.29
CA VAL A 409 35.27 -3.55 3.60
C VAL A 409 34.76 -2.43 2.63
N PRO A 410 35.55 -1.36 2.40
CA PRO A 410 35.12 -0.36 1.41
C PRO A 410 34.96 -0.95 0.00
N VAL A 411 35.96 -1.71 -0.44
CA VAL A 411 35.94 -2.34 -1.77
C VAL A 411 34.83 -3.38 -1.87
N LEU A 412 34.68 -4.17 -0.81
CA LEU A 412 33.71 -5.27 -0.81
C LEU A 412 32.26 -4.77 -0.75
N ILE A 413 32.02 -3.59 -0.20
CA ILE A 413 30.68 -3.00 -0.19
C ILE A 413 30.32 -2.49 -1.57
N SER A 414 31.23 -1.72 -2.14
CA SER A 414 31.03 -1.13 -3.46
C SER A 414 30.94 -2.18 -4.55
N VAL A 415 31.60 -3.30 -4.36
CA VAL A 415 31.48 -4.40 -5.31
C VAL A 415 30.10 -5.06 -5.16
N LEU A 416 29.57 -5.07 -3.95
CA LEU A 416 28.26 -5.66 -3.68
C LEU A 416 27.10 -4.78 -4.14
N LEU A 417 27.20 -3.47 -3.87
CA LEU A 417 26.16 -2.56 -4.34
C LEU A 417 26.02 -2.72 -5.85
N ALA A 418 27.15 -2.69 -6.55
CA ALA A 418 27.21 -2.88 -7.99
C ALA A 418 26.45 -4.12 -8.45
N VAL A 419 26.50 -5.17 -7.65
CA VAL A 419 25.76 -6.39 -7.98
C VAL A 419 24.27 -6.21 -7.71
N ILE A 420 23.91 -5.80 -6.49
CA ILE A 420 22.49 -5.57 -6.14
C ILE A 420 21.77 -4.59 -7.10
N VAL A 421 22.49 -3.54 -7.51
CA VAL A 421 22.00 -2.58 -8.49
C VAL A 421 21.86 -3.18 -9.90
N GLY A 422 22.96 -3.60 -10.51
CA GLY A 422 22.94 -4.18 -11.86
C GLY A 422 22.18 -5.49 -11.94
N ASN A 423 21.95 -6.09 -10.78
CA ASN A 423 21.19 -7.31 -10.62
C ASN A 423 19.70 -7.03 -10.80
N ALA A 424 19.33 -5.74 -10.71
CA ALA A 424 17.95 -5.28 -10.90
C ALA A 424 17.60 -5.14 -12.38
N PHE A 425 18.38 -4.33 -13.09
CA PHE A 425 18.20 -4.11 -14.52
C PHE A 425 18.40 -5.40 -15.35
N ASN A 426 19.59 -5.99 -15.22
CA ASN A 426 20.09 -7.00 -16.14
C ASN A 426 20.21 -8.41 -15.61
N ARG A 427 20.42 -9.35 -16.53
CA ARG A 427 20.99 -10.65 -16.21
C ARG A 427 22.51 -10.58 -16.36
N SER A 428 23.24 -11.52 -15.75
CA SER A 428 24.70 -11.53 -15.82
C SER A 428 25.16 -11.65 -17.27
N LEU A 429 26.30 -11.05 -17.60
CA LEU A 429 26.78 -11.01 -18.99
C LEU A 429 26.89 -12.40 -19.59
N TYR A 430 27.27 -13.36 -18.74
CA TYR A 430 27.32 -14.76 -19.12
C TYR A 430 25.93 -15.35 -19.42
N GLU A 431 24.98 -15.15 -18.50
CA GLU A 431 23.59 -15.57 -18.72
C GLU A 431 22.96 -14.88 -19.91
N THR A 432 23.21 -13.58 -20.04
CA THR A 432 22.71 -12.84 -21.19
C THR A 432 23.34 -13.39 -22.47
N LEU A 433 24.65 -13.70 -22.43
CA LEU A 433 25.34 -14.35 -23.56
C LEU A 433 24.75 -15.71 -23.91
N VAL A 434 24.24 -16.41 -22.91
CA VAL A 434 23.60 -17.70 -23.11
C VAL A 434 22.27 -17.56 -23.85
N LEU A 435 21.53 -16.52 -23.50
CA LEU A 435 20.32 -16.15 -24.23
C LEU A 435 20.73 -15.76 -25.65
N MET A 436 21.55 -14.73 -25.71
CA MET A 436 22.07 -14.13 -26.93
C MET A 436 22.62 -15.13 -27.95
N LYS A 437 23.21 -16.23 -27.49
CA LYS A 437 23.76 -17.22 -28.39
C LYS A 437 22.89 -18.47 -28.45
N HIS A 438 21.75 -18.44 -27.74
CA HIS A 438 20.77 -19.54 -27.76
C HIS A 438 21.35 -20.92 -27.38
N LEU A 439 21.84 -21.04 -26.14
CA LEU A 439 22.49 -22.26 -25.63
C LEU A 439 21.62 -22.95 -24.59
N PRO A 440 21.55 -24.30 -24.63
CA PRO A 440 20.68 -24.93 -23.66
C PRO A 440 21.19 -24.59 -22.28
N TYR A 441 20.36 -23.94 -21.48
CA TYR A 441 20.75 -23.53 -20.15
C TYR A 441 19.57 -23.78 -19.22
N MET A 442 19.70 -24.83 -18.41
CA MET A 442 18.64 -25.35 -17.53
C MET A 442 17.91 -24.32 -16.65
N PRO A 443 18.63 -23.34 -16.07
CA PRO A 443 17.97 -22.52 -15.04
C PRO A 443 17.11 -21.36 -15.56
N ILE A 444 17.19 -21.06 -16.84
CA ILE A 444 16.29 -20.07 -17.44
C ILE A 444 15.15 -20.84 -18.07
N LEU A 445 13.93 -20.36 -17.88
CA LEU A 445 12.76 -20.99 -18.47
C LEU A 445 12.56 -20.54 -19.91
N ARG A 446 11.98 -21.43 -20.72
CA ARG A 446 11.62 -21.14 -22.11
C ARG A 446 10.88 -19.83 -22.17
N ARG A 447 11.17 -19.03 -23.19
CA ARG A 447 10.54 -17.73 -23.34
C ARG A 447 9.01 -17.89 -23.41
N ASP A 448 8.55 -19.05 -23.90
CA ASP A 448 7.14 -19.28 -24.20
C ASP A 448 6.36 -20.14 -23.21
N ARG A 449 6.95 -20.46 -22.05
CA ARG A 449 6.25 -21.27 -21.04
C ARG A 449 6.07 -20.57 -19.69
N SER A 450 4.82 -20.53 -19.24
CA SER A 450 4.51 -20.02 -17.90
C SER A 450 4.84 -21.12 -16.89
N PRO A 451 5.27 -20.75 -15.67
CA PRO A 451 5.42 -21.72 -14.59
C PRO A 451 4.08 -22.32 -14.15
N GLU A 452 2.99 -21.72 -14.61
CA GLU A 452 1.64 -22.14 -14.24
C GLU A 452 1.13 -23.31 -15.05
N MET A 453 1.69 -23.50 -16.25
CA MET A 453 1.30 -24.56 -17.16
C MET A 453 1.48 -25.93 -16.52
N THR A 454 0.44 -26.76 -16.59
CA THR A 454 0.51 -28.12 -16.08
C THR A 454 1.44 -28.92 -16.97
N ALA A 455 2.07 -29.94 -16.38
CA ALA A 455 2.89 -30.88 -17.13
C ALA A 455 2.08 -31.50 -18.28
N ARG A 456 0.76 -31.64 -18.07
CA ARG A 456 -0.15 -32.12 -19.12
C ARG A 456 -0.17 -31.26 -20.37
N GLU A 457 -0.03 -29.95 -20.22
CA GLU A 457 0.01 -29.03 -21.36
C GLU A 457 1.25 -29.23 -22.25
N ILE A 458 2.37 -29.61 -21.64
CA ILE A 458 3.66 -29.69 -22.33
C ILE A 458 4.14 -31.11 -22.63
N MET A 459 3.62 -32.07 -21.88
CA MET A 459 3.98 -33.50 -22.03
C MET A 459 3.76 -34.03 -23.43
N HIS A 460 4.60 -34.98 -23.81
CA HIS A 460 4.46 -35.67 -25.09
C HIS A 460 3.74 -36.99 -24.89
N PRO A 461 2.65 -37.20 -25.63
CA PRO A 461 1.80 -38.37 -25.50
C PRO A 461 2.60 -39.66 -25.67
N ILE A 462 2.30 -40.65 -24.83
CA ILE A 462 3.06 -41.89 -24.75
C ILE A 462 2.90 -42.81 -25.97
N GLU A 463 1.83 -42.62 -26.75
CA GLU A 463 1.56 -43.45 -27.93
C GLU A 463 2.63 -43.27 -29.02
N GLY A 464 3.05 -42.02 -29.23
CA GLY A 464 4.06 -41.70 -30.23
C GLY A 464 5.48 -41.91 -29.74
N GLU A 465 5.67 -41.75 -28.43
CA GLU A 465 6.95 -42.03 -27.79
C GLU A 465 7.15 -43.54 -27.57
N PRO A 466 8.40 -44.04 -27.71
CA PRO A 466 8.63 -45.49 -27.56
C PRO A 466 8.28 -46.04 -26.17
N HIS A 467 7.79 -47.26 -26.13
CA HIS A 467 7.47 -47.94 -24.87
C HIS A 467 7.62 -49.44 -25.02
N LEU A 468 7.80 -50.14 -23.90
CA LEU A 468 7.96 -51.59 -23.91
C LEU A 468 6.98 -52.30 -22.98
N PHE A 469 6.70 -53.57 -23.29
CA PHE A 469 5.82 -54.40 -22.48
C PHE A 469 6.62 -55.62 -21.98
N PRO A 470 6.21 -56.25 -20.86
CA PRO A 470 6.85 -57.51 -20.46
C PRO A 470 6.48 -58.65 -21.41
N ASP A 471 5.25 -58.64 -21.92
CA ASP A 471 4.73 -59.70 -22.79
C ASP A 471 5.30 -59.69 -24.21
N SER A 472 5.75 -58.53 -24.66
CA SER A 472 6.31 -58.40 -26.01
C SER A 472 7.58 -59.24 -26.17
N GLU A 473 7.51 -60.20 -27.09
CA GLU A 473 8.54 -61.22 -27.29
C GLU A 473 9.87 -60.66 -27.81
N PRO A 474 10.94 -61.49 -27.86
CA PRO A 474 12.23 -61.01 -28.35
C PRO A 474 12.15 -60.53 -29.80
N GLN A 475 11.26 -61.15 -30.57
CA GLN A 475 10.96 -60.77 -31.95
C GLN A 475 10.40 -59.35 -32.06
N HIS A 476 9.77 -58.89 -30.98
CA HIS A 476 9.16 -57.56 -30.91
C HIS A 476 10.23 -56.50 -30.62
N ILE A 477 10.97 -56.69 -29.53
CA ILE A 477 11.87 -55.66 -28.99
C ILE A 477 12.99 -55.25 -29.95
N LYS A 478 13.34 -56.11 -30.90
CA LYS A 478 14.32 -55.75 -31.92
C LYS A 478 13.79 -54.58 -32.77
N GLY A 479 12.47 -54.54 -32.96
CA GLY A 479 11.80 -53.47 -33.68
C GLY A 479 12.06 -52.06 -33.14
N ILE A 480 11.59 -51.79 -31.91
CA ILE A 480 11.78 -50.48 -31.28
C ILE A 480 13.25 -50.09 -31.25
N LEU A 481 14.10 -51.06 -30.90
CA LEU A 481 15.54 -50.86 -30.76
C LEU A 481 16.16 -50.19 -32.00
N GLU A 482 15.82 -50.68 -33.19
CA GLU A 482 16.39 -50.15 -34.43
C GLU A 482 15.61 -48.96 -35.01
N LYS A 483 14.29 -48.98 -34.87
CA LYS A 483 13.42 -47.93 -35.41
C LYS A 483 13.52 -46.65 -34.57
N PHE A 484 13.82 -46.83 -33.29
CA PHE A 484 14.20 -45.71 -32.43
C PHE A 484 15.66 -45.89 -32.01
N PRO A 485 16.61 -45.57 -32.91
CA PRO A 485 18.00 -45.68 -32.48
C PRO A 485 18.30 -44.60 -31.45
N ASN A 486 19.51 -44.59 -30.88
CA ASN A 486 19.93 -43.55 -29.94
C ASN A 486 19.10 -43.45 -28.65
N ARG A 487 18.03 -44.24 -28.56
CA ARG A 487 17.21 -44.27 -27.35
C ARG A 487 17.94 -45.11 -26.29
N LEU A 488 17.98 -44.59 -25.07
CA LEU A 488 18.81 -45.17 -24.01
C LEU A 488 17.95 -45.76 -22.88
N VAL A 489 16.80 -45.13 -22.65
CA VAL A 489 15.82 -45.60 -21.68
C VAL A 489 14.57 -46.04 -22.44
N PHE A 490 13.99 -47.16 -22.01
CA PHE A 490 12.70 -47.60 -22.53
C PHE A 490 11.70 -47.71 -21.39
N PRO A 491 10.63 -46.90 -21.42
CA PRO A 491 9.58 -47.00 -20.41
C PRO A 491 8.83 -48.32 -20.57
N VAL A 492 8.73 -49.08 -19.49
CA VAL A 492 8.07 -50.38 -19.54
C VAL A 492 6.77 -50.43 -18.73
N ILE A 493 5.68 -50.77 -19.41
CA ILE A 493 4.34 -50.81 -18.81
C ILE A 493 3.62 -52.12 -19.17
N ASP A 494 2.60 -52.48 -18.39
CA ASP A 494 1.77 -53.66 -18.71
C ASP A 494 0.75 -53.37 -19.82
N ALA A 495 -0.18 -54.29 -20.06
CA ALA A 495 -1.35 -53.98 -20.86
C ALA A 495 -2.27 -53.16 -19.96
N ASN A 496 -2.94 -52.16 -20.53
CA ASN A 496 -3.62 -51.12 -19.74
C ASN A 496 -2.55 -50.41 -18.91
N GLY A 497 -1.51 -49.97 -19.62
CA GLY A 497 -0.15 -49.71 -19.10
C GLY A 497 0.18 -49.01 -17.79
N TYR A 498 0.79 -49.75 -16.86
CA TYR A 498 1.17 -49.20 -15.56
C TYR A 498 2.69 -49.19 -15.31
N LEU A 499 3.13 -48.17 -14.56
CA LEU A 499 4.52 -47.77 -14.52
C LEU A 499 5.58 -48.71 -13.93
N LEU A 500 6.63 -48.92 -14.73
CA LEU A 500 7.95 -49.41 -14.31
C LEU A 500 9.01 -48.71 -15.22
N GLY A 501 10.26 -49.17 -15.24
CA GLY A 501 11.27 -48.51 -16.08
C GLY A 501 12.52 -49.32 -16.32
N ALA A 502 12.72 -49.79 -17.55
CA ALA A 502 13.88 -50.62 -17.90
C ALA A 502 14.89 -49.81 -18.69
N ILE A 503 16.16 -50.22 -18.63
CA ILE A 503 17.18 -49.59 -19.48
C ILE A 503 16.99 -50.07 -20.91
N SER A 504 17.70 -49.43 -21.84
CA SER A 504 17.79 -49.93 -23.19
C SER A 504 19.05 -50.78 -23.37
N ARG A 505 20.19 -50.13 -23.35
CA ARG A 505 21.36 -50.69 -24.02
C ARG A 505 22.18 -51.70 -23.20
N LYS A 506 22.61 -51.32 -21.99
CA LYS A 506 23.36 -52.25 -21.15
C LYS A 506 22.62 -53.59 -20.96
N GLU A 507 21.33 -53.54 -20.65
CA GLU A 507 20.58 -54.78 -20.43
C GLU A 507 19.90 -55.38 -21.67
N ILE A 508 18.99 -54.64 -22.31
CA ILE A 508 18.20 -55.18 -23.44
C ILE A 508 19.06 -55.75 -24.58
N VAL A 509 20.14 -55.05 -24.92
CA VAL A 509 21.09 -55.52 -25.95
C VAL A 509 21.85 -56.76 -25.48
N ASP A 510 22.14 -56.84 -24.19
CA ASP A 510 22.85 -57.99 -23.60
C ASP A 510 21.90 -59.15 -23.23
N ARG A 511 20.63 -58.82 -22.97
CA ARG A 511 19.59 -59.83 -22.76
C ARG A 511 19.05 -60.35 -24.10
N LEU A 512 19.51 -59.74 -25.19
CA LEU A 512 19.17 -60.17 -26.55
C LEU A 512 20.24 -61.14 -27.05
N GLN A 513 21.46 -60.99 -26.55
CA GLN A 513 22.60 -61.83 -26.94
C GLN A 513 22.45 -63.29 -26.50
N HIS A 514 21.24 -63.70 -26.12
CA HIS A 514 20.94 -65.09 -25.82
C HIS A 514 19.83 -65.62 -26.72
N VAL A 515 18.93 -64.72 -27.13
CA VAL A 515 17.84 -65.07 -28.04
C VAL A 515 17.91 -64.21 -29.32
N VAL A 571 13.65 -57.59 -21.17
CA VAL A 571 12.37 -58.02 -20.63
C VAL A 571 12.12 -57.28 -19.29
N VAL A 572 12.56 -57.91 -18.21
CA VAL A 572 12.38 -57.45 -16.82
C VAL A 572 13.18 -58.47 -15.98
N PRO A 573 13.58 -58.13 -14.74
CA PRO A 573 13.39 -56.97 -13.88
C PRO A 573 14.02 -55.71 -14.44
N CYS A 574 13.55 -54.57 -13.96
CA CYS A 574 14.06 -53.27 -14.39
C CYS A 574 15.35 -52.90 -13.65
N ASP A 575 15.98 -51.83 -14.10
CA ASP A 575 17.21 -51.34 -13.46
C ASP A 575 17.29 -49.83 -13.37
N VAL A 576 16.37 -49.12 -14.03
CA VAL A 576 16.35 -47.65 -13.96
C VAL A 576 15.09 -47.07 -13.27
N SER A 577 15.30 -46.17 -12.33
CA SER A 577 14.19 -45.49 -11.70
C SER A 577 14.07 -44.09 -12.31
N PRO A 578 12.94 -43.82 -12.96
CA PRO A 578 12.73 -42.53 -13.60
C PRO A 578 11.99 -41.55 -12.71
N ILE A 579 12.32 -40.27 -12.78
CA ILE A 579 11.61 -39.32 -11.94
C ILE A 579 10.21 -39.09 -12.51
N VAL A 580 9.26 -39.84 -11.97
CA VAL A 580 7.87 -39.75 -12.40
C VAL A 580 7.18 -38.60 -11.67
N VAL A 581 6.21 -37.97 -12.33
CA VAL A 581 5.52 -36.80 -11.80
C VAL A 581 4.07 -36.82 -12.26
N THR A 582 3.14 -36.45 -11.39
CA THR A 582 1.71 -36.45 -11.73
C THR A 582 1.36 -35.39 -12.77
N SER A 583 0.29 -35.66 -13.52
CA SER A 583 -0.12 -34.84 -14.66
C SER A 583 -0.56 -33.42 -14.32
N TYR A 584 -0.86 -33.16 -13.05
CA TYR A 584 -1.31 -31.85 -12.59
C TYR A 584 -0.20 -31.01 -11.99
N SER A 585 0.95 -31.64 -11.71
CA SER A 585 2.16 -30.94 -11.28
C SER A 585 2.54 -29.93 -12.36
N LEU A 586 2.87 -28.71 -11.96
CA LEU A 586 3.06 -27.64 -12.94
C LEU A 586 4.54 -27.35 -13.25
N VAL A 587 4.79 -26.53 -14.27
CA VAL A 587 6.15 -26.23 -14.72
C VAL A 587 7.03 -25.62 -13.63
N ARG A 588 6.47 -24.72 -12.81
CA ARG A 588 7.23 -24.13 -11.70
C ARG A 588 7.86 -25.20 -10.82
N GLN A 589 7.46 -26.46 -11.05
CA GLN A 589 8.01 -27.59 -10.32
C GLN A 589 8.65 -28.69 -11.17
N LEU A 590 8.32 -28.72 -12.47
CA LEU A 590 9.08 -29.54 -13.42
C LEU A 590 10.45 -28.90 -13.61
N HIS A 591 10.44 -27.57 -13.70
CA HIS A 591 11.63 -26.80 -13.93
C HIS A 591 12.61 -26.99 -12.80
N PHE A 592 12.11 -27.11 -11.58
CA PHE A 592 12.96 -27.30 -10.39
C PHE A 592 13.67 -28.65 -10.40
N LEU A 593 12.92 -29.69 -10.77
CA LEU A 593 13.44 -31.04 -10.85
C LEU A 593 14.52 -31.14 -11.91
N PHE A 594 14.38 -30.37 -12.98
CA PHE A 594 15.35 -30.35 -14.06
C PHE A 594 16.67 -29.69 -13.66
N VAL A 595 16.61 -28.75 -12.71
CA VAL A 595 17.78 -27.99 -12.28
C VAL A 595 18.56 -28.76 -11.21
N MET A 596 17.84 -29.36 -10.26
CA MET A 596 18.44 -30.07 -9.14
C MET A 596 18.80 -31.51 -9.49
N LEU A 597 17.81 -32.27 -9.95
CA LEU A 597 18.04 -33.68 -10.26
C LEU A 597 18.79 -33.83 -11.58
N MET A 598 18.59 -32.87 -12.48
CA MET A 598 19.33 -32.78 -13.75
C MET A 598 19.08 -33.93 -14.73
N PRO A 599 17.85 -34.46 -14.80
CA PRO A 599 17.57 -35.59 -15.67
C PRO A 599 17.32 -35.15 -17.12
N SER A 600 17.26 -36.11 -18.04
CA SER A 600 17.00 -35.78 -19.43
C SER A 600 15.51 -35.84 -19.69
N MET A 601 14.80 -36.68 -18.93
CA MET A 601 13.37 -36.90 -19.11
C MET A 601 12.64 -37.13 -17.80
N ILE A 602 11.36 -36.75 -17.78
CA ILE A 602 10.50 -36.95 -16.63
C ILE A 602 9.20 -37.62 -17.11
N TYR A 603 8.77 -38.66 -16.42
CA TYR A 603 7.59 -39.42 -16.83
C TYR A 603 6.36 -38.78 -16.21
N VAL A 604 5.25 -38.80 -16.93
CA VAL A 604 4.01 -38.22 -16.42
C VAL A 604 2.99 -39.32 -16.04
N THR A 605 2.51 -39.25 -14.81
CA THR A 605 1.55 -40.22 -14.25
C THR A 605 0.15 -39.63 -14.24
N GLU A 606 -0.75 -40.25 -14.99
CA GLU A 606 -2.16 -39.89 -14.99
C GLU A 606 -2.94 -41.11 -14.49
N ARG A 607 -3.41 -41.01 -13.24
CA ARG A 607 -4.14 -42.08 -12.56
C ARG A 607 -3.35 -43.40 -12.46
N GLY A 608 -2.03 -43.29 -12.42
CA GLY A 608 -1.16 -44.46 -12.33
C GLY A 608 -0.57 -44.88 -13.66
N LYS A 609 -1.33 -44.67 -14.74
CA LYS A 609 -0.89 -45.00 -16.09
C LYS A 609 0.19 -44.04 -16.55
N LEU A 610 1.18 -44.56 -17.30
CA LEU A 610 2.16 -43.70 -17.93
C LEU A 610 1.48 -42.99 -19.09
N VAL A 611 1.28 -41.69 -18.93
CA VAL A 611 0.66 -40.86 -19.95
C VAL A 611 1.59 -39.70 -20.25
N GLY A 612 2.61 -39.95 -21.07
CA GLY A 612 3.50 -38.87 -21.51
C GLY A 612 4.88 -38.73 -20.89
N ILE A 613 5.84 -38.37 -21.74
CA ILE A 613 7.20 -38.01 -21.35
C ILE A 613 7.33 -36.50 -21.45
N VAL A 614 8.03 -35.89 -20.50
CA VAL A 614 8.44 -34.50 -20.69
C VAL A 614 9.96 -34.39 -20.94
N GLU A 615 10.31 -34.10 -22.19
CA GLU A 615 11.69 -33.86 -22.57
C GLU A 615 12.23 -32.68 -21.76
N ARG A 616 13.55 -32.63 -21.63
CA ARG A 616 14.23 -31.53 -20.95
C ARG A 616 14.25 -30.30 -21.87
N GLU A 617 14.06 -30.56 -23.16
CA GLU A 617 13.91 -29.52 -24.18
C GLU A 617 12.55 -28.81 -24.14
N ASP A 618 11.62 -29.32 -23.33
CA ASP A 618 10.27 -28.78 -23.26
C ASP A 618 10.13 -27.65 -22.24
N VAL A 619 11.14 -27.47 -21.41
CA VAL A 619 11.05 -26.56 -20.28
C VAL A 619 12.25 -25.60 -20.24
N ALA A 620 13.45 -26.15 -20.41
CA ALA A 620 14.67 -25.35 -20.39
C ALA A 620 14.70 -24.40 -21.57
N TYR A 621 15.16 -23.18 -21.32
CA TYR A 621 15.45 -22.26 -22.40
C TYR A 621 16.64 -22.80 -23.21
N GLY A 622 16.39 -23.85 -23.99
CA GLY A 622 17.46 -24.49 -24.72
C GLY A 622 17.32 -24.32 -26.21
N TYR A 623 18.20 -23.53 -26.79
CA TYR A 623 18.22 -23.34 -28.25
C TYR A 623 18.57 -24.63 -28.98
N SER A 624 19.57 -25.35 -28.46
CA SER A 624 20.03 -26.62 -29.01
C SER A 624 20.55 -26.43 -30.43
N ASN A 625 20.05 -27.23 -31.37
CA ASN A 625 20.35 -27.08 -32.80
C ASN A 625 21.60 -27.84 -33.24
N SER B 3 -8.01 10.65 -5.35
CA SER B 3 -9.23 10.93 -6.16
C SER B 3 -10.22 9.76 -6.11
N LEU B 4 -9.72 8.55 -5.88
CA LEU B 4 -10.55 7.34 -5.78
C LEU B 4 -10.42 6.73 -4.39
N MET B 5 -9.19 6.71 -3.88
CA MET B 5 -8.94 6.36 -2.49
C MET B 5 -9.71 7.29 -1.55
N TYR B 6 -9.82 8.54 -1.96
CA TYR B 6 -10.64 9.52 -1.26
C TYR B 6 -12.07 9.01 -1.12
N LEU B 7 -12.70 8.71 -2.27
CA LEU B 7 -14.10 8.28 -2.33
C LEU B 7 -14.36 6.95 -1.61
N LEU B 8 -13.50 5.97 -1.84
CA LEU B 8 -13.68 4.64 -1.26
C LEU B 8 -13.46 4.63 0.25
N ARG B 9 -12.66 5.56 0.75
CA ARG B 9 -12.47 5.67 2.18
C ARG B 9 -13.75 6.11 2.83
N LEU B 10 -14.29 7.22 2.30
CA LEU B 10 -15.52 7.87 2.74
C LEU B 10 -16.70 6.92 2.61
N VAL B 11 -16.85 6.31 1.43
CA VAL B 11 -17.93 5.33 1.19
C VAL B 11 -17.92 4.19 2.21
N CYS B 12 -16.73 3.64 2.45
CA CYS B 12 -16.52 2.61 3.47
C CYS B 12 -16.95 3.05 4.86
N PHE B 13 -16.67 4.32 5.19
CA PHE B 13 -16.98 4.90 6.50
C PHE B 13 -18.46 5.05 6.72
N LEU B 14 -19.10 5.69 5.76
CA LEU B 14 -20.52 6.01 5.84
C LEU B 14 -21.37 4.74 5.86
N THR B 15 -20.96 3.73 5.09
CA THR B 15 -21.67 2.45 5.03
C THR B 15 -21.53 1.71 6.35
N LEU B 16 -20.30 1.61 6.84
CA LEU B 16 -20.02 0.98 8.14
C LEU B 16 -20.68 1.71 9.32
N LEU B 17 -20.85 3.04 9.20
CA LEU B 17 -21.55 3.84 10.20
C LEU B 17 -23.03 3.56 10.14
N GLY B 18 -23.61 3.77 8.97
CA GLY B 18 -25.04 3.58 8.74
C GLY B 18 -25.57 2.21 9.18
N VAL B 19 -24.83 1.16 8.81
CA VAL B 19 -25.17 -0.21 9.21
C VAL B 19 -25.19 -0.32 10.73
N THR B 20 -24.04 -0.12 11.36
CA THR B 20 -23.91 -0.38 12.81
C THR B 20 -24.74 0.57 13.66
N ALA B 21 -25.10 1.73 13.12
CA ALA B 21 -25.99 2.69 13.80
C ALA B 21 -27.41 2.15 13.83
N ALA B 22 -27.96 1.88 12.64
CA ALA B 22 -29.28 1.26 12.50
C ALA B 22 -29.37 -0.11 13.16
N LEU B 23 -28.22 -0.74 13.35
CA LEU B 23 -28.17 -2.03 14.01
C LEU B 23 -28.32 -1.85 15.52
N PHE B 24 -27.49 -0.97 16.08
CA PHE B 24 -27.49 -0.67 17.51
C PHE B 24 -28.87 -0.18 17.96
N ILE B 25 -29.46 0.70 17.15
CA ILE B 25 -30.78 1.29 17.45
C ILE B 25 -31.87 0.23 17.35
N PHE B 26 -31.62 -0.79 16.53
CA PHE B 26 -32.53 -1.92 16.43
C PHE B 26 -32.49 -2.72 17.72
N ALA B 27 -31.29 -2.86 18.30
CA ALA B 27 -31.12 -3.56 19.59
C ALA B 27 -31.67 -2.76 20.77
N VAL B 28 -31.63 -1.44 20.68
CA VAL B 28 -32.28 -0.54 21.65
C VAL B 28 -33.79 -0.78 21.64
N ASP B 29 -34.36 -0.76 20.43
CA ASP B 29 -35.78 -0.97 20.17
C ASP B 29 -36.21 -2.38 20.58
N LEU B 30 -35.30 -3.33 20.36
CA LEU B 30 -35.51 -4.73 20.71
C LEU B 30 -35.52 -4.91 22.23
N ALA B 31 -34.69 -4.12 22.92
CA ALA B 31 -34.59 -4.17 24.37
C ALA B 31 -35.71 -3.42 25.07
N VAL B 32 -36.35 -2.48 24.37
CA VAL B 32 -37.50 -1.77 24.93
C VAL B 32 -38.76 -2.64 24.87
N HIS B 33 -38.89 -3.39 23.78
CA HIS B 33 -40.02 -4.29 23.54
C HIS B 33 -40.01 -5.54 24.42
N GLY B 34 -38.84 -5.84 25.00
CA GLY B 34 -38.72 -6.94 25.94
C GLY B 34 -38.97 -6.49 27.36
N LEU B 35 -38.31 -5.38 27.73
CA LEU B 35 -38.40 -4.81 29.07
C LEU B 35 -39.83 -4.44 29.45
N GLU B 36 -40.63 -4.07 28.44
CA GLU B 36 -42.05 -3.78 28.62
C GLU B 36 -42.85 -5.07 28.83
N GLU B 37 -42.50 -6.13 28.11
CA GLU B 37 -43.21 -7.42 28.24
C GLU B 37 -42.86 -8.16 29.54
N LEU B 38 -41.65 -7.92 30.04
CA LEU B 38 -41.24 -8.40 31.36
C LEU B 38 -42.16 -7.75 32.39
N ARG B 39 -42.12 -6.42 32.43
CA ARG B 39 -42.97 -5.59 33.30
C ARG B 39 -44.45 -5.99 33.27
N MET B 40 -44.89 -6.53 32.14
CA MET B 40 -46.28 -6.98 31.98
C MET B 40 -46.51 -8.35 32.63
N LYS B 41 -45.53 -9.25 32.49
CA LYS B 41 -45.57 -10.57 33.11
C LYS B 41 -45.69 -10.45 34.62
N ILE B 42 -44.83 -9.61 35.21
CA ILE B 42 -44.82 -9.36 36.65
C ILE B 42 -46.23 -9.07 37.18
N SER B 43 -46.99 -8.27 36.43
CA SER B 43 -48.33 -7.84 36.84
C SER B 43 -49.38 -8.94 36.72
N ARG B 44 -49.38 -9.66 35.60
CA ARG B 44 -50.40 -10.67 35.31
C ARG B 44 -50.26 -11.99 36.10
N LEU B 45 -49.15 -12.14 36.83
CA LEU B 45 -48.91 -13.33 37.66
C LEU B 45 -49.55 -13.20 39.04
N ALA B 46 -49.64 -11.97 39.56
CA ALA B 46 -50.28 -11.67 40.83
C ALA B 46 -51.78 -11.38 40.62
N GLY B 47 -52.52 -11.23 41.71
CA GLY B 47 -53.95 -10.84 41.66
C GLY B 47 -54.18 -9.53 40.92
N ARG B 48 -55.46 -9.20 40.66
CA ARG B 48 -55.81 -8.01 39.87
C ARG B 48 -55.56 -6.70 40.62
N PHE B 49 -55.98 -6.67 41.89
CA PHE B 49 -55.75 -5.52 42.79
C PHE B 49 -54.28 -5.12 42.84
N ALA B 50 -53.43 -6.07 43.21
CA ALA B 50 -51.99 -5.86 43.30
C ALA B 50 -51.33 -5.86 41.93
N GLY B 51 -51.95 -6.54 40.97
CA GLY B 51 -51.47 -6.58 39.60
C GLY B 51 -51.29 -5.19 39.02
N TYR B 52 -52.12 -4.26 39.46
CA TYR B 52 -52.05 -2.85 39.01
C TYR B 52 -50.95 -2.06 39.71
N ILE B 53 -50.79 -2.28 41.01
CA ILE B 53 -49.76 -1.59 41.81
C ILE B 53 -48.36 -2.11 41.46
N LEU B 54 -48.25 -3.41 41.16
CA LEU B 54 -46.98 -3.97 40.69
C LEU B 54 -46.59 -3.49 39.29
N TYR B 55 -47.58 -2.96 38.56
CA TYR B 55 -47.30 -2.29 37.29
C TYR B 55 -46.65 -0.93 37.54
N VAL B 56 -47.21 -0.17 38.48
CA VAL B 56 -46.71 1.18 38.80
C VAL B 56 -45.37 1.13 39.53
N VAL B 57 -45.23 0.21 40.48
CA VAL B 57 -43.99 0.06 41.24
C VAL B 57 -42.82 -0.30 40.32
N SER B 58 -43.05 -1.27 39.43
CA SER B 58 -42.06 -1.64 38.42
C SER B 58 -41.74 -0.45 37.52
N GLY B 59 -42.75 0.38 37.26
CA GLY B 59 -42.61 1.57 36.42
C GLY B 59 -41.76 2.67 37.02
N VAL B 60 -41.95 2.94 38.31
CA VAL B 60 -41.13 3.91 39.02
C VAL B 60 -39.69 3.38 39.08
N ALA B 61 -39.54 2.12 39.50
CA ALA B 61 -38.24 1.46 39.60
C ALA B 61 -37.38 1.65 38.35
N LEU B 62 -37.95 1.36 37.18
CA LEU B 62 -37.21 1.49 35.93
C LEU B 62 -36.85 2.93 35.58
N CYS B 63 -37.67 3.89 36.01
CA CYS B 63 -37.36 5.31 35.83
C CYS B 63 -36.26 5.78 36.78
N LEU B 64 -36.19 5.11 37.95
CA LEU B 64 -35.12 5.34 38.93
C LEU B 64 -33.81 4.74 38.44
N LEU B 65 -33.89 3.55 37.85
CA LEU B 65 -32.72 2.91 37.27
C LEU B 65 -32.21 3.71 36.07
N SER B 66 -33.12 4.38 35.38
CA SER B 66 -32.79 5.21 34.21
C SER B 66 -31.90 6.39 34.57
N THR B 67 -32.35 7.17 35.55
CA THR B 67 -31.59 8.33 36.02
C THR B 67 -30.30 7.92 36.74
N PHE B 68 -30.31 6.73 37.33
CA PHE B 68 -29.14 6.15 37.98
C PHE B 68 -28.03 5.82 36.98
N TRP B 69 -28.41 5.26 35.84
CA TRP B 69 -27.46 4.96 34.77
C TRP B 69 -26.67 6.20 34.34
N CYS B 70 -27.39 7.30 34.07
CA CYS B 70 -26.77 8.59 33.76
C CYS B 70 -25.82 9.02 34.86
N ALA B 71 -26.30 8.93 36.10
CA ALA B 71 -25.53 9.34 37.26
C ALA B 71 -24.22 8.56 37.39
N VAL B 72 -24.33 7.22 37.38
CA VAL B 72 -23.18 6.34 37.64
C VAL B 72 -22.16 6.25 36.49
N LEU B 73 -22.61 6.56 35.27
CA LEU B 73 -21.75 6.46 34.08
C LEU B 73 -21.29 7.82 33.57
N SER B 74 -22.22 8.59 33.00
CA SER B 74 -21.91 9.95 32.54
C SER B 74 -23.15 10.84 32.53
N THR B 75 -23.19 11.81 33.43
CA THR B 75 -24.35 12.71 33.52
C THR B 75 -24.54 13.55 32.26
N GLU B 76 -23.51 13.59 31.41
CA GLU B 76 -23.58 14.29 30.12
C GLU B 76 -24.54 13.60 29.15
N ALA B 77 -25.07 12.46 29.58
CA ALA B 77 -26.04 11.69 28.79
C ALA B 77 -27.48 12.06 29.13
N GLU B 78 -27.64 13.00 30.06
CA GLU B 78 -28.97 13.43 30.46
C GLU B 78 -29.59 14.30 29.38
N GLY B 79 -30.91 14.20 29.23
CA GLY B 79 -31.65 15.00 28.27
C GLY B 79 -31.69 14.42 26.86
N SER B 80 -32.03 15.30 25.90
CA SER B 80 -32.23 14.89 24.50
C SER B 80 -30.94 14.37 23.87
N GLY B 81 -29.96 15.23 23.69
CA GLY B 81 -28.73 14.86 23.01
C GLY B 81 -28.55 15.67 21.75
N LEU B 82 -29.63 15.85 21.01
CA LEU B 82 -29.60 16.70 19.80
C LEU B 82 -29.14 18.13 20.13
N PRO B 83 -29.74 18.79 21.14
CA PRO B 83 -29.18 20.05 21.63
C PRO B 83 -27.69 19.99 21.92
N GLN B 84 -27.26 18.91 22.58
CA GLN B 84 -25.84 18.70 22.94
C GLN B 84 -24.95 18.55 21.70
N MET B 85 -25.58 18.15 20.60
CA MET B 85 -24.88 17.89 19.36
C MET B 85 -24.86 19.14 18.49
N LYS B 86 -26.01 19.79 18.37
CA LYS B 86 -26.13 21.11 17.76
C LYS B 86 -24.98 21.99 18.25
N SER B 87 -24.65 21.84 19.53
CA SER B 87 -23.53 22.52 20.18
C SER B 87 -22.20 22.20 19.52
N ILE B 88 -21.92 20.91 19.39
CA ILE B 88 -20.69 20.42 18.78
C ILE B 88 -20.54 20.90 17.34
N LEU B 89 -21.55 20.62 16.50
CA LEU B 89 -21.50 20.98 15.09
C LEU B 89 -21.50 22.49 14.85
N SER B 90 -21.79 23.22 15.92
CA SER B 90 -21.81 24.68 15.88
C SER B 90 -20.39 25.30 15.91
N GLY B 91 -19.41 24.49 16.27
CA GLY B 91 -18.01 24.91 16.31
C GLY B 91 -17.37 24.78 17.68
N PHE B 92 -18.00 24.00 18.55
CA PHE B 92 -17.51 23.83 19.91
C PHE B 92 -17.09 22.40 20.13
N TYR B 93 -16.60 21.75 19.08
CA TYR B 93 -16.18 20.36 19.20
C TYR B 93 -15.13 20.15 20.28
N ASP B 94 -14.15 21.06 20.35
CA ASP B 94 -13.10 21.01 21.37
C ASP B 94 -13.65 21.10 22.80
N LYS B 95 -14.70 21.91 23.01
CA LYS B 95 -15.32 22.08 24.33
C LYS B 95 -16.28 20.95 24.75
N MET B 96 -17.03 20.42 23.78
CA MET B 96 -18.10 19.46 24.06
C MET B 96 -17.74 18.02 23.76
N ARG B 97 -16.46 17.81 23.41
CA ARG B 97 -15.91 16.51 23.04
C ARG B 97 -16.19 15.41 24.08
N SER B 98 -16.42 15.84 25.31
CA SER B 98 -16.64 14.93 26.44
C SER B 98 -17.93 14.14 26.28
N ALA B 99 -18.88 14.70 25.54
CA ALA B 99 -20.20 14.11 25.40
C ALA B 99 -20.19 12.93 24.44
N LEU B 100 -19.12 12.83 23.66
CA LEU B 100 -18.96 11.76 22.65
C LEU B 100 -18.13 10.55 23.09
N GLU B 101 -17.62 10.59 24.33
CA GLU B 101 -16.88 9.47 24.94
C GLU B 101 -17.72 8.18 24.94
N LEU B 102 -17.02 7.05 24.85
CA LEU B 102 -17.68 5.74 24.76
C LEU B 102 -18.58 5.46 25.97
N ARG B 103 -18.13 5.89 27.15
CA ARG B 103 -18.90 5.71 28.39
C ARG B 103 -20.28 6.37 28.35
N VAL B 104 -20.41 7.45 27.58
CA VAL B 104 -21.68 8.17 27.44
C VAL B 104 -22.69 7.40 26.58
N LEU B 105 -22.18 6.55 25.68
CA LEU B 105 -23.01 5.65 24.88
C LEU B 105 -23.81 4.70 25.76
N PHE B 106 -23.21 4.27 26.85
CA PHE B 106 -23.88 3.33 27.74
C PHE B 106 -24.94 4.00 28.61
N ALA B 107 -24.64 5.18 29.13
CA ALA B 107 -25.62 5.94 29.91
C ALA B 107 -26.78 6.48 29.04
N LYS B 108 -26.53 6.62 27.74
CA LYS B 108 -27.59 6.99 26.81
C LYS B 108 -28.51 5.82 26.50
N ALA B 109 -27.94 4.71 26.04
CA ALA B 109 -28.73 3.56 25.61
C ALA B 109 -29.31 2.70 26.75
N LEU B 110 -28.64 2.68 27.90
CA LEU B 110 -29.22 2.05 29.08
C LEU B 110 -30.30 2.94 29.67
N GLY B 111 -30.03 4.25 29.75
CA GLY B 111 -30.97 5.22 30.27
C GLY B 111 -32.26 5.21 29.47
N LEU B 112 -32.12 5.12 28.16
CA LEU B 112 -33.24 5.16 27.21
C LEU B 112 -34.16 3.95 27.32
N ILE B 113 -33.56 2.77 27.23
CA ILE B 113 -34.28 1.51 27.41
C ILE B 113 -35.11 1.53 28.71
N CYS B 114 -34.51 2.01 29.79
CA CYS B 114 -35.15 2.06 31.09
C CYS B 114 -36.18 3.18 31.24
N ALA B 115 -35.98 4.28 30.51
CA ALA B 115 -36.91 5.41 30.56
C ALA B 115 -38.23 5.08 29.89
N ILE B 116 -38.16 4.57 28.65
CA ILE B 116 -39.36 4.16 27.92
C ILE B 116 -39.95 2.89 28.51
N GLY B 117 -39.09 2.02 29.02
CA GLY B 117 -39.51 0.79 29.70
C GLY B 117 -40.35 1.10 30.92
N GLY B 118 -39.90 2.08 31.70
CA GLY B 118 -40.58 2.50 32.92
C GLY B 118 -41.90 3.23 32.70
N GLY B 119 -42.21 3.50 31.44
CA GLY B 119 -43.49 4.09 31.06
C GLY B 119 -43.54 5.60 31.09
N LEU B 120 -42.39 6.23 30.88
CA LEU B 120 -42.33 7.68 30.74
C LEU B 120 -42.85 8.10 29.37
N PRO B 121 -43.57 9.23 29.29
CA PRO B 121 -43.99 9.80 28.02
C PRO B 121 -42.82 10.47 27.27
N VAL B 122 -41.83 9.65 26.93
CA VAL B 122 -40.54 10.13 26.44
C VAL B 122 -40.14 9.43 25.15
N GLY B 123 -39.67 10.20 24.17
CA GLY B 123 -39.25 9.68 22.87
C GLY B 123 -37.79 9.26 22.80
N TRP B 124 -37.31 9.01 21.58
CA TRP B 124 -35.95 8.51 21.38
C TRP B 124 -35.18 9.23 20.27
N GLU B 125 -35.87 10.09 19.52
CA GLU B 125 -35.29 10.86 18.39
C GLU B 125 -33.96 11.53 18.75
N GLY B 126 -33.95 12.30 19.83
CA GLY B 126 -32.74 12.94 20.33
C GLY B 126 -31.73 11.92 20.82
N PRO B 127 -32.05 11.19 21.91
CA PRO B 127 -31.09 10.23 22.43
C PRO B 127 -30.46 9.47 21.29
N ASN B 128 -31.28 9.12 20.30
CA ASN B 128 -30.86 8.30 19.19
C ASN B 128 -29.82 8.95 18.30
N VAL B 129 -29.97 10.25 18.00
CA VAL B 129 -28.97 10.98 17.22
C VAL B 129 -27.67 11.06 18.01
N HIS B 130 -27.79 11.21 19.33
CA HIS B 130 -26.63 11.25 20.22
C HIS B 130 -25.81 9.98 20.11
N ILE B 131 -26.50 8.84 20.05
CA ILE B 131 -25.86 7.53 19.95
C ILE B 131 -25.08 7.42 18.64
N ALA B 132 -25.72 7.80 17.55
CA ALA B 132 -25.13 7.67 16.22
C ALA B 132 -23.83 8.43 16.12
N CYS B 133 -23.79 9.61 16.74
CA CYS B 133 -22.58 10.42 16.75
C CYS B 133 -21.42 9.75 17.49
N ILE B 134 -21.74 9.05 18.59
CA ILE B 134 -20.73 8.40 19.43
C ILE B 134 -20.13 7.18 18.74
N ILE B 135 -20.99 6.42 18.05
CA ILE B 135 -20.54 5.31 17.20
C ILE B 135 -19.65 5.85 16.09
N ALA B 136 -20.10 6.89 15.41
CA ALA B 136 -19.32 7.54 14.35
C ALA B 136 -17.99 8.02 14.89
N HIS B 137 -18.00 8.47 16.15
CA HIS B 137 -16.80 8.98 16.80
C HIS B 137 -15.84 7.86 17.13
N GLN B 138 -16.38 6.66 17.34
CA GLN B 138 -15.56 5.49 17.67
C GLN B 138 -14.80 5.01 16.44
N PHE B 139 -15.52 4.78 15.34
CA PHE B 139 -14.90 4.49 14.04
C PHE B 139 -13.75 5.44 13.73
N TYR B 140 -13.91 6.71 14.12
CA TYR B 140 -12.91 7.74 13.91
C TYR B 140 -11.57 7.33 14.47
N ARG B 141 -11.59 6.43 15.45
CA ARG B 141 -10.37 5.96 16.10
C ARG B 141 -9.56 4.97 15.27
N LEU B 142 -10.20 4.33 14.29
CA LEU B 142 -9.49 3.44 13.35
C LEU B 142 -8.60 4.24 12.40
N GLY B 143 -7.45 3.67 12.05
CA GLY B 143 -6.42 4.39 11.30
C GLY B 143 -6.87 4.97 9.96
N VAL B 144 -7.67 4.20 9.22
CA VAL B 144 -8.15 4.64 7.91
C VAL B 144 -9.20 5.75 8.03
N PHE B 145 -9.83 5.86 9.19
CA PHE B 145 -10.89 6.82 9.37
C PHE B 145 -10.47 8.04 10.19
N LYS B 146 -9.29 8.02 10.81
CA LYS B 146 -8.88 9.08 11.75
C LYS B 146 -8.88 10.48 11.11
N GLU B 147 -8.32 10.57 9.91
CA GLU B 147 -8.26 11.81 9.14
C GLU B 147 -9.64 12.48 8.99
N LEU B 148 -10.70 11.67 8.96
CA LEU B 148 -12.07 12.15 8.82
C LEU B 148 -12.49 13.01 10.00
N CYS B 149 -11.78 12.85 11.12
CA CYS B 149 -12.04 13.63 12.32
C CYS B 149 -11.13 14.87 12.36
N THR B 150 -9.88 14.66 11.95
CA THR B 150 -8.87 15.71 11.89
C THR B 150 -9.33 16.89 11.04
N ASP B 151 -9.70 16.60 9.79
CA ASP B 151 -10.13 17.61 8.84
C ASP B 151 -11.40 18.28 9.34
N ARG B 152 -11.24 19.54 9.76
CA ARG B 152 -12.32 20.38 10.26
C ARG B 152 -13.59 20.25 9.41
N ALA B 153 -13.43 20.41 8.10
CA ALA B 153 -14.54 20.37 7.16
C ALA B 153 -15.15 18.95 7.05
N LEU B 154 -14.27 17.96 6.93
CA LEU B 154 -14.68 16.59 6.72
C LEU B 154 -15.20 15.92 8.00
N ARG B 155 -14.93 16.53 9.15
CA ARG B 155 -15.51 16.10 10.44
C ARG B 155 -16.95 16.60 10.57
N LEU B 156 -17.17 17.83 10.14
CA LEU B 156 -18.50 18.43 10.13
C LEU B 156 -19.45 17.56 9.32
N GLN B 157 -19.02 17.22 8.11
CA GLN B 157 -19.87 16.52 7.15
C GLN B 157 -20.19 15.07 7.54
N THR B 158 -19.24 14.41 8.22
CA THR B 158 -19.42 13.04 8.67
C THR B 158 -20.27 12.94 9.94
N LEU B 159 -20.01 13.81 10.91
CA LEU B 159 -20.82 13.85 12.14
C LEU B 159 -22.27 14.17 11.81
N ALA B 160 -22.46 14.90 10.72
CA ALA B 160 -23.79 15.22 10.17
C ALA B 160 -24.48 13.97 9.65
N ALA B 161 -23.68 13.07 9.07
CA ALA B 161 -24.18 11.80 8.53
C ALA B 161 -24.55 10.82 9.64
N ALA B 162 -23.84 10.89 10.77
CA ALA B 162 -24.25 10.17 11.97
C ALA B 162 -25.63 10.68 12.38
N CYS B 163 -25.79 12.00 12.41
CA CYS B 163 -27.06 12.65 12.74
C CYS B 163 -28.19 12.17 11.85
N ALA B 164 -27.92 12.09 10.56
CA ALA B 164 -28.93 11.66 9.59
C ALA B 164 -29.40 10.21 9.82
N VAL B 165 -28.45 9.28 9.87
CA VAL B 165 -28.75 7.87 10.17
C VAL B 165 -29.38 7.70 11.57
N GLY B 166 -28.95 8.54 12.51
CA GLY B 166 -29.58 8.59 13.83
C GLY B 166 -31.06 8.94 13.72
N LEU B 167 -31.36 10.04 13.05
CA LEU B 167 -32.74 10.47 12.91
C LEU B 167 -33.51 9.51 12.01
N ALA B 168 -33.01 9.28 10.80
CA ALA B 168 -33.74 8.45 9.85
C ALA B 168 -34.20 7.11 10.43
N SER B 169 -33.38 6.53 11.30
CA SER B 169 -33.69 5.25 11.95
C SER B 169 -34.77 5.39 13.00
N SER B 170 -34.80 6.54 13.65
CA SER B 170 -35.79 6.85 14.68
C SER B 170 -37.19 7.02 14.11
N PHE B 171 -37.30 7.32 12.82
CA PHE B 171 -38.59 7.45 12.17
C PHE B 171 -38.90 6.33 11.19
N GLY B 172 -37.86 5.55 10.84
CA GLY B 172 -37.94 4.54 9.78
C GLY B 172 -38.39 5.16 8.48
N ALA B 173 -37.79 6.30 8.16
CA ALA B 173 -38.12 7.08 6.96
C ALA B 173 -36.83 7.78 6.52
N PRO B 174 -36.10 7.18 5.56
CA PRO B 174 -34.72 7.58 5.24
C PRO B 174 -34.60 9.01 4.76
N LEU B 175 -35.44 9.44 3.82
CA LEU B 175 -35.42 10.82 3.35
C LEU B 175 -35.93 11.75 4.43
N GLY B 176 -37.11 11.48 4.96
CA GLY B 176 -37.63 12.20 6.11
C GLY B 176 -36.54 12.45 7.13
N GLY B 177 -35.77 11.41 7.42
CA GLY B 177 -34.69 11.50 8.38
C GLY B 177 -33.64 12.53 8.02
N VAL B 178 -32.94 12.30 6.91
CA VAL B 178 -31.86 13.21 6.48
C VAL B 178 -32.33 14.66 6.34
N LEU B 179 -33.54 14.85 5.80
CA LEU B 179 -34.17 16.17 5.64
C LEU B 179 -34.43 16.88 6.98
N TYR B 180 -34.98 16.15 7.94
CA TYR B 180 -35.14 16.61 9.32
C TYR B 180 -33.79 16.95 9.93
N SER B 181 -32.76 16.25 9.50
CA SER B 181 -31.42 16.44 10.02
C SER B 181 -30.83 17.80 9.61
N ILE B 182 -30.92 18.14 8.32
CA ILE B 182 -30.30 19.38 7.83
C ILE B 182 -31.05 20.59 8.36
N GLU B 183 -32.32 20.38 8.69
CA GLU B 183 -33.19 21.44 9.18
C GLU B 183 -32.89 21.83 10.61
N THR B 184 -32.24 20.96 11.38
CA THR B 184 -32.16 21.16 12.83
C THR B 184 -30.78 21.18 13.48
N ILE B 185 -29.92 20.24 13.12
CA ILE B 185 -28.57 20.23 13.72
C ILE B 185 -27.72 21.33 13.07
N ALA B 186 -27.81 21.39 11.74
CA ALA B 186 -27.06 22.35 10.90
C ALA B 186 -27.43 23.82 11.14
N SER B 187 -26.45 24.71 11.05
CA SER B 187 -26.69 26.15 11.07
C SER B 187 -26.75 26.61 9.62
N PHE B 188 -25.65 26.37 8.94
CA PHE B 188 -25.66 26.26 7.49
C PHE B 188 -25.18 24.85 7.12
N TYR B 189 -25.17 24.55 5.84
CA TYR B 189 -25.05 23.19 5.42
C TYR B 189 -24.34 23.16 4.08
N LEU B 190 -23.23 22.43 4.03
CA LEU B 190 -22.48 22.22 2.79
C LEU B 190 -23.15 21.15 1.95
N VAL B 191 -23.44 21.51 0.70
CA VAL B 191 -24.31 20.69 -0.13
C VAL B 191 -23.67 19.36 -0.44
N GLN B 192 -22.35 19.31 -0.29
CA GLN B 192 -21.60 18.08 -0.45
C GLN B 192 -22.14 17.02 0.46
N ALA B 193 -22.14 17.28 1.77
CA ALA B 193 -22.68 16.36 2.77
C ALA B 193 -24.01 15.65 2.44
N PHE B 194 -24.93 16.29 1.70
CA PHE B 194 -26.24 15.68 1.41
C PHE B 194 -26.13 14.28 0.81
N TRP B 195 -25.12 14.02 -0.03
CA TRP B 195 -24.93 12.65 -0.53
C TRP B 195 -24.34 11.69 0.52
N LYS B 196 -23.55 12.25 1.43
CA LYS B 196 -22.93 11.47 2.50
C LYS B 196 -23.99 11.12 3.54
N GLY B 197 -24.93 12.02 3.76
CA GLY B 197 -26.05 11.81 4.68
C GLY B 197 -27.07 10.84 4.14
N VAL B 198 -27.41 10.98 2.85
CA VAL B 198 -28.27 10.02 2.15
C VAL B 198 -27.65 8.62 2.18
N LEU B 199 -26.34 8.52 1.89
CA LEU B 199 -25.66 7.23 1.84
C LEU B 199 -25.69 6.50 3.17
N SER B 200 -25.39 7.21 4.24
CA SER B 200 -25.34 6.63 5.57
C SER B 200 -26.75 6.28 6.09
N ALA B 201 -27.77 6.89 5.49
CA ALA B 201 -29.15 6.64 5.88
C ALA B 201 -29.70 5.40 5.19
N LEU B 202 -29.45 5.28 3.89
CA LEU B 202 -29.91 4.13 3.11
C LEU B 202 -29.24 2.83 3.52
N SER B 203 -28.01 2.94 4.00
CA SER B 203 -27.28 1.82 4.57
C SER B 203 -28.08 1.21 5.71
N GLY B 204 -28.56 2.06 6.62
CA GLY B 204 -29.37 1.64 7.76
C GLY B 204 -30.79 1.23 7.40
N ALA B 205 -31.23 1.70 6.25
CA ALA B 205 -32.54 1.33 5.73
C ALA B 205 -32.50 -0.11 5.25
N ILE B 206 -31.40 -0.48 4.61
CA ILE B 206 -31.16 -1.85 4.13
C ILE B 206 -31.04 -2.82 5.30
N VAL B 207 -30.39 -2.38 6.37
CA VAL B 207 -30.35 -3.13 7.61
C VAL B 207 -31.78 -3.32 8.13
N TYR B 208 -32.50 -2.19 8.30
CA TYR B 208 -33.88 -2.22 8.78
C TYR B 208 -34.86 -2.99 7.85
N GLU B 209 -34.36 -3.37 6.67
CA GLU B 209 -35.16 -4.14 5.72
C GLU B 209 -34.89 -5.63 5.94
N LEU B 210 -34.39 -5.99 7.14
CA LEU B 210 -33.99 -7.37 7.44
C LEU B 210 -34.23 -7.78 8.90
N ASP B 229 -52.41 7.90 3.43
CA ASP B 229 -53.86 8.10 3.47
C ASP B 229 -54.36 9.10 2.41
N VAL B 230 -55.58 9.61 2.61
CA VAL B 230 -56.13 10.65 1.72
C VAL B 230 -56.65 11.90 2.50
N SER B 231 -55.99 13.04 2.29
CA SER B 231 -56.48 14.33 2.80
C SER B 231 -57.11 15.17 1.70
N ARG B 232 -58.43 15.30 1.70
CA ARG B 232 -59.14 16.17 0.76
C ARG B 232 -58.58 17.59 0.78
N THR B 233 -58.73 18.29 -0.34
CA THR B 233 -58.26 19.67 -0.50
C THR B 233 -59.26 20.75 0.02
N GLN B 234 -59.99 20.44 1.09
CA GLN B 234 -60.69 21.44 1.90
C GLN B 234 -59.65 22.16 2.79
N THR B 235 -58.54 22.56 2.15
CA THR B 235 -57.30 22.98 2.84
C THR B 235 -57.45 24.17 3.77
N LEU B 236 -58.33 25.11 3.42
CA LEU B 236 -58.50 26.32 4.23
C LEU B 236 -58.64 25.98 5.71
N LEU B 237 -59.40 24.93 6.01
CA LEU B 237 -59.60 24.44 7.37
C LEU B 237 -58.38 23.69 7.91
N TYR B 238 -57.49 23.26 7.02
CA TYR B 238 -56.23 22.65 7.43
C TYR B 238 -55.21 23.70 7.82
N ALA B 239 -55.25 24.84 7.13
CA ALA B 239 -54.35 25.95 7.41
C ALA B 239 -54.75 26.64 8.71
N ILE B 240 -56.05 26.67 8.99
CA ILE B 240 -56.54 27.19 10.26
C ILE B 240 -56.04 26.29 11.40
N LEU B 241 -56.01 24.98 11.17
CA LEU B 241 -55.42 24.05 12.12
C LEU B 241 -53.90 24.22 12.23
N GLY B 242 -53.23 24.51 11.11
CA GLY B 242 -51.80 24.78 11.10
C GLY B 242 -51.46 26.04 11.88
N ALA B 243 -52.27 27.08 11.69
CA ALA B 243 -52.15 28.31 12.46
C ALA B 243 -52.19 28.01 13.97
N LEU B 244 -53.34 27.51 14.43
CA LEU B 244 -53.56 27.15 15.84
C LEU B 244 -52.44 26.27 16.39
N MET B 245 -52.03 25.29 15.60
CA MET B 245 -51.05 24.29 16.02
C MET B 245 -49.66 24.89 16.25
N GLY B 246 -49.32 25.92 15.47
CA GLY B 246 -48.11 26.68 15.71
C GLY B 246 -48.15 27.32 17.09
N VAL B 247 -49.28 27.97 17.38
CA VAL B 247 -49.51 28.63 18.67
C VAL B 247 -49.43 27.63 19.83
N LEU B 248 -49.93 26.43 19.62
CA LEU B 248 -49.83 25.36 20.62
C LEU B 248 -48.41 24.81 20.78
N GLY B 249 -47.66 24.75 19.68
CA GLY B 249 -46.25 24.37 19.72
C GLY B 249 -45.44 25.41 20.48
N ALA B 250 -45.74 26.68 20.23
CA ALA B 250 -45.15 27.78 20.97
C ALA B 250 -45.42 27.63 22.46
N LEU B 251 -46.68 27.44 22.83
CA LEU B 251 -47.05 27.25 24.21
C LEU B 251 -46.30 26.05 24.81
N PHE B 252 -46.05 25.02 23.99
CA PHE B 252 -45.36 23.81 24.46
C PHE B 252 -43.92 24.05 24.85
N ILE B 253 -43.19 24.76 24.00
CA ILE B 253 -41.80 25.12 24.28
C ILE B 253 -41.74 26.14 25.45
N ARG B 254 -42.72 27.05 25.49
CA ARG B 254 -42.90 28.00 26.59
C ARG B 254 -43.09 27.28 27.93
N CYS B 255 -43.80 26.15 27.88
CA CYS B 255 -44.08 25.33 29.07
C CYS B 255 -42.84 24.59 29.52
N VAL B 256 -42.15 23.95 28.58
CA VAL B 256 -40.94 23.18 28.86
C VAL B 256 -39.92 24.02 29.62
N ARG B 257 -39.69 25.24 29.14
CA ARG B 257 -38.70 26.11 29.77
C ARG B 257 -39.16 26.63 31.13
N SER B 258 -40.43 27.02 31.24
CA SER B 258 -40.99 27.60 32.47
C SER B 258 -41.17 26.59 33.58
N ILE B 259 -41.60 25.38 33.22
CA ILE B 259 -41.72 24.27 34.16
C ILE B 259 -40.32 23.87 34.65
N TYR B 260 -39.35 23.91 33.74
CA TYR B 260 -37.96 23.64 34.08
C TYR B 260 -37.39 24.71 35.00
N GLU B 261 -37.33 25.95 34.53
CA GLU B 261 -36.66 27.02 35.25
C GLU B 261 -37.31 27.45 36.57
N LEU B 262 -38.53 26.99 36.83
CA LEU B 262 -39.12 27.19 38.17
C LEU B 262 -38.71 26.05 39.12
N ARG B 263 -38.05 25.03 38.59
CA ARG B 263 -37.43 23.99 39.41
C ARG B 263 -36.00 24.35 39.76
N MET B 264 -35.41 25.24 38.96
CA MET B 264 -34.02 25.66 39.17
C MET B 264 -33.94 26.87 40.07
N ARG B 265 -34.83 27.84 39.83
CA ARG B 265 -34.91 29.07 40.64
C ARG B 265 -35.54 28.77 41.99
N HIS B 266 -36.67 28.07 41.96
CA HIS B 266 -37.40 27.68 43.16
C HIS B 266 -37.25 26.17 43.34
N TYR B 267 -37.27 25.72 44.60
CA TYR B 267 -37.07 24.31 44.94
C TYR B 267 -35.78 23.76 44.27
N PRO B 268 -34.70 24.59 44.21
CA PRO B 268 -33.50 24.15 43.49
C PRO B 268 -32.73 23.08 44.26
N GLY B 269 -31.95 22.30 43.52
CA GLY B 269 -31.10 21.27 44.12
C GLY B 269 -31.84 20.02 44.57
N THR B 270 -33.08 19.84 44.10
CA THR B 270 -33.81 18.58 44.28
C THR B 270 -33.03 17.53 43.53
N ASN B 271 -32.73 16.40 44.18
CA ASN B 271 -31.81 15.44 43.56
C ASN B 271 -32.36 14.08 43.12
N ARG B 272 -32.24 13.89 41.80
CA ARG B 272 -32.43 12.64 41.04
C ARG B 272 -33.76 11.90 41.26
N TYR B 273 -33.75 10.88 42.12
CA TYR B 273 -34.83 9.88 42.20
C TYR B 273 -36.15 10.40 42.75
N PHE B 274 -36.09 11.24 43.78
CA PHE B 274 -37.29 11.89 44.32
C PHE B 274 -38.00 12.73 43.23
N LEU B 275 -37.20 13.40 42.39
CA LEU B 275 -37.71 14.16 41.24
C LEU B 275 -38.28 13.21 40.18
N VAL B 276 -37.43 12.33 39.64
CA VAL B 276 -37.82 11.34 38.64
C VAL B 276 -38.96 10.43 39.15
N GLY B 277 -38.84 10.00 40.40
CA GLY B 277 -39.81 9.10 41.03
C GLY B 277 -41.21 9.65 41.09
N VAL B 278 -41.34 10.92 41.51
CA VAL B 278 -42.63 11.60 41.59
C VAL B 278 -43.31 11.67 40.21
N VAL B 279 -42.53 12.05 39.19
CA VAL B 279 -43.03 12.12 37.80
C VAL B 279 -43.46 10.73 37.26
N ALA B 280 -42.75 9.69 37.69
CA ALA B 280 -43.08 8.32 37.28
C ALA B 280 -44.39 7.87 37.89
N LEU B 281 -44.52 8.06 39.21
CA LEU B 281 -45.72 7.72 39.98
C LEU B 281 -46.92 8.56 39.53
N PHE B 282 -46.74 9.89 39.59
CA PHE B 282 -47.73 10.88 39.15
C PHE B 282 -48.27 10.56 37.74
N ALA B 283 -47.38 10.13 36.84
CA ALA B 283 -47.73 9.80 35.45
C ALA B 283 -48.66 8.59 35.35
N SER B 284 -48.19 7.45 35.86
CA SER B 284 -48.95 6.19 35.82
C SER B 284 -50.35 6.34 36.42
N ALA B 285 -50.48 7.27 37.36
CA ALA B 285 -51.75 7.58 38.01
C ALA B 285 -52.61 8.55 37.19
N LEU B 286 -52.00 9.64 36.71
CA LEU B 286 -52.70 10.65 35.91
C LEU B 286 -53.21 10.06 34.59
N GLN B 287 -52.76 8.86 34.25
CA GLN B 287 -53.21 8.16 33.04
C GLN B 287 -54.11 6.97 33.35
N TYR B 288 -54.78 7.02 34.51
CA TYR B 288 -55.64 5.90 34.97
C TYR B 288 -56.89 5.62 34.11
N PRO B 289 -57.63 6.68 33.69
CA PRO B 289 -58.75 6.43 32.74
C PRO B 289 -58.31 6.26 31.27
N PHE B 290 -57.00 6.23 31.02
CA PHE B 290 -56.49 5.93 29.67
C PHE B 290 -55.31 4.97 29.73
N PRO B 297 -48.39 3.30 22.08
CA PRO B 297 -47.68 4.44 21.47
C PRO B 297 -48.01 4.53 19.97
N ARG B 298 -47.27 3.79 19.14
CA ARG B 298 -47.58 3.63 17.71
C ARG B 298 -48.95 2.90 17.51
N ALA B 299 -49.55 2.43 18.60
CA ALA B 299 -50.88 1.85 18.54
C ALA B 299 -51.98 2.91 18.43
N THR B 300 -51.95 3.88 19.33
CA THR B 300 -52.96 4.95 19.33
C THR B 300 -52.96 5.69 18.01
N ILE B 301 -51.78 6.10 17.57
CA ILE B 301 -51.60 6.90 16.35
C ILE B 301 -52.43 6.39 15.18
N ASN B 302 -52.09 5.21 14.68
CA ASN B 302 -52.79 4.61 13.55
C ASN B 302 -54.31 4.56 13.75
N ASP B 303 -54.75 4.48 15.02
CA ASP B 303 -56.17 4.39 15.36
C ASP B 303 -56.93 5.70 15.14
N LEU B 304 -56.29 6.82 15.53
CA LEU B 304 -56.83 8.16 15.26
C LEU B 304 -56.84 8.47 13.76
N PHE B 305 -55.82 7.94 13.07
CA PHE B 305 -55.66 8.06 11.62
C PHE B 305 -56.72 7.27 10.83
N LYS B 306 -57.20 6.18 11.43
CA LYS B 306 -58.37 5.47 10.93
C LYS B 306 -59.54 6.45 10.94
N ALA B 307 -60.39 6.35 9.92
CA ALA B 307 -61.48 7.31 9.72
C ALA B 307 -62.85 6.80 10.15
N VAL B 308 -63.07 6.72 11.46
CA VAL B 308 -64.40 6.40 12.02
C VAL B 308 -64.84 7.47 13.03
N THR B 319 -65.49 14.48 24.88
CA THR B 319 -65.27 13.86 26.18
C THR B 319 -64.19 12.77 26.10
N GLU B 320 -63.51 12.55 27.22
CA GLU B 320 -62.47 11.52 27.36
C GLU B 320 -61.39 11.54 26.26
N LEU B 321 -61.45 12.53 25.37
CA LEU B 321 -60.47 12.71 24.31
C LEU B 321 -60.00 14.18 24.28
N ILE B 322 -60.66 14.99 25.11
CA ILE B 322 -60.31 16.39 25.30
C ILE B 322 -59.20 16.47 26.33
N LEU B 323 -59.31 15.63 27.35
CA LEU B 323 -58.31 15.56 28.42
C LEU B 323 -57.05 14.81 27.99
N MET B 324 -57.22 13.78 27.17
CA MET B 324 -56.09 12.95 26.69
C MET B 324 -54.86 13.78 26.23
N PRO B 325 -55.04 14.68 25.23
CA PRO B 325 -53.86 15.40 24.74
C PRO B 325 -53.35 16.44 25.73
N ILE B 326 -54.28 17.13 26.42
CA ILE B 326 -53.95 18.18 27.39
C ILE B 326 -53.16 17.61 28.57
N ILE B 327 -53.53 16.41 29.03
CA ILE B 327 -52.79 15.71 30.09
C ILE B 327 -51.39 15.33 29.61
N LYS B 328 -51.30 14.79 28.40
CA LYS B 328 -50.02 14.42 27.80
C LYS B 328 -49.18 15.64 27.39
N PHE B 329 -49.86 16.76 27.09
CA PHE B 329 -49.18 18.02 26.80
C PHE B 329 -48.36 18.44 28.01
N ILE B 330 -48.99 18.44 29.18
CA ILE B 330 -48.33 18.77 30.44
C ILE B 330 -47.33 17.67 30.81
N LEU B 331 -47.77 16.42 30.81
CA LEU B 331 -46.93 15.27 31.19
C LEU B 331 -45.60 15.20 30.43
N VAL B 332 -45.63 15.37 29.11
CA VAL B 332 -44.42 15.29 28.29
C VAL B 332 -43.51 16.49 28.53
N ALA B 333 -44.07 17.70 28.44
CA ALA B 333 -43.32 18.93 28.71
C ALA B 333 -42.49 18.78 29.99
N LEU B 334 -43.15 18.25 31.02
CA LEU B 334 -42.53 18.02 32.34
C LEU B 334 -41.41 16.99 32.29
N SER B 335 -41.63 15.89 31.55
CA SER B 335 -40.72 14.74 31.50
C SER B 335 -39.40 14.93 30.75
N ILE B 336 -39.37 15.76 29.71
CA ILE B 336 -38.14 15.99 28.95
C ILE B 336 -37.14 16.90 29.70
N GLY B 337 -37.60 17.50 30.80
CA GLY B 337 -36.74 18.29 31.67
C GLY B 337 -36.00 17.45 32.71
N LEU B 338 -36.41 16.19 32.82
CA LEU B 338 -35.82 15.23 33.76
C LEU B 338 -34.36 14.90 33.45
N PRO B 339 -33.57 14.61 34.50
CA PRO B 339 -32.17 14.19 34.37
C PRO B 339 -32.04 12.75 33.89
N LEU B 340 -32.35 12.54 32.60
CA LEU B 340 -32.25 11.24 31.94
C LEU B 340 -32.50 11.39 30.43
N PRO B 341 -32.11 10.38 29.61
CA PRO B 341 -32.31 10.39 28.15
C PRO B 341 -33.75 10.58 27.70
N ALA B 342 -34.02 11.64 26.92
CA ALA B 342 -35.39 12.04 26.60
C ALA B 342 -35.63 12.73 25.22
N GLY B 343 -36.10 11.95 24.25
CA GLY B 343 -36.49 12.49 22.94
C GLY B 343 -37.88 13.04 23.00
N VAL B 344 -38.35 13.67 21.92
CA VAL B 344 -39.62 14.39 21.97
C VAL B 344 -40.51 14.25 20.73
N PHE B 345 -40.06 13.50 19.73
CA PHE B 345 -40.79 13.43 18.45
C PHE B 345 -42.07 12.60 18.51
N VAL B 346 -41.94 11.32 18.85
CA VAL B 346 -43.09 10.41 18.88
C VAL B 346 -44.14 10.83 19.92
N PRO B 347 -43.71 11.38 21.08
CA PRO B 347 -44.67 11.98 22.01
C PRO B 347 -45.44 13.15 21.39
N SER B 348 -44.72 14.08 20.77
CA SER B 348 -45.36 15.21 20.09
C SER B 348 -46.25 14.78 18.94
N PHE B 349 -45.95 13.62 18.36
CA PHE B 349 -46.78 13.07 17.32
C PHE B 349 -48.18 12.78 17.87
N LEU B 350 -48.24 12.13 19.04
CA LEU B 350 -49.52 11.86 19.70
C LEU B 350 -50.31 13.12 20.04
N ILE B 351 -49.62 14.12 20.61
CA ILE B 351 -50.28 15.35 21.10
C ILE B 351 -50.96 16.10 19.96
N GLY B 352 -50.30 16.13 18.80
CA GLY B 352 -50.87 16.73 17.60
C GLY B 352 -52.09 16.01 17.08
N ALA B 353 -51.93 14.70 16.83
CA ALA B 353 -53.02 13.83 16.39
C ALA B 353 -54.27 13.99 17.25
N GLY B 354 -54.07 14.04 18.57
CA GLY B 354 -55.15 14.25 19.53
C GLY B 354 -55.88 15.57 19.31
N PHE B 355 -55.11 16.65 19.21
CA PHE B 355 -55.67 17.98 18.91
C PHE B 355 -56.27 18.04 17.51
N GLY B 356 -55.68 17.28 16.59
CA GLY B 356 -56.19 17.19 15.23
C GLY B 356 -57.51 16.43 15.13
N ARG B 357 -57.69 15.47 16.04
CA ARG B 357 -58.95 14.72 16.13
C ARG B 357 -60.03 15.52 16.83
N LEU B 358 -59.62 16.35 17.79
CA LEU B 358 -60.52 17.28 18.49
C LEU B 358 -61.02 18.34 17.52
N TYR B 359 -60.12 18.79 16.63
CA TYR B 359 -60.46 19.73 15.58
C TYR B 359 -61.28 19.04 14.50
N GLY B 360 -60.81 17.88 14.06
CA GLY B 360 -61.49 17.08 13.03
C GLY B 360 -62.89 16.64 13.40
N GLU B 361 -63.17 16.61 14.70
CA GLU B 361 -64.48 16.25 15.18
C GLU B 361 -65.36 17.48 15.35
N LEU B 362 -64.77 18.59 15.80
CA LEU B 362 -65.50 19.86 15.90
C LEU B 362 -65.76 20.46 14.53
N MET B 363 -65.09 19.91 13.52
CA MET B 363 -65.32 20.30 12.12
C MET B 363 -66.31 19.37 11.46
N ARG B 364 -66.35 18.14 11.96
CA ARG B 364 -67.31 17.12 11.52
C ARG B 364 -68.73 17.69 11.57
N VAL B 365 -69.07 18.31 12.70
CA VAL B 365 -70.41 18.84 12.94
C VAL B 365 -70.70 20.13 12.17
N VAL B 366 -69.75 21.07 12.16
CA VAL B 366 -70.00 22.41 11.61
C VAL B 366 -70.10 22.45 10.08
N PHE B 367 -69.49 21.49 9.40
CA PHE B 367 -69.42 21.49 7.93
C PHE B 367 -70.03 20.26 7.27
N GLY B 368 -70.51 19.32 8.09
CA GLY B 368 -71.25 18.17 7.59
C GLY B 368 -70.46 16.87 7.53
N ASN B 369 -71.17 15.79 7.19
CA ASN B 369 -70.60 14.44 7.08
C ASN B 369 -69.43 14.39 6.09
N ALA B 370 -69.45 15.32 5.13
CA ALA B 370 -68.42 15.45 4.10
C ALA B 370 -67.02 15.57 4.69
N ILE B 371 -66.92 16.11 5.90
CA ILE B 371 -65.64 16.20 6.62
C ILE B 371 -65.26 14.90 7.31
N VAL B 372 -64.03 14.47 7.06
CA VAL B 372 -63.47 13.26 7.64
C VAL B 372 -62.56 13.65 8.80
N PRO B 373 -62.88 13.19 10.03
CA PRO B 373 -62.10 13.55 11.21
C PRO B 373 -60.71 12.92 11.27
N GLY B 374 -60.52 11.81 10.55
CA GLY B 374 -59.25 11.08 10.53
C GLY B 374 -58.08 11.85 9.92
N SER B 375 -58.32 12.47 8.77
CA SER B 375 -57.29 13.20 8.03
C SER B 375 -56.82 14.45 8.76
N TYR B 376 -57.68 14.98 9.64
CA TYR B 376 -57.33 16.15 10.44
C TYR B 376 -56.38 15.79 11.58
N ALA B 377 -56.40 14.51 11.98
CA ALA B 377 -55.45 13.98 12.97
C ALA B 377 -54.05 13.80 12.38
N VAL B 378 -54.00 13.51 11.08
CA VAL B 378 -52.73 13.33 10.33
C VAL B 378 -52.00 14.67 10.18
N VAL B 379 -52.72 15.68 9.68
CA VAL B 379 -52.25 17.06 9.60
C VAL B 379 -51.96 17.57 11.01
N GLY B 380 -52.76 17.10 11.97
CA GLY B 380 -52.60 17.47 13.37
C GLY B 380 -51.28 17.01 13.96
N ALA B 381 -50.96 15.74 13.78
CA ALA B 381 -49.71 15.17 14.27
C ALA B 381 -48.50 15.82 13.63
N ALA B 382 -48.60 16.08 12.32
CA ALA B 382 -47.49 16.68 11.56
C ALA B 382 -47.23 18.14 11.93
N ALA B 383 -48.29 18.93 12.12
CA ALA B 383 -48.14 20.37 12.30
C ALA B 383 -47.71 20.74 13.70
N PHE B 384 -48.07 19.90 14.69
CA PHE B 384 -47.64 20.15 16.06
C PHE B 384 -46.17 19.84 16.27
N THR B 385 -45.70 18.71 15.73
CA THR B 385 -44.27 18.40 15.77
C THR B 385 -43.54 19.48 14.99
N ALA B 386 -44.19 20.00 13.96
CA ALA B 386 -43.65 21.12 13.20
C ALA B 386 -43.70 22.42 14.00
N GLY B 387 -44.61 22.50 14.96
CA GLY B 387 -44.65 23.65 15.86
C GLY B 387 -43.49 23.60 16.81
N VAL B 388 -43.43 22.51 17.59
CA VAL B 388 -42.38 22.32 18.59
C VAL B 388 -40.97 22.23 17.97
N THR B 389 -40.82 21.43 16.92
CA THR B 389 -39.51 21.17 16.30
C THR B 389 -39.06 22.28 15.33
N ARG B 390 -40.01 22.82 14.58
CA ARG B 390 -39.75 23.85 13.55
C ARG B 390 -39.08 23.26 12.30
N ALA B 391 -39.16 21.93 12.17
CA ALA B 391 -38.71 21.22 10.97
C ALA B 391 -39.87 20.99 10.04
N LEU B 392 -39.83 21.67 8.89
CA LEU B 392 -40.81 21.49 7.82
C LEU B 392 -40.88 20.03 7.35
N SER B 393 -39.88 19.25 7.72
CA SER B 393 -39.76 17.86 7.30
C SER B 393 -40.80 16.90 7.87
N CYS B 394 -41.35 17.22 9.05
CA CYS B 394 -42.39 16.40 9.67
C CYS B 394 -43.50 16.07 8.67
N ALA B 395 -43.72 17.00 7.73
CA ALA B 395 -44.61 16.82 6.60
C ALA B 395 -44.19 15.62 5.77
N VAL B 396 -42.89 15.55 5.43
CA VAL B 396 -42.33 14.42 4.66
C VAL B 396 -42.27 13.14 5.48
N ILE B 397 -41.96 13.27 6.77
CA ILE B 397 -41.85 12.09 7.62
C ILE B 397 -43.19 11.38 7.76
N ILE B 398 -44.26 12.10 8.09
CA ILE B 398 -45.60 11.50 8.13
C ILE B 398 -45.94 10.76 6.81
N PHE B 399 -45.52 11.35 5.69
CA PHE B 399 -45.73 10.73 4.38
C PHE B 399 -44.99 9.42 4.33
N GLU B 400 -43.67 9.48 4.49
CA GLU B 400 -42.82 8.31 4.38
C GLU B 400 -43.21 7.14 5.28
N VAL B 401 -43.56 7.43 6.54
CA VAL B 401 -43.87 6.37 7.51
C VAL B 401 -45.04 5.47 7.11
N THR B 402 -46.29 5.94 7.21
CA THR B 402 -47.43 5.17 6.70
C THR B 402 -48.12 5.93 5.58
N GLY B 403 -48.05 7.24 5.62
CA GLY B 403 -48.60 8.06 4.54
C GLY B 403 -48.40 7.46 3.14
N GLN B 404 -49.40 7.62 2.29
CA GLN B 404 -49.28 7.21 0.89
C GLN B 404 -48.73 8.37 0.02
N ILE B 405 -48.78 9.61 0.56
CA ILE B 405 -48.54 10.83 -0.22
C ILE B 405 -49.59 11.02 -1.34
N ARG B 406 -50.87 11.10 -0.94
CA ARG B 406 -51.97 11.45 -1.85
C ARG B 406 -51.68 12.81 -2.46
N HIS B 407 -51.57 13.80 -1.58
CA HIS B 407 -51.12 15.13 -1.95
C HIS B 407 -50.36 15.66 -0.74
N LEU B 408 -49.25 16.34 -1.00
CA LEU B 408 -48.53 17.00 0.06
C LEU B 408 -49.17 18.34 0.33
N VAL B 409 -49.46 19.06 -0.76
CA VAL B 409 -49.84 20.48 -0.72
C VAL B 409 -50.67 20.89 0.52
N PRO B 410 -51.83 20.22 0.78
CA PRO B 410 -52.59 20.52 1.99
C PRO B 410 -51.77 20.38 3.28
N VAL B 411 -51.06 19.26 3.40
CA VAL B 411 -50.26 18.97 4.59
C VAL B 411 -49.06 19.91 4.66
N LEU B 412 -48.47 20.18 3.50
CA LEU B 412 -47.25 20.97 3.44
C LEU B 412 -47.48 22.47 3.68
N ILE B 413 -48.69 22.97 3.41
CA ILE B 413 -49.04 24.35 3.74
C ILE B 413 -49.29 24.50 5.24
N SER B 414 -50.07 23.58 5.79
CA SER B 414 -50.41 23.58 7.20
C SER B 414 -49.21 23.28 8.08
N VAL B 415 -48.25 22.51 7.57
CA VAL B 415 -46.99 22.31 8.28
C VAL B 415 -46.18 23.62 8.30
N LEU B 416 -46.24 24.36 7.20
CA LEU B 416 -45.48 25.60 7.06
C LEU B 416 -46.06 26.73 7.90
N LEU B 417 -47.38 26.93 7.83
CA LEU B 417 -48.03 27.94 8.66
C LEU B 417 -47.63 27.75 10.12
N ALA B 418 -47.68 26.49 10.57
CA ALA B 418 -47.28 26.09 11.91
C ALA B 418 -45.88 26.55 12.26
N VAL B 419 -45.00 26.59 11.27
CA VAL B 419 -43.66 27.10 11.51
C VAL B 419 -43.65 28.64 11.52
N ILE B 420 -44.17 29.28 10.47
CA ILE B 420 -44.26 30.76 10.43
C ILE B 420 -44.92 31.35 11.70
N VAL B 421 -45.99 30.71 12.16
CA VAL B 421 -46.71 31.15 13.35
C VAL B 421 -45.90 30.93 14.65
N GLY B 422 -45.46 29.70 14.88
CA GLY B 422 -44.71 29.32 16.09
C GLY B 422 -43.33 29.95 16.07
N ASN B 423 -42.94 30.39 14.88
CA ASN B 423 -41.67 31.03 14.65
C ASN B 423 -41.71 32.49 15.07
N ALA B 424 -42.91 33.01 15.33
CA ALA B 424 -43.10 34.39 15.82
C ALA B 424 -42.95 34.45 17.34
N PHE B 425 -43.71 33.62 18.04
CA PHE B 425 -43.66 33.55 19.50
C PHE B 425 -42.29 33.06 20.00
N ASN B 426 -41.92 31.85 19.59
CA ASN B 426 -40.86 31.07 20.23
C ASN B 426 -39.60 30.90 19.43
N ARG B 427 -38.57 30.39 20.09
CA ARG B 427 -37.46 29.72 19.44
C ARG B 427 -37.75 28.21 19.33
N SER B 428 -36.99 27.50 18.49
CA SER B 428 -37.20 26.06 18.31
C SER B 428 -36.95 25.32 19.62
N LEU B 429 -37.68 24.22 19.85
CA LEU B 429 -37.57 23.46 21.10
C LEU B 429 -36.12 23.09 21.38
N TYR B 430 -35.39 22.75 20.32
CA TYR B 430 -33.98 22.44 20.42
C TYR B 430 -33.11 23.65 20.80
N GLU B 431 -33.29 24.78 20.13
CA GLU B 431 -32.63 26.05 20.49
C GLU B 431 -33.05 26.55 21.88
N THR B 432 -34.33 26.38 22.22
CA THR B 432 -34.78 26.75 23.55
C THR B 432 -34.12 25.81 24.56
N LEU B 433 -34.03 24.52 24.22
CA LEU B 433 -33.33 23.54 25.07
C LEU B 433 -31.86 23.88 25.29
N VAL B 434 -31.24 24.49 24.27
CA VAL B 434 -29.85 24.92 24.36
C VAL B 434 -29.68 26.08 25.32
N LEU B 435 -30.62 27.03 25.28
CA LEU B 435 -30.68 28.11 26.25
C LEU B 435 -30.91 27.51 27.64
N MET B 436 -32.06 26.87 27.77
CA MET B 436 -32.53 26.17 28.96
C MET B 436 -31.46 25.31 29.67
N LYS B 437 -30.57 24.68 28.89
CA LYS B 437 -29.55 23.82 29.47
C LYS B 437 -28.17 24.49 29.43
N HIS B 438 -28.12 25.73 28.99
CA HIS B 438 -26.89 26.54 28.98
C HIS B 438 -25.70 25.88 28.25
N LEU B 439 -25.86 25.62 26.95
CA LEU B 439 -24.86 24.93 26.11
C LEU B 439 -24.21 25.90 25.14
N PRO B 440 -22.89 25.75 24.88
CA PRO B 440 -22.28 26.69 23.97
C PRO B 440 -22.93 26.51 22.62
N TYR B 441 -23.51 27.58 22.08
CA TYR B 441 -24.19 27.50 20.81
C TYR B 441 -23.95 28.80 20.04
N MET B 442 -23.04 28.72 19.08
CA MET B 442 -22.52 29.84 18.30
C MET B 442 -23.53 30.85 17.75
N PRO B 443 -24.70 30.39 17.25
CA PRO B 443 -25.57 31.32 16.52
C PRO B 443 -26.48 32.22 17.38
N ILE B 444 -26.59 31.93 18.68
CA ILE B 444 -27.29 32.82 19.59
C ILE B 444 -26.26 33.71 20.26
N LEU B 445 -26.58 35.00 20.35
CA LEU B 445 -25.70 35.96 21.00
C LEU B 445 -25.88 35.96 22.52
N ARG B 446 -24.79 36.21 23.22
CA ARG B 446 -24.77 36.34 24.69
C ARG B 446 -25.89 37.25 25.13
N ARG B 447 -26.62 36.83 26.16
CA ARG B 447 -27.74 37.60 26.67
C ARG B 447 -27.29 39.05 26.91
N ASP B 448 -26.03 39.23 27.30
CA ASP B 448 -25.52 40.52 27.76
C ASP B 448 -24.73 41.37 26.76
N ARG B 449 -24.67 40.95 25.49
CA ARG B 449 -23.91 41.73 24.47
C ARG B 449 -24.77 42.27 23.31
N SER B 450 -24.75 43.59 23.16
CA SER B 450 -25.39 44.22 22.00
C SER B 450 -24.54 43.92 20.77
N PRO B 451 -25.18 43.78 19.59
CA PRO B 451 -24.43 43.71 18.33
C PRO B 451 -23.78 45.04 17.96
N GLU B 452 -24.09 46.09 18.72
CA GLU B 452 -23.52 47.40 18.47
C GLU B 452 -22.13 47.55 19.05
N MET B 453 -21.88 46.82 20.15
CA MET B 453 -20.61 46.88 20.89
C MET B 453 -19.42 46.69 19.97
N THR B 454 -18.45 47.58 20.10
CA THR B 454 -17.21 47.47 19.35
C THR B 454 -16.42 46.29 19.88
N ALA B 455 -15.60 45.70 19.02
CA ALA B 455 -14.70 44.62 19.42
C ALA B 455 -13.78 45.06 20.55
N ARG B 456 -13.50 46.37 20.62
CA ARG B 456 -12.71 46.95 21.69
C ARG B 456 -13.34 46.81 23.07
N GLU B 457 -14.66 46.88 23.13
CA GLU B 457 -15.38 46.75 24.41
C GLU B 457 -15.22 45.36 25.04
N ILE B 458 -15.17 44.33 24.18
CA ILE B 458 -15.18 42.92 24.61
C ILE B 458 -13.82 42.22 24.53
N MET B 459 -12.92 42.76 23.70
CA MET B 459 -11.58 42.18 23.52
C MET B 459 -10.79 42.09 24.82
N HIS B 460 -9.92 41.09 24.88
CA HIS B 460 -9.04 40.91 26.01
C HIS B 460 -7.66 41.45 25.70
N PRO B 461 -7.15 42.36 26.57
CA PRO B 461 -5.89 43.05 26.35
C PRO B 461 -4.74 42.08 26.12
N ILE B 462 -3.86 42.42 25.19
CA ILE B 462 -2.79 41.53 24.76
C ILE B 462 -1.66 41.33 25.80
N GLU B 463 -1.54 42.27 26.74
CA GLU B 463 -0.50 42.19 27.78
C GLU B 463 -0.67 40.96 28.68
N GLY B 464 -1.91 40.68 29.07
CA GLY B 464 -2.23 39.53 29.92
C GLY B 464 -2.28 38.22 29.15
N GLU B 465 -2.75 38.29 27.91
CA GLU B 465 -2.78 37.14 27.01
C GLU B 465 -1.37 36.78 26.52
N PRO B 466 -1.05 35.48 26.33
CA PRO B 466 0.30 35.10 25.89
C PRO B 466 0.64 35.61 24.51
N HIS B 467 1.91 35.97 24.31
CA HIS B 467 2.40 36.44 23.02
C HIS B 467 3.88 36.08 22.85
N LEU B 468 4.34 36.03 21.61
CA LEU B 468 5.73 35.68 21.31
C LEU B 468 6.43 36.73 20.44
N PHE B 469 7.76 36.78 20.54
CA PHE B 469 8.59 37.67 19.73
C PHE B 469 9.57 36.85 18.89
N PRO B 470 10.06 37.39 17.76
CA PRO B 470 11.11 36.68 17.02
C PRO B 470 12.43 36.69 17.78
N ASP B 471 12.72 37.81 18.45
CA ASP B 471 13.97 38.01 19.19
C ASP B 471 14.10 37.19 20.46
N SER B 472 12.96 36.80 21.05
CA SER B 472 12.95 36.01 22.28
C SER B 472 13.60 34.65 22.07
N GLU B 473 14.69 34.41 22.82
CA GLU B 473 15.56 33.24 22.65
C GLU B 473 14.89 31.90 23.03
N PRO B 474 15.57 30.76 22.80
CA PRO B 474 14.99 29.46 23.14
C PRO B 474 14.72 29.36 24.65
N GLN B 475 15.61 29.97 25.44
CA GLN B 475 15.46 30.06 26.89
C GLN B 475 14.16 30.74 27.32
N HIS B 476 13.69 31.68 26.48
CA HIS B 476 12.47 32.43 26.73
C HIS B 476 11.24 31.57 26.49
N ILE B 477 11.14 31.02 25.28
CA ILE B 477 9.91 30.39 24.79
C ILE B 477 9.45 29.19 25.61
N LYS B 478 10.38 28.53 26.30
CA LYS B 478 10.02 27.44 27.20
C LYS B 478 9.13 27.94 28.34
N GLY B 479 9.34 29.21 28.76
CA GLY B 479 8.52 29.87 29.78
C GLY B 479 7.04 29.90 29.47
N ILE B 480 6.66 30.63 28.41
CA ILE B 480 5.25 30.73 27.99
C ILE B 480 4.63 29.35 27.78
N LEU B 481 5.42 28.44 27.18
CA LEU B 481 4.98 27.09 26.86
C LEU B 481 4.39 26.35 28.06
N GLU B 482 5.09 26.38 29.19
CA GLU B 482 4.67 25.66 30.40
C GLU B 482 3.78 26.47 31.34
N LYS B 483 3.98 27.80 31.36
CA LYS B 483 3.18 28.69 32.21
C LYS B 483 1.79 28.92 31.62
N PHE B 484 1.71 28.83 30.30
CA PHE B 484 0.44 28.76 29.60
C PHE B 484 0.35 27.38 28.92
N PRO B 485 0.04 26.33 29.69
CA PRO B 485 -0.17 25.05 29.00
C PRO B 485 -1.46 25.10 28.18
N ASN B 486 -1.79 24.03 27.46
CA ASN B 486 -3.04 23.95 26.71
C ASN B 486 -3.21 25.02 25.62
N ARG B 487 -2.24 25.93 25.51
CA ARG B 487 -2.29 26.95 24.47
C ARG B 487 -1.75 26.34 23.18
N LEU B 488 -2.45 26.61 22.08
CA LEU B 488 -2.17 25.93 20.80
C LEU B 488 -1.68 26.92 19.73
N VAL B 489 -2.13 28.16 19.84
CA VAL B 489 -1.68 29.24 18.97
C VAL B 489 -0.93 30.24 19.82
N PHE B 490 0.18 30.76 19.31
CA PHE B 490 0.90 31.85 19.96
C PHE B 490 1.01 33.02 19.00
N PRO B 491 0.31 34.14 19.30
CA PRO B 491 0.44 35.35 18.49
C PRO B 491 1.88 35.83 18.51
N VAL B 492 2.43 36.13 17.33
CA VAL B 492 3.83 36.56 17.24
C VAL B 492 3.99 37.97 16.65
N ILE B 493 4.53 38.88 17.46
CA ILE B 493 4.71 40.28 17.08
C ILE B 493 6.15 40.74 17.30
N ASP B 494 6.55 41.83 16.65
CA ASP B 494 7.88 42.42 16.89
C ASP B 494 7.95 43.23 18.21
N ALA B 495 9.02 43.99 18.41
CA ALA B 495 9.02 45.02 19.43
C ALA B 495 8.24 46.20 18.86
N ASN B 496 7.48 46.89 19.71
CA ASN B 496 6.43 47.82 19.25
C ASN B 496 5.46 47.03 18.40
N GLY B 497 5.00 45.92 18.99
CA GLY B 497 4.45 44.75 18.30
C GLY B 497 3.52 44.83 17.10
N TYR B 498 3.95 44.24 15.98
CA TYR B 498 3.13 44.21 14.78
C TYR B 498 2.82 42.79 14.29
N LEU B 499 1.64 42.62 13.70
CA LEU B 499 1.04 41.32 13.51
C LEU B 499 1.71 40.29 12.58
N LEU B 500 1.85 39.08 13.12
CA LEU B 500 2.08 37.82 12.40
C LEU B 500 1.39 36.70 13.23
N GLY B 501 1.71 35.43 12.99
CA GLY B 501 1.05 34.36 13.75
C GLY B 501 1.67 32.99 13.61
N ALA B 502 2.28 32.48 14.68
CA ALA B 502 2.94 31.17 14.66
C ALA B 502 2.14 30.15 15.44
N ILE B 503 2.30 28.87 15.08
CA ILE B 503 1.66 27.79 15.85
C ILE B 503 2.38 27.65 17.18
N SER B 504 1.77 26.90 18.09
CA SER B 504 2.46 26.48 19.30
C SER B 504 3.08 25.12 19.12
N ARG B 505 2.25 24.11 18.96
CA ARG B 505 2.68 22.78 19.31
C ARG B 505 3.43 22.00 18.23
N LYS B 506 2.81 21.80 17.05
CA LYS B 506 3.49 21.09 15.97
C LYS B 506 4.88 21.70 15.70
N GLU B 507 4.96 23.03 15.54
CA GLU B 507 6.25 23.65 15.23
C GLU B 507 7.15 24.02 16.41
N ILE B 508 6.66 24.86 17.34
CA ILE B 508 7.51 25.36 18.44
C ILE B 508 8.09 24.24 19.33
N VAL B 509 7.30 23.21 19.59
CA VAL B 509 7.78 22.05 20.35
C VAL B 509 8.80 21.23 19.55
N ASP B 510 8.63 21.17 18.23
CA ASP B 510 9.56 20.45 17.36
C ASP B 510 10.79 21.30 16.95
N ARG B 511 10.63 22.62 16.95
CA ARG B 511 11.77 23.54 16.73
C ARG B 511 12.57 23.75 18.02
N LEU B 512 12.06 23.21 19.13
CA LEU B 512 12.76 23.21 20.40
C LEU B 512 13.60 21.94 20.52
N GLN B 513 13.13 20.86 19.89
CA GLN B 513 13.83 19.58 19.91
C GLN B 513 15.19 19.61 19.21
N HIS B 514 15.73 20.81 19.00
CA HIS B 514 17.08 20.99 18.46
C HIS B 514 17.93 21.84 19.41
N VAL B 515 17.28 22.74 20.14
CA VAL B 515 17.95 23.60 21.12
C VAL B 515 17.34 23.41 22.51
N VAL B 571 10.36 29.87 16.55
CA VAL B 571 10.82 31.21 16.18
C VAL B 571 9.93 31.78 15.06
N VAL B 572 10.29 31.48 13.82
CA VAL B 572 9.64 31.99 12.60
C VAL B 572 10.36 31.23 11.46
N PRO B 573 9.74 31.09 10.27
CA PRO B 573 8.48 31.54 9.68
C PRO B 573 7.24 31.04 10.39
N CYS B 574 6.13 31.72 10.17
CA CYS B 574 4.86 31.35 10.77
C CYS B 574 4.15 30.31 9.91
N ASP B 575 3.09 29.72 10.46
CA ASP B 575 2.31 28.71 9.73
C ASP B 575 0.80 28.81 9.96
N VAL B 576 0.37 29.73 10.81
CA VAL B 576 -1.06 29.93 11.07
C VAL B 576 -1.53 31.35 10.70
N SER B 577 -2.59 31.43 9.92
CA SER B 577 -3.17 32.72 9.58
C SER B 577 -4.43 32.90 10.40
N PRO B 578 -4.42 33.89 11.29
CA PRO B 578 -5.55 34.13 12.19
C PRO B 578 -6.52 35.17 11.64
N ILE B 579 -7.81 34.98 11.88
CA ILE B 579 -8.75 35.97 11.40
C ILE B 579 -8.64 37.24 12.26
N VAL B 580 -7.87 38.19 11.74
CA VAL B 580 -7.66 39.45 12.42
C VAL B 580 -8.75 40.45 12.03
N VAL B 581 -9.09 41.33 12.94
CA VAL B 581 -10.19 42.26 12.74
C VAL B 581 -9.82 43.59 13.39
N THR B 582 -10.22 44.70 12.79
CA THR B 582 -9.96 46.04 13.35
C THR B 582 -10.78 46.31 14.62
N SER B 583 -10.24 47.14 15.49
CA SER B 583 -10.81 47.39 16.82
C SER B 583 -12.16 48.10 16.84
N TYR B 584 -12.57 48.66 15.70
CA TYR B 584 -13.86 49.37 15.59
C TYR B 584 -14.96 48.49 14.98
N SER B 585 -14.55 47.34 14.42
CA SER B 585 -15.48 46.32 13.93
C SER B 585 -16.38 45.88 15.08
N LEU B 586 -17.69 45.89 14.87
CA LEU B 586 -18.62 45.64 15.96
C LEU B 586 -19.04 44.18 16.09
N VAL B 587 -19.70 43.82 17.19
CA VAL B 587 -20.11 42.44 17.45
C VAL B 587 -21.04 41.87 16.39
N ARG B 588 -21.95 42.70 15.85
CA ARG B 588 -22.84 42.24 14.77
C ARG B 588 -22.03 41.61 13.64
N GLN B 589 -20.73 41.89 13.61
CA GLN B 589 -19.83 41.32 12.61
C GLN B 589 -18.73 40.41 13.15
N LEU B 590 -18.47 40.43 14.47
CA LEU B 590 -17.63 39.42 15.08
C LEU B 590 -18.42 38.12 15.15
N HIS B 591 -19.68 38.26 15.55
CA HIS B 591 -20.59 37.14 15.71
C HIS B 591 -20.71 36.37 14.41
N PHE B 592 -20.66 37.07 13.28
CA PHE B 592 -20.85 36.46 11.96
C PHE B 592 -19.66 35.60 11.61
N LEU B 593 -18.47 36.11 11.91
CA LEU B 593 -17.23 35.41 11.60
C LEU B 593 -17.11 34.15 12.44
N PHE B 594 -17.66 34.20 13.64
CA PHE B 594 -17.69 33.04 14.53
C PHE B 594 -18.64 31.94 14.06
N VAL B 595 -19.69 32.32 13.35
CA VAL B 595 -20.69 31.36 12.90
C VAL B 595 -20.22 30.70 11.60
N MET B 596 -19.72 31.51 10.67
CA MET B 596 -19.30 31.05 9.34
C MET B 596 -17.90 30.46 9.35
N LEU B 597 -16.92 31.22 9.78
CA LEU B 597 -15.54 30.75 9.79
C LEU B 597 -15.28 29.77 10.92
N MET B 598 -16.02 29.92 12.02
CA MET B 598 -15.99 28.98 13.13
C MET B 598 -14.63 28.85 13.84
N PRO B 599 -13.90 29.96 14.03
CA PRO B 599 -12.61 29.87 14.71
C PRO B 599 -12.77 29.94 16.22
N SER B 600 -11.68 29.72 16.95
CA SER B 600 -11.75 29.76 18.40
C SER B 600 -11.35 31.12 18.93
N MET B 601 -10.62 31.88 18.10
CA MET B 601 -10.07 33.18 18.49
C MET B 601 -9.94 34.13 17.30
N ILE B 602 -10.19 35.41 17.56
CA ILE B 602 -10.09 36.44 16.54
C ILE B 602 -9.16 37.51 17.12
N TYR B 603 -8.20 37.97 16.32
CA TYR B 603 -7.21 38.94 16.77
C TYR B 603 -7.70 40.34 16.48
N VAL B 604 -7.43 41.27 17.39
CA VAL B 604 -7.86 42.64 17.22
C VAL B 604 -6.68 43.52 16.79
N THR B 605 -6.87 44.28 15.72
CA THR B 605 -5.88 45.21 15.19
C THR B 605 -6.28 46.64 15.53
N GLU B 606 -5.38 47.33 16.23
CA GLU B 606 -5.53 48.74 16.53
C GLU B 606 -4.30 49.44 15.95
N ARG B 607 -4.51 50.12 14.83
CA ARG B 607 -3.45 50.83 14.10
C ARG B 607 -2.32 49.94 13.58
N GLY B 608 -2.60 48.66 13.41
CA GLY B 608 -1.60 47.70 12.93
C GLY B 608 -1.06 46.82 14.04
N LYS B 609 -1.04 47.37 15.26
CA LYS B 609 -0.56 46.66 16.43
C LYS B 609 -1.57 45.61 16.87
N LEU B 610 -1.07 44.49 17.41
CA LEU B 610 -1.96 43.50 17.99
C LEU B 610 -2.39 43.99 19.37
N VAL B 611 -3.64 44.44 19.45
CA VAL B 611 -4.21 44.93 20.70
C VAL B 611 -5.43 44.11 21.05
N GLY B 612 -5.22 42.93 21.61
CA GLY B 612 -6.32 42.12 22.10
C GLY B 612 -6.78 40.91 21.31
N ILE B 613 -7.16 39.87 22.04
CA ILE B 613 -7.80 38.67 21.49
C ILE B 613 -9.27 38.72 21.86
N VAL B 614 -10.13 38.28 20.95
CA VAL B 614 -11.52 38.06 21.33
C VAL B 614 -11.85 36.55 21.32
N GLU B 615 -11.93 35.98 22.52
CA GLU B 615 -12.34 34.60 22.72
C GLU B 615 -13.70 34.37 22.08
N ARG B 616 -14.00 33.12 21.76
CA ARG B 616 -15.28 32.73 21.18
C ARG B 616 -16.32 32.66 22.29
N GLU B 617 -15.82 32.58 23.53
CA GLU B 617 -16.64 32.66 24.74
C GLU B 617 -17.15 34.09 25.02
N ASP B 618 -16.60 35.07 24.30
CA ASP B 618 -16.92 36.49 24.54
C ASP B 618 -18.14 36.97 23.76
N VAL B 619 -18.63 36.12 22.86
CA VAL B 619 -19.68 36.52 21.92
C VAL B 619 -20.81 35.50 21.89
N ALA B 620 -20.46 34.22 21.79
CA ALA B 620 -21.43 33.13 21.73
C ALA B 620 -22.16 33.00 23.05
N TYR B 621 -23.48 32.78 22.97
CA TYR B 621 -24.24 32.38 24.16
C TYR B 621 -23.76 31.00 24.61
N GLY B 622 -22.59 30.96 25.23
CA GLY B 622 -22.01 29.69 25.64
C GLY B 622 -21.92 29.60 27.13
N TYR B 623 -22.71 28.70 27.71
CA TYR B 623 -22.65 28.44 29.15
C TYR B 623 -21.30 27.82 29.54
N SER B 624 -20.88 26.83 28.76
CA SER B 624 -19.60 26.15 28.96
C SER B 624 -19.61 25.36 30.27
N ASN B 625 -18.65 25.67 31.16
CA ASN B 625 -18.60 25.08 32.50
C ASN B 625 -18.01 23.67 32.52
N SER C 3 -40.13 43.13 14.28
CA SER C 3 -40.12 41.67 14.60
C SER C 3 -41.30 40.95 13.94
N LEU C 4 -42.36 41.72 13.65
CA LEU C 4 -43.57 41.19 12.98
C LEU C 4 -43.72 41.87 11.63
N MET C 5 -43.36 43.15 11.57
CA MET C 5 -43.31 43.89 10.33
C MET C 5 -42.26 43.29 9.42
N TYR C 6 -41.27 42.69 10.06
CA TYR C 6 -40.22 41.93 9.40
C TYR C 6 -40.80 40.73 8.68
N LEU C 7 -41.49 39.87 9.43
CA LEU C 7 -42.11 38.66 8.89
C LEU C 7 -43.19 38.93 7.82
N LEU C 8 -44.10 39.87 8.11
CA LEU C 8 -45.20 40.18 7.20
C LEU C 8 -44.75 40.83 5.89
N ARG C 9 -43.59 41.48 5.92
CA ARG C 9 -42.99 42.03 4.71
C ARG C 9 -42.48 40.89 3.85
N LEU C 10 -41.74 40.00 4.49
CA LEU C 10 -41.13 38.83 3.85
C LEU C 10 -42.23 37.92 3.28
N VAL C 11 -43.20 37.54 4.11
CA VAL C 11 -44.31 36.68 3.66
C VAL C 11 -45.03 37.30 2.45
N CYS C 12 -45.29 38.61 2.53
CA CYS C 12 -45.91 39.37 1.44
C CYS C 12 -45.14 39.26 0.14
N PHE C 13 -43.81 39.20 0.24
CA PHE C 13 -42.92 39.17 -0.93
C PHE C 13 -42.90 37.83 -1.60
N LEU C 14 -42.75 36.80 -0.79
CA LEU C 14 -42.57 35.44 -1.28
C LEU C 14 -43.87 34.91 -1.88
N THR C 15 -45.00 35.31 -1.31
CA THR C 15 -46.30 34.87 -1.83
C THR C 15 -46.58 35.61 -3.14
N LEU C 16 -46.30 36.91 -3.18
CA LEU C 16 -46.48 37.71 -4.40
C LEU C 16 -45.50 37.31 -5.50
N LEU C 17 -44.32 36.81 -5.12
CA LEU C 17 -43.36 36.24 -6.07
C LEU C 17 -43.88 34.91 -6.58
N GLY C 18 -44.04 33.96 -5.67
CA GLY C 18 -44.52 32.62 -6.00
C GLY C 18 -45.72 32.58 -6.92
N VAL C 19 -46.75 33.37 -6.57
CA VAL C 19 -47.94 33.49 -7.41
C VAL C 19 -47.55 33.92 -8.83
N THR C 20 -47.04 35.15 -8.97
CA THR C 20 -46.77 35.71 -10.31
C THR C 20 -45.67 34.99 -11.08
N ALA C 21 -44.88 34.16 -10.38
CA ALA C 21 -43.89 33.31 -11.04
C ALA C 21 -44.59 32.13 -11.71
N ALA C 22 -45.28 31.32 -10.90
CA ALA C 22 -46.05 30.18 -11.42
C ALA C 22 -47.15 30.62 -12.38
N LEU C 23 -47.52 31.90 -12.33
CA LEU C 23 -48.54 32.43 -13.21
C LEU C 23 -47.93 32.72 -14.58
N PHE C 24 -46.73 33.31 -14.56
CA PHE C 24 -46.01 33.69 -15.77
C PHE C 24 -45.58 32.45 -16.54
N ILE C 25 -45.15 31.44 -15.79
CA ILE C 25 -44.70 30.17 -16.37
C ILE C 25 -45.90 29.41 -16.94
N PHE C 26 -47.06 29.59 -16.31
CA PHE C 26 -48.29 29.01 -16.84
C PHE C 26 -48.62 29.64 -18.19
N ALA C 27 -48.35 30.94 -18.32
CA ALA C 27 -48.55 31.65 -19.58
C ALA C 27 -47.56 31.20 -20.67
N VAL C 28 -46.31 30.93 -20.26
CA VAL C 28 -45.27 30.37 -21.14
C VAL C 28 -45.75 29.02 -21.68
N ASP C 29 -46.17 28.16 -20.76
CA ASP C 29 -46.66 26.82 -21.07
C ASP C 29 -47.90 26.86 -21.94
N LEU C 30 -48.77 27.85 -21.67
CA LEU C 30 -49.99 28.07 -22.44
C LEU C 30 -49.66 28.49 -23.86
N ALA C 31 -48.61 29.29 -24.01
CA ALA C 31 -48.19 29.81 -25.30
C ALA C 31 -47.40 28.79 -26.13
N VAL C 32 -46.86 27.77 -25.48
CA VAL C 32 -46.15 26.69 -26.20
C VAL C 32 -47.15 25.69 -26.78
N HIS C 33 -48.20 25.41 -26.01
CA HIS C 33 -49.28 24.51 -26.41
C HIS C 33 -50.14 25.06 -27.56
N GLY C 34 -50.09 26.38 -27.74
CA GLY C 34 -50.83 27.03 -28.82
C GLY C 34 -49.99 27.13 -30.08
N LEU C 35 -48.74 27.54 -29.92
CA LEU C 35 -47.79 27.70 -31.02
C LEU C 35 -47.50 26.39 -31.73
N GLU C 36 -47.60 25.28 -30.99
CA GLU C 36 -47.49 23.95 -31.57
C GLU C 36 -48.75 23.58 -32.37
N GLU C 37 -49.92 23.94 -31.85
CA GLU C 37 -51.19 23.64 -32.53
C GLU C 37 -51.45 24.52 -33.75
N LEU C 38 -50.88 25.71 -33.76
CA LEU C 38 -50.85 26.55 -34.96
C LEU C 38 -50.02 25.83 -36.01
N ARG C 39 -48.76 25.55 -35.67
CA ARG C 39 -47.81 24.83 -36.53
C ARG C 39 -48.39 23.54 -37.12
N MET C 40 -49.28 22.88 -36.37
CA MET C 40 -49.90 21.67 -36.85
C MET C 40 -51.04 21.96 -37.85
N LYS C 41 -51.79 23.03 -37.62
CA LYS C 41 -52.85 23.47 -38.53
C LYS C 41 -52.28 23.78 -39.90
N ILE C 42 -51.18 24.53 -39.93
CA ILE C 42 -50.47 24.88 -41.16
C ILE C 42 -50.23 23.66 -42.05
N SER C 43 -49.86 22.54 -41.43
CA SER C 43 -49.54 21.32 -42.15
C SER C 43 -50.75 20.56 -42.68
N ARG C 44 -51.75 20.36 -41.83
CA ARG C 44 -52.93 19.57 -42.20
C ARG C 44 -53.85 20.26 -43.21
N LEU C 45 -53.62 21.55 -43.46
CA LEU C 45 -54.42 22.31 -44.43
C LEU C 45 -53.95 22.07 -45.87
N ALA C 46 -52.66 21.79 -46.03
CA ALA C 46 -52.07 21.47 -47.33
C ALA C 46 -52.10 19.96 -47.59
N GLY C 47 -51.69 19.54 -48.79
CA GLY C 47 -51.55 18.12 -49.14
C GLY C 47 -50.61 17.35 -48.22
N ARG C 48 -50.60 16.02 -48.34
CA ARG C 48 -49.81 15.16 -47.42
C ARG C 48 -48.30 15.28 -47.64
N PHE C 49 -47.91 15.25 -48.91
CA PHE C 49 -46.51 15.44 -49.33
C PHE C 49 -45.92 16.73 -48.75
N ALA C 50 -46.55 17.86 -49.09
CA ALA C 50 -46.13 19.18 -48.62
C ALA C 50 -46.47 19.39 -47.15
N GLY C 51 -47.52 18.72 -46.68
CA GLY C 51 -47.93 18.80 -45.28
C GLY C 51 -46.83 18.40 -44.32
N TYR C 52 -45.87 17.62 -44.81
CA TYR C 52 -44.71 17.22 -44.02
C TYR C 52 -43.59 18.25 -44.06
N ILE C 53 -43.32 18.82 -45.25
CA ILE C 53 -42.26 19.81 -45.42
C ILE C 53 -42.65 21.16 -44.78
N LEU C 54 -43.93 21.51 -44.82
CA LEU C 54 -44.42 22.69 -44.11
C LEU C 54 -44.38 22.53 -42.59
N TYR C 55 -44.25 21.30 -42.11
CA TYR C 55 -44.01 21.03 -40.70
C TYR C 55 -42.56 21.37 -40.38
N VAL C 56 -41.65 20.94 -41.23
CA VAL C 56 -40.22 21.15 -41.04
C VAL C 56 -39.84 22.62 -41.21
N VAL C 57 -40.35 23.25 -42.27
CA VAL C 57 -40.06 24.67 -42.54
C VAL C 57 -40.55 25.58 -41.40
N SER C 58 -41.78 25.37 -40.93
CA SER C 58 -42.30 26.08 -39.78
C SER C 58 -41.43 25.83 -38.56
N GLY C 59 -40.88 24.61 -38.48
CA GLY C 59 -40.03 24.20 -37.37
C GLY C 59 -38.69 24.91 -37.31
N VAL C 60 -38.03 25.02 -38.45
CA VAL C 60 -36.77 25.78 -38.53
C VAL C 60 -37.05 27.25 -38.28
N ALA C 61 -38.06 27.80 -38.95
CA ALA C 61 -38.45 29.21 -38.80
C ALA C 61 -38.56 29.62 -37.33
N LEU C 62 -39.28 28.83 -36.54
CA LEU C 62 -39.47 29.14 -35.13
C LEU C 62 -38.19 29.03 -34.31
N CYS C 63 -37.22 28.25 -34.82
CA CYS C 63 -35.90 28.13 -34.18
C CYS C 63 -34.99 29.30 -34.53
N LEU C 64 -35.21 29.88 -35.71
CA LEU C 64 -34.50 31.07 -36.15
C LEU C 64 -35.04 32.30 -35.42
N LEU C 65 -36.36 32.33 -35.21
CA LEU C 65 -37.00 33.42 -34.48
C LEU C 65 -36.60 33.39 -33.01
N SER C 66 -36.32 32.18 -32.51
CA SER C 66 -35.89 31.96 -31.13
C SER C 66 -34.53 32.59 -30.85
N THR C 67 -33.55 32.26 -31.70
CA THR C 67 -32.19 32.82 -31.58
C THR C 67 -32.19 34.32 -31.90
N PHE C 68 -33.08 34.75 -32.80
CA PHE C 68 -33.26 36.16 -33.15
C PHE C 68 -33.72 36.98 -31.93
N TRP C 69 -34.69 36.46 -31.18
CA TRP C 69 -35.17 37.12 -29.96
C TRP C 69 -34.02 37.43 -28.99
N CYS C 70 -33.18 36.43 -28.74
CA CYS C 70 -31.99 36.58 -27.89
C CYS C 70 -31.06 37.65 -28.43
N ALA C 71 -30.87 37.65 -29.74
CA ALA C 71 -29.97 38.60 -30.41
C ALA C 71 -30.48 40.04 -30.31
N VAL C 72 -31.74 40.26 -30.70
CA VAL C 72 -32.33 41.60 -30.79
C VAL C 72 -32.65 42.25 -29.42
N LEU C 73 -32.83 41.42 -28.38
CA LEU C 73 -33.17 41.90 -27.04
C LEU C 73 -31.98 41.85 -26.08
N SER C 74 -31.63 40.65 -25.62
CA SER C 74 -30.47 40.46 -24.75
C SER C 74 -29.83 39.08 -24.94
N THR C 75 -28.60 39.06 -25.45
CA THR C 75 -27.92 37.78 -25.72
C THR C 75 -27.51 37.09 -24.43
N GLU C 76 -27.59 37.80 -23.31
CA GLU C 76 -27.33 37.22 -21.99
C GLU C 76 -28.41 36.19 -21.64
N ALA C 77 -29.45 36.14 -22.47
CA ALA C 77 -30.58 35.21 -22.30
C ALA C 77 -30.38 33.88 -23.03
N GLU C 78 -29.19 33.68 -23.59
CA GLU C 78 -28.89 32.44 -24.30
C GLU C 78 -28.50 31.35 -23.33
N GLY C 79 -28.81 30.11 -23.69
CA GLY C 79 -28.49 28.97 -22.85
C GLY C 79 -29.45 28.74 -21.70
N SER C 80 -29.04 27.88 -20.77
CA SER C 80 -29.85 27.42 -19.64
C SER C 80 -30.36 28.56 -18.76
N GLY C 81 -29.46 29.24 -18.08
CA GLY C 81 -29.82 30.30 -17.14
C GLY C 81 -29.45 29.91 -15.72
N LEU C 82 -29.62 28.62 -15.39
CA LEU C 82 -29.25 28.10 -14.07
C LEU C 82 -27.76 28.36 -13.78
N PRO C 83 -26.86 27.94 -14.71
CA PRO C 83 -25.46 28.34 -14.64
C PRO C 83 -25.24 29.84 -14.43
N GLN C 84 -25.96 30.67 -15.19
CA GLN C 84 -25.85 32.13 -15.09
C GLN C 84 -26.29 32.64 -13.71
N MET C 85 -27.17 31.86 -13.07
CA MET C 85 -27.72 32.20 -11.76
C MET C 85 -26.81 31.68 -10.66
N LYS C 86 -26.32 30.45 -10.86
CA LYS C 86 -25.33 29.81 -9.99
C LYS C 86 -24.15 30.75 -9.78
N SER C 87 -23.89 31.56 -10.81
CA SER C 87 -22.87 32.59 -10.78
C SER C 87 -23.24 33.70 -9.80
N ILE C 88 -24.42 34.28 -9.99
CA ILE C 88 -24.91 35.38 -9.16
C ILE C 88 -24.95 35.02 -7.67
N LEU C 89 -25.51 33.85 -7.35
CA LEU C 89 -25.64 33.40 -5.97
C LEU C 89 -24.32 32.96 -5.37
N SER C 90 -23.30 32.93 -6.23
CA SER C 90 -21.97 32.54 -5.82
C SER C 90 -21.20 33.71 -5.18
N GLY C 91 -21.65 34.93 -5.47
CA GLY C 91 -21.01 36.12 -4.92
C GLY C 91 -20.58 37.07 -6.01
N PHE C 92 -21.26 37.00 -7.15
CA PHE C 92 -20.93 37.83 -8.26
C PHE C 92 -22.14 38.62 -8.70
N TYR C 93 -23.06 38.88 -7.76
CA TYR C 93 -24.27 39.68 -8.08
C TYR C 93 -23.96 41.02 -8.72
N ASP C 94 -22.93 41.70 -8.21
CA ASP C 94 -22.47 42.98 -8.77
C ASP C 94 -21.98 42.87 -10.21
N LYS C 95 -21.39 41.72 -10.56
CA LYS C 95 -20.85 41.47 -11.90
C LYS C 95 -21.85 40.91 -12.93
N MET C 96 -22.82 40.12 -12.47
CA MET C 96 -23.78 39.48 -13.38
C MET C 96 -25.15 40.14 -13.39
N ARG C 97 -25.29 41.20 -12.59
CA ARG C 97 -26.52 41.99 -12.43
C ARG C 97 -27.25 42.25 -13.74
N SER C 98 -26.49 42.18 -14.83
CA SER C 98 -26.95 42.49 -16.17
C SER C 98 -27.92 41.44 -16.69
N ALA C 99 -27.76 40.20 -16.22
CA ALA C 99 -28.57 39.09 -16.68
C ALA C 99 -29.99 39.13 -16.12
N LEU C 100 -30.19 39.94 -15.08
CA LEU C 100 -31.49 40.05 -14.40
C LEU C 100 -32.38 41.22 -14.88
N GLU C 101 -31.87 42.02 -15.82
CA GLU C 101 -32.60 43.14 -16.40
C GLU C 101 -33.94 42.71 -17.00
N LEU C 102 -34.94 43.58 -16.90
CA LEU C 102 -36.30 43.26 -17.37
C LEU C 102 -36.25 42.77 -18.82
N ARG C 103 -35.43 43.43 -19.63
CA ARG C 103 -35.34 43.15 -21.07
C ARG C 103 -34.90 41.72 -21.38
N VAL C 104 -34.19 41.09 -20.44
CA VAL C 104 -33.75 39.70 -20.58
C VAL C 104 -34.91 38.71 -20.34
N LEU C 105 -35.88 39.12 -19.53
CA LEU C 105 -37.10 38.33 -19.30
C LEU C 105 -37.82 38.08 -20.62
N PHE C 106 -37.81 39.08 -21.49
CA PHE C 106 -38.49 38.96 -22.77
C PHE C 106 -37.75 38.04 -23.73
N ALA C 107 -36.42 38.18 -23.80
CA ALA C 107 -35.61 37.32 -24.67
C ALA C 107 -35.52 35.89 -24.16
N LYS C 108 -35.74 35.69 -22.86
CA LYS C 108 -35.82 34.34 -22.31
C LYS C 108 -37.15 33.66 -22.60
N ALA C 109 -38.25 34.33 -22.27
CA ALA C 109 -39.60 33.75 -22.44
C ALA C 109 -40.11 33.75 -23.89
N LEU C 110 -39.65 34.71 -24.71
CA LEU C 110 -39.92 34.66 -26.15
C LEU C 110 -39.06 33.59 -26.82
N GLY C 111 -37.79 33.52 -26.42
CA GLY C 111 -36.85 32.54 -26.95
C GLY C 111 -37.30 31.12 -26.68
N LEU C 112 -37.76 30.87 -25.45
CA LEU C 112 -38.18 29.55 -25.01
C LEU C 112 -39.44 29.06 -25.73
N ILE C 113 -40.50 29.87 -25.71
CA ILE C 113 -41.73 29.57 -26.43
C ILE C 113 -41.42 29.15 -27.87
N CYS C 114 -40.59 29.94 -28.55
CA CYS C 114 -40.23 29.66 -29.94
C CYS C 114 -39.29 28.48 -30.12
N ALA C 115 -38.45 28.20 -29.12
CA ALA C 115 -37.51 27.09 -29.20
C ALA C 115 -38.22 25.75 -29.12
N ILE C 116 -39.02 25.56 -28.08
CA ILE C 116 -39.79 24.32 -27.90
C ILE C 116 -40.88 24.23 -28.98
N GLY C 117 -41.41 25.38 -29.37
CA GLY C 117 -42.42 25.46 -30.41
C GLY C 117 -41.90 24.96 -31.74
N GLY C 118 -40.66 25.33 -32.04
CA GLY C 118 -40.01 24.94 -33.29
C GLY C 118 -39.59 23.49 -33.34
N GLY C 119 -39.80 22.77 -32.23
CA GLY C 119 -39.52 21.34 -32.16
C GLY C 119 -38.08 20.99 -31.84
N LEU C 120 -37.43 21.82 -31.03
CA LEU C 120 -36.10 21.50 -30.52
C LEU C 120 -36.22 20.59 -29.31
N PRO C 121 -35.31 19.61 -29.18
CA PRO C 121 -35.25 18.74 -28.00
C PRO C 121 -34.67 19.47 -26.78
N VAL C 122 -35.43 20.43 -26.28
CA VAL C 122 -34.92 21.40 -25.30
C VAL C 122 -35.90 21.58 -24.17
N GLY C 123 -35.39 21.59 -22.93
CA GLY C 123 -36.22 21.74 -21.74
C GLY C 123 -36.53 23.19 -21.36
N TRP C 124 -37.10 23.37 -20.17
CA TRP C 124 -37.46 24.70 -19.70
C TRP C 124 -37.02 24.95 -18.25
N GLU C 125 -36.45 23.92 -17.63
CA GLU C 125 -36.04 23.95 -16.21
C GLU C 125 -35.09 25.09 -15.88
N GLY C 126 -34.06 25.25 -16.71
CA GLY C 126 -33.12 26.34 -16.57
C GLY C 126 -33.78 27.66 -16.90
N PRO C 127 -34.16 27.87 -18.17
CA PRO C 127 -34.77 29.13 -18.57
C PRO C 127 -35.81 29.58 -17.55
N ASN C 128 -36.56 28.62 -17.01
CA ASN C 128 -37.60 28.91 -16.05
C ASN C 128 -37.08 29.50 -14.73
N VAL C 129 -36.02 28.91 -14.18
CA VAL C 129 -35.39 29.46 -12.97
C VAL C 129 -34.97 30.91 -13.23
N HIS C 130 -34.36 31.12 -14.40
CA HIS C 130 -33.92 32.44 -14.82
C HIS C 130 -35.06 33.45 -14.80
N ILE C 131 -36.21 33.04 -15.31
CA ILE C 131 -37.39 33.90 -15.34
C ILE C 131 -37.75 34.35 -13.93
N ALA C 132 -37.86 33.37 -13.03
CA ALA C 132 -38.29 33.60 -11.66
C ALA C 132 -37.41 34.58 -10.94
N CYS C 133 -36.12 34.53 -11.25
CA CYS C 133 -35.17 35.46 -10.65
C CYS C 133 -35.40 36.91 -11.09
N ILE C 134 -35.70 37.08 -12.37
CA ILE C 134 -35.93 38.40 -12.95
C ILE C 134 -37.22 39.02 -12.42
N ILE C 135 -38.25 38.19 -12.30
CA ILE C 135 -39.52 38.57 -11.65
C ILE C 135 -39.25 38.98 -10.19
N ALA C 136 -38.48 38.16 -9.48
CA ALA C 136 -38.12 38.43 -8.10
C ALA C 136 -37.25 39.67 -7.98
N HIS C 137 -36.52 39.98 -9.05
CA HIS C 137 -35.69 41.16 -9.11
C HIS C 137 -36.52 42.41 -9.37
N GLN C 138 -37.63 42.24 -10.10
CA GLN C 138 -38.48 43.36 -10.41
C GLN C 138 -39.22 43.81 -9.16
N PHE C 139 -39.81 42.86 -8.44
CA PHE C 139 -40.43 43.14 -7.14
C PHE C 139 -39.51 43.93 -6.22
N TYR C 140 -38.20 43.65 -6.32
CA TYR C 140 -37.17 44.32 -5.54
C TYR C 140 -37.16 45.82 -5.75
N ARG C 141 -37.79 46.27 -6.82
CA ARG C 141 -37.85 47.70 -7.13
C ARG C 141 -38.88 48.46 -6.28
N LEU C 142 -39.93 47.77 -5.85
CA LEU C 142 -40.95 48.36 -4.97
C LEU C 142 -40.35 48.77 -3.62
N GLY C 143 -40.83 49.90 -3.10
CA GLY C 143 -40.31 50.45 -1.85
C GLY C 143 -40.24 49.44 -0.73
N VAL C 144 -41.37 48.79 -0.48
CA VAL C 144 -41.49 47.84 0.63
C VAL C 144 -40.52 46.67 0.50
N PHE C 145 -40.16 46.33 -0.73
CA PHE C 145 -39.30 45.16 -0.97
C PHE C 145 -37.84 45.49 -1.27
N LYS C 146 -37.52 46.78 -1.46
CA LYS C 146 -36.16 47.17 -1.88
C LYS C 146 -35.05 46.73 -0.92
N GLU C 147 -35.31 46.81 0.38
CA GLU C 147 -34.38 46.38 1.43
C GLU C 147 -33.97 44.91 1.27
N LEU C 148 -34.89 44.10 0.75
CA LEU C 148 -34.67 42.67 0.54
C LEU C 148 -33.53 42.36 -0.42
N CYS C 149 -33.17 43.34 -1.23
CA CYS C 149 -32.04 43.20 -2.17
C CYS C 149 -30.78 43.82 -1.59
N THR C 150 -30.95 44.95 -0.89
CA THR C 150 -29.86 45.64 -0.21
C THR C 150 -29.09 44.68 0.69
N ASP C 151 -29.80 44.12 1.67
CA ASP C 151 -29.21 43.19 2.62
C ASP C 151 -28.61 41.98 1.89
N ARG C 152 -27.28 41.92 1.95
CA ARG C 152 -26.49 40.84 1.37
C ARG C 152 -27.05 39.44 1.64
N ALA C 153 -27.33 39.18 2.92
CA ALA C 153 -27.84 37.90 3.37
C ALA C 153 -29.29 37.68 2.93
N LEU C 154 -30.10 38.72 3.06
CA LEU C 154 -31.53 38.63 2.77
C LEU C 154 -31.78 38.52 1.28
N ARG C 155 -30.87 39.06 0.46
CA ARG C 155 -30.99 38.94 -1.00
C ARG C 155 -30.70 37.52 -1.47
N LEU C 156 -29.65 36.92 -0.90
CA LEU C 156 -29.27 35.53 -1.14
C LEU C 156 -30.45 34.58 -0.96
N GLN C 157 -31.07 34.67 0.20
CA GLN C 157 -32.16 33.80 0.59
C GLN C 157 -33.43 33.97 -0.26
N THR C 158 -33.72 35.21 -0.68
CA THR C 158 -34.88 35.50 -1.52
C THR C 158 -34.68 35.11 -2.98
N LEU C 159 -33.52 35.46 -3.53
CA LEU C 159 -33.17 35.04 -4.91
C LEU C 159 -33.11 33.52 -5.04
N ALA C 160 -32.91 32.84 -3.91
CA ALA C 160 -32.99 31.39 -3.81
C ALA C 160 -34.42 30.91 -3.92
N ALA C 161 -35.35 31.66 -3.32
CA ALA C 161 -36.77 31.32 -3.35
C ALA C 161 -37.35 31.55 -4.74
N ALA C 162 -36.78 32.51 -5.48
CA ALA C 162 -37.11 32.67 -6.89
C ALA C 162 -36.78 31.37 -7.60
N CYS C 163 -35.57 30.86 -7.37
CA CYS C 163 -35.09 29.59 -7.93
C CYS C 163 -35.98 28.41 -7.57
N ALA C 164 -36.44 28.37 -6.32
CA ALA C 164 -37.32 27.30 -5.86
C ALA C 164 -38.63 27.26 -6.63
N VAL C 165 -39.35 28.38 -6.65
CA VAL C 165 -40.62 28.48 -7.37
C VAL C 165 -40.39 28.30 -8.88
N GLY C 166 -39.26 28.82 -9.36
CA GLY C 166 -38.82 28.62 -10.74
C GLY C 166 -38.76 27.13 -11.08
N LEU C 167 -38.00 26.38 -10.29
CA LEU C 167 -37.87 24.94 -10.49
C LEU C 167 -39.13 24.17 -10.18
N ALA C 168 -39.70 24.36 -8.99
CA ALA C 168 -40.89 23.61 -8.58
C ALA C 168 -42.06 23.74 -9.56
N SER C 169 -42.13 24.87 -10.27
CA SER C 169 -43.16 25.10 -11.27
C SER C 169 -42.89 24.33 -12.55
N SER C 170 -41.60 24.15 -12.84
CA SER C 170 -41.14 23.42 -14.03
C SER C 170 -41.37 21.93 -13.92
N PHE C 171 -41.54 21.42 -12.71
CA PHE C 171 -41.84 19.99 -12.51
C PHE C 171 -43.26 19.71 -11.97
N GLY C 172 -43.96 20.77 -11.58
CA GLY C 172 -45.25 20.63 -10.88
C GLY C 172 -45.09 19.68 -9.72
N ALA C 173 -44.08 19.95 -8.88
CA ALA C 173 -43.73 19.11 -7.74
C ALA C 173 -43.07 20.02 -6.71
N PRO C 174 -43.88 20.61 -5.79
CA PRO C 174 -43.37 21.67 -4.92
C PRO C 174 -42.13 21.26 -4.13
N LEU C 175 -42.19 20.14 -3.40
CA LEU C 175 -41.06 19.69 -2.59
C LEU C 175 -39.89 19.28 -3.45
N GLY C 176 -40.14 18.41 -4.43
CA GLY C 176 -39.14 18.05 -5.43
C GLY C 176 -38.39 19.26 -5.97
N GLY C 177 -39.13 20.33 -6.26
CA GLY C 177 -38.54 21.55 -6.78
C GLY C 177 -37.62 22.25 -5.79
N VAL C 178 -38.11 22.55 -4.59
CA VAL C 178 -37.31 23.28 -3.60
C VAL C 178 -36.05 22.50 -3.24
N LEU C 179 -36.19 21.18 -3.11
CA LEU C 179 -35.08 20.26 -2.81
C LEU C 179 -34.01 20.22 -3.89
N TYR C 180 -34.45 20.12 -5.15
CA TYR C 180 -33.58 20.20 -6.31
C TYR C 180 -32.89 21.56 -6.36
N SER C 181 -33.58 22.59 -5.86
CA SER C 181 -33.05 23.94 -5.81
C SER C 181 -31.81 24.01 -4.91
N ILE C 182 -31.92 23.48 -3.69
CA ILE C 182 -30.85 23.65 -2.69
C ILE C 182 -29.65 22.82 -3.09
N GLU C 183 -29.91 21.79 -3.90
CA GLU C 183 -28.87 20.86 -4.32
C GLU C 183 -27.98 21.41 -5.43
N THR C 184 -28.41 22.48 -6.09
CA THR C 184 -27.77 22.90 -7.35
C THR C 184 -27.36 24.37 -7.48
N ILE C 185 -28.24 25.30 -7.15
CA ILE C 185 -27.87 26.72 -7.24
C ILE C 185 -26.93 27.07 -6.07
N ALA C 186 -27.29 26.56 -4.90
CA ALA C 186 -26.55 26.78 -3.64
C ALA C 186 -25.16 26.15 -3.61
N SER C 187 -24.22 26.81 -2.93
CA SER C 187 -22.91 26.23 -2.62
C SER C 187 -22.96 25.73 -1.19
N PHE C 188 -23.26 26.64 -0.27
CA PHE C 188 -23.83 26.27 1.01
C PHE C 188 -25.23 26.90 1.15
N TYR C 189 -25.94 26.56 2.21
CA TYR C 189 -27.33 26.89 2.28
C TYR C 189 -27.66 27.29 3.71
N LEU C 190 -28.24 28.48 3.85
CA LEU C 190 -28.75 28.95 5.15
C LEU C 190 -30.13 28.35 5.41
N VAL C 191 -30.22 27.64 6.52
CA VAL C 191 -31.35 26.78 6.78
C VAL C 191 -32.60 27.61 7.01
N GLN C 192 -32.40 28.90 7.28
CA GLN C 192 -33.47 29.87 7.35
C GLN C 192 -34.25 29.81 6.07
N ALA C 193 -33.62 30.19 4.96
CA ALA C 193 -34.24 30.16 3.61
C ALA C 193 -35.19 29.00 3.27
N PHE C 194 -34.94 27.81 3.81
CA PHE C 194 -35.79 26.66 3.49
C PHE C 194 -37.29 26.95 3.70
N TRP C 195 -37.67 27.67 4.76
CA TRP C 195 -39.09 28.04 4.91
C TRP C 195 -39.53 29.09 3.90
N LYS C 196 -38.57 29.92 3.48
CA LYS C 196 -38.81 30.98 2.51
C LYS C 196 -39.01 30.38 1.11
N GLY C 197 -38.16 29.40 0.77
CA GLY C 197 -38.30 28.64 -0.48
C GLY C 197 -39.60 27.84 -0.57
N VAL C 198 -39.87 27.01 0.43
CA VAL C 198 -41.14 26.28 0.54
C VAL C 198 -42.34 27.23 0.40
N LEU C 199 -42.31 28.39 1.07
CA LEU C 199 -43.43 29.34 1.02
C LEU C 199 -43.71 29.84 -0.39
N SER C 200 -42.63 30.17 -1.08
CA SER C 200 -42.69 30.67 -2.44
C SER C 200 -43.02 29.56 -3.46
N ALA C 201 -42.78 28.31 -3.09
CA ALA C 201 -43.11 27.17 -3.95
C ALA C 201 -44.59 26.78 -3.84
N LEU C 202 -45.09 26.68 -2.60
CA LEU C 202 -46.49 26.35 -2.33
C LEU C 202 -47.45 27.42 -2.83
N SER C 203 -46.99 28.68 -2.82
CA SER C 203 -47.75 29.78 -3.36
C SER C 203 -48.14 29.45 -4.79
N GLY C 204 -47.13 29.10 -5.59
CA GLY C 204 -47.32 28.75 -6.99
C GLY C 204 -48.08 27.46 -7.22
N ALA C 205 -48.02 26.57 -6.24
CA ALA C 205 -48.76 25.32 -6.28
C ALA C 205 -50.26 25.62 -6.27
N ILE C 206 -50.65 26.50 -5.36
CA ILE C 206 -52.04 26.95 -5.22
C ILE C 206 -52.53 27.62 -6.49
N VAL C 207 -51.64 28.38 -7.14
CA VAL C 207 -51.92 28.94 -8.45
C VAL C 207 -52.13 27.79 -9.44
N TYR C 208 -51.18 26.86 -9.51
CA TYR C 208 -51.28 25.71 -10.40
C TYR C 208 -52.44 24.76 -10.09
N GLU C 209 -53.06 24.95 -8.93
CA GLU C 209 -54.23 24.16 -8.55
C GLU C 209 -55.50 24.86 -9.06
N LEU C 210 -55.35 25.73 -10.06
CA LEU C 210 -56.45 26.51 -10.61
C LEU C 210 -56.35 26.70 -12.13
N ASP C 229 -46.19 4.70 -8.92
CA ASP C 229 -46.21 3.33 -9.44
C ASP C 229 -45.75 2.30 -8.39
N VAL C 230 -45.38 1.11 -8.86
CA VAL C 230 -44.78 0.08 -8.00
C VAL C 230 -43.44 -0.45 -8.58
N SER C 231 -42.35 -0.23 -7.84
CA SER C 231 -41.04 -0.83 -8.14
C SER C 231 -40.69 -1.92 -7.14
N ARG C 232 -40.71 -3.18 -7.57
CA ARG C 232 -40.32 -4.31 -6.70
C ARG C 232 -38.90 -4.11 -6.16
N THR C 233 -38.66 -4.69 -4.98
CA THR C 233 -37.37 -4.62 -4.30
C THR C 233 -36.33 -5.68 -4.79
N GLN C 234 -36.39 -6.04 -6.08
CA GLN C 234 -35.29 -6.73 -6.76
C GLN C 234 -34.14 -5.72 -7.00
N THR C 235 -33.85 -4.93 -5.96
CA THR C 235 -33.06 -3.69 -6.08
C THR C 235 -31.66 -3.86 -6.66
N LEU C 236 -31.05 -5.02 -6.47
CA LEU C 236 -29.68 -5.25 -6.92
C LEU C 236 -29.50 -4.88 -8.40
N LEU C 237 -30.46 -5.30 -9.22
CA LEU C 237 -30.49 -4.96 -10.64
C LEU C 237 -30.77 -3.47 -10.89
N TYR C 238 -31.46 -2.82 -9.97
CA TYR C 238 -31.70 -1.38 -10.08
C TYR C 238 -30.46 -0.56 -9.78
N ALA C 239 -29.62 -1.07 -8.88
CA ALA C 239 -28.35 -0.43 -8.51
C ALA C 239 -27.33 -0.62 -9.63
N ILE C 240 -27.40 -1.75 -10.33
CA ILE C 240 -26.60 -2.00 -11.52
C ILE C 240 -26.97 -1.01 -12.62
N LEU C 241 -28.27 -0.71 -12.75
CA LEU C 241 -28.75 0.33 -13.66
C LEU C 241 -28.29 1.72 -13.19
N GLY C 242 -28.32 1.95 -11.89
CA GLY C 242 -27.86 3.21 -11.31
C GLY C 242 -26.38 3.45 -11.56
N ALA C 243 -25.59 2.38 -11.43
CA ALA C 243 -24.17 2.43 -11.73
C ALA C 243 -23.93 2.82 -13.19
N LEU C 244 -24.50 2.04 -14.11
CA LEU C 244 -24.37 2.27 -15.54
C LEU C 244 -24.83 3.66 -15.95
N MET C 245 -25.94 4.11 -15.36
CA MET C 245 -26.56 5.37 -15.71
C MET C 245 -25.71 6.59 -15.32
N GLY C 246 -25.03 6.50 -14.18
CA GLY C 246 -24.04 7.50 -13.80
C GLY C 246 -22.98 7.64 -14.88
N VAL C 247 -22.52 6.50 -15.40
CA VAL C 247 -21.50 6.46 -16.44
C VAL C 247 -22.00 7.05 -17.78
N LEU C 248 -23.30 6.91 -18.04
CA LEU C 248 -23.91 7.54 -19.21
C LEU C 248 -24.16 9.04 -19.01
N GLY C 249 -24.45 9.44 -17.77
CA GLY C 249 -24.60 10.84 -17.42
C GLY C 249 -23.26 11.53 -17.54
N ALA C 250 -22.21 10.82 -17.13
CA ALA C 250 -20.84 11.30 -17.26
C ALA C 250 -20.53 11.58 -18.71
N LEU C 251 -20.79 10.59 -19.55
CA LEU C 251 -20.57 10.70 -20.99
C LEU C 251 -21.42 11.83 -21.59
N PHE C 252 -22.62 12.04 -21.05
CA PHE C 252 -23.50 13.11 -21.55
C PHE C 252 -22.91 14.51 -21.37
N ILE C 253 -22.44 14.80 -20.15
CA ILE C 253 -21.80 16.07 -19.82
C ILE C 253 -20.47 16.21 -20.58
N ARG C 254 -19.78 15.08 -20.74
CA ARG C 254 -18.56 14.98 -21.53
C ARG C 254 -18.79 15.30 -23.01
N CYS C 255 -19.97 14.94 -23.50
CA CYS C 255 -20.34 15.18 -24.90
C CYS C 255 -20.74 16.64 -25.10
N VAL C 256 -21.56 17.17 -24.18
CA VAL C 256 -22.00 18.56 -24.25
C VAL C 256 -20.79 19.46 -24.40
N ARG C 257 -19.81 19.30 -23.52
CA ARG C 257 -18.60 20.14 -23.52
C ARG C 257 -17.76 19.99 -24.79
N SER C 258 -17.59 18.76 -25.25
CA SER C 258 -16.72 18.43 -26.38
C SER C 258 -17.29 18.82 -27.74
N ILE C 259 -18.59 18.61 -27.92
CA ILE C 259 -19.26 19.05 -29.14
C ILE C 259 -19.27 20.58 -29.17
N TYR C 260 -19.50 21.20 -28.00
CA TYR C 260 -19.45 22.66 -27.87
C TYR C 260 -18.06 23.19 -28.21
N GLU C 261 -17.06 22.80 -27.41
CA GLU C 261 -15.72 23.34 -27.53
C GLU C 261 -14.97 22.96 -28.81
N LEU C 262 -15.55 22.11 -29.67
CA LEU C 262 -14.98 21.96 -31.01
C LEU C 262 -15.65 22.88 -32.03
N ARG C 263 -16.76 23.50 -31.65
CA ARG C 263 -17.37 24.57 -32.44
C ARG C 263 -16.67 25.90 -32.20
N MET C 264 -16.07 26.04 -31.02
CA MET C 264 -15.39 27.27 -30.65
C MET C 264 -13.95 27.26 -31.12
N ARG C 265 -13.26 26.14 -30.91
CA ARG C 265 -11.87 25.98 -31.32
C ARG C 265 -11.79 25.88 -32.84
N HIS C 266 -12.60 24.99 -33.42
CA HIS C 266 -12.66 24.78 -34.86
C HIS C 266 -14.00 25.31 -35.37
N TYR C 267 -14.02 25.77 -36.62
CA TYR C 267 -15.23 26.36 -37.23
C TYR C 267 -15.78 27.53 -36.39
N PRO C 268 -14.89 28.31 -35.70
CA PRO C 268 -15.38 29.31 -34.76
C PRO C 268 -15.96 30.52 -35.46
N GLY C 269 -16.85 31.23 -34.76
CA GLY C 269 -17.49 32.43 -35.30
C GLY C 269 -18.56 32.15 -36.33
N THR C 270 -19.07 30.91 -36.35
CA THR C 270 -20.28 30.57 -37.10
C THR C 270 -21.39 31.36 -36.44
N ASN C 271 -22.19 32.08 -37.22
CA ASN C 271 -23.17 32.95 -36.59
C ASN C 271 -24.66 32.60 -36.72
N ARG C 272 -25.25 32.43 -35.53
CA ARG C 272 -26.69 32.39 -35.27
C ARG C 272 -27.50 31.38 -36.12
N TYR C 273 -28.15 31.88 -37.18
CA TYR C 273 -29.24 31.15 -37.87
C TYR C 273 -28.78 29.95 -38.67
N PHE C 274 -27.62 30.05 -39.30
CA PHE C 274 -27.05 28.91 -40.03
C PHE C 274 -26.72 27.76 -39.06
N LEU C 275 -26.24 28.11 -37.87
CA LEU C 275 -25.98 27.14 -36.81
C LEU C 275 -27.28 26.52 -36.28
N VAL C 276 -28.13 27.35 -35.69
CA VAL C 276 -29.45 26.94 -35.16
C VAL C 276 -30.32 26.25 -36.22
N GLY C 277 -30.30 26.79 -37.44
CA GLY C 277 -31.10 26.30 -38.56
C GLY C 277 -30.75 24.90 -39.04
N VAL C 278 -29.45 24.59 -39.07
CA VAL C 278 -29.00 23.24 -39.42
C VAL C 278 -29.50 22.23 -38.39
N VAL C 279 -29.31 22.54 -37.11
CA VAL C 279 -29.76 21.65 -36.02
C VAL C 279 -31.28 21.42 -36.05
N ALA C 280 -32.04 22.48 -36.33
CA ALA C 280 -33.50 22.40 -36.44
C ALA C 280 -33.91 21.45 -37.58
N LEU C 281 -33.34 21.66 -38.77
CA LEU C 281 -33.59 20.82 -39.96
C LEU C 281 -33.12 19.39 -39.74
N PHE C 282 -31.83 19.26 -39.40
CA PHE C 282 -31.18 17.98 -39.07
C PHE C 282 -32.02 17.16 -38.07
N ALA C 283 -32.53 17.83 -37.03
CA ALA C 283 -33.36 17.21 -36.00
C ALA C 283 -34.69 16.67 -36.56
N SER C 284 -35.47 17.55 -37.17
CA SER C 284 -36.79 17.19 -37.73
C SER C 284 -36.70 16.03 -38.71
N ALA C 285 -35.51 15.84 -39.28
CA ALA C 285 -35.23 14.77 -40.21
C ALA C 285 -34.74 13.50 -39.50
N LEU C 286 -33.78 13.65 -38.58
CA LEU C 286 -33.19 12.50 -37.87
C LEU C 286 -34.22 11.77 -36.99
N GLN C 287 -35.37 12.39 -36.76
CA GLN C 287 -36.45 11.77 -36.00
C GLN C 287 -37.62 11.35 -36.91
N TYR C 288 -37.32 11.07 -38.18
CA TYR C 288 -38.35 10.68 -39.17
C TYR C 288 -39.10 9.37 -38.86
N PRO C 289 -38.37 8.28 -38.50
CA PRO C 289 -39.06 7.06 -38.06
C PRO C 289 -39.64 7.09 -36.63
N PHE C 290 -39.59 8.24 -35.96
CA PHE C 290 -40.23 8.40 -34.65
C PHE C 290 -41.04 9.68 -34.58
N PRO C 297 -43.90 14.48 -25.80
CA PRO C 297 -42.93 14.73 -24.72
C PRO C 297 -43.34 14.04 -23.40
N ARG C 298 -44.22 14.68 -22.62
CA ARG C 298 -44.86 14.03 -21.46
C ARG C 298 -45.83 12.90 -21.91
N ALA C 299 -45.99 12.74 -23.23
CA ALA C 299 -46.79 11.65 -23.78
C ALA C 299 -46.03 10.32 -23.85
N THR C 300 -44.78 10.38 -24.32
CA THR C 300 -43.93 9.20 -24.40
C THR C 300 -43.65 8.63 -23.01
N ILE C 301 -43.23 9.50 -22.09
CA ILE C 301 -42.82 9.12 -20.74
C ILE C 301 -43.81 8.19 -20.06
N ASN C 302 -45.04 8.67 -19.83
CA ASN C 302 -46.07 7.86 -19.18
C ASN C 302 -46.30 6.50 -19.86
N ASP C 303 -45.98 6.43 -21.16
CA ASP C 303 -46.18 5.21 -21.96
C ASP C 303 -45.14 4.12 -21.71
N LEU C 304 -43.87 4.53 -21.55
CA LEU C 304 -42.80 3.63 -21.12
C LEU C 304 -43.01 3.19 -19.67
N PHE C 305 -43.61 4.07 -18.88
CA PHE C 305 -43.94 3.83 -17.47
C PHE C 305 -45.09 2.82 -17.31
N LYS C 306 -45.96 2.75 -18.32
CA LYS C 306 -46.92 1.66 -18.44
C LYS C 306 -46.14 0.36 -18.54
N ALA C 307 -46.70 -0.71 -17.99
CA ALA C 307 -45.99 -1.98 -17.86
C ALA C 307 -46.48 -3.08 -18.82
N VAL C 308 -46.31 -2.86 -20.12
CA VAL C 308 -46.62 -3.88 -21.15
C VAL C 308 -45.37 -4.34 -21.91
N THR C 319 -34.93 -3.10 -30.86
CA THR C 319 -35.06 -2.48 -32.18
C THR C 319 -36.03 -1.31 -32.11
N GLU C 320 -35.79 -0.30 -32.95
CA GLU C 320 -36.60 0.93 -33.02
C GLU C 320 -36.73 1.67 -31.68
N LEU C 321 -36.11 1.11 -30.64
CA LEU C 321 -36.13 1.70 -29.29
C LEU C 321 -34.70 1.73 -28.73
N ILE C 322 -33.76 1.19 -29.53
CA ILE C 322 -32.35 1.22 -29.23
C ILE C 322 -31.77 2.52 -29.77
N LEU C 323 -32.24 2.89 -30.96
CA LEU C 323 -31.84 4.14 -31.62
C LEU C 323 -32.47 5.37 -30.95
N MET C 324 -33.73 5.23 -30.54
CA MET C 324 -34.51 6.32 -29.94
C MET C 324 -33.73 7.15 -28.90
N PRO C 325 -33.17 6.51 -27.86
CA PRO C 325 -32.45 7.28 -26.84
C PRO C 325 -31.09 7.75 -27.32
N ILE C 326 -30.39 6.91 -28.08
CA ILE C 326 -29.06 7.22 -28.60
C ILE C 326 -29.09 8.45 -29.53
N ILE C 327 -30.11 8.53 -30.38
CA ILE C 327 -30.32 9.69 -31.26
C ILE C 327 -30.61 10.96 -30.45
N LYS C 328 -31.48 10.84 -29.45
CA LYS C 328 -31.84 11.96 -28.58
C LYS C 328 -30.70 12.32 -27.61
N PHE C 329 -29.87 11.33 -27.29
CA PHE C 329 -28.67 11.55 -26.48
C PHE C 329 -27.78 12.57 -27.19
N ILE C 330 -27.49 12.29 -28.46
CA ILE C 330 -26.70 13.18 -29.29
C ILE C 330 -27.47 14.47 -29.54
N LEU C 331 -28.67 14.37 -30.11
CA LEU C 331 -29.48 15.54 -30.47
C LEU C 331 -29.63 16.60 -29.35
N VAL C 332 -29.90 16.15 -28.12
CA VAL C 332 -30.06 17.05 -26.98
C VAL C 332 -28.70 17.66 -26.62
N ALA C 333 -27.69 16.81 -26.43
CA ALA C 333 -26.34 17.27 -26.09
C ALA C 333 -25.91 18.42 -26.99
N LEU C 334 -26.24 18.29 -28.27
CA LEU C 334 -25.92 19.27 -29.28
C LEU C 334 -26.73 20.55 -29.14
N SER C 335 -28.03 20.39 -28.85
CA SER C 335 -28.98 21.51 -28.83
C SER C 335 -28.82 22.50 -27.67
N ILE C 336 -28.33 22.03 -26.52
CA ILE C 336 -28.15 22.90 -25.35
C ILE C 336 -26.89 23.74 -25.44
N GLY C 337 -26.10 23.51 -26.50
CA GLY C 337 -24.95 24.36 -26.82
C GLY C 337 -25.34 25.53 -27.71
N LEU C 338 -26.56 25.50 -28.23
CA LEU C 338 -27.08 26.54 -29.12
C LEU C 338 -27.29 27.90 -28.46
N PRO C 339 -27.11 29.00 -29.23
CA PRO C 339 -27.37 30.36 -28.78
C PRO C 339 -28.87 30.65 -28.65
N LEU C 340 -29.50 30.08 -27.62
CA LEU C 340 -30.93 30.30 -27.33
C LEU C 340 -31.32 29.64 -26.00
N PRO C 341 -32.48 30.06 -25.40
CA PRO C 341 -32.96 29.45 -24.15
C PRO C 341 -33.07 27.93 -24.24
N ALA C 342 -32.37 27.22 -23.36
CA ALA C 342 -32.24 25.77 -23.43
C ALA C 342 -32.13 24.99 -22.09
N GLY C 343 -33.26 24.49 -21.58
CA GLY C 343 -33.23 23.64 -20.39
C GLY C 343 -32.86 22.22 -20.75
N VAL C 344 -32.72 21.34 -19.75
CA VAL C 344 -32.26 19.98 -20.00
C VAL C 344 -32.96 18.88 -19.19
N PHE C 345 -33.85 19.23 -18.28
CA PHE C 345 -34.42 18.22 -17.38
C PHE C 345 -35.40 17.25 -18.04
N VAL C 346 -36.46 17.77 -18.64
CA VAL C 346 -37.49 16.94 -19.29
C VAL C 346 -36.94 16.13 -20.47
N PRO C 347 -35.97 16.68 -21.23
CA PRO C 347 -35.29 15.88 -22.27
C PRO C 347 -34.47 14.73 -21.69
N SER C 348 -33.72 14.99 -20.62
CA SER C 348 -32.94 13.95 -19.94
C SER C 348 -33.82 12.91 -19.27
N PHE C 349 -35.05 13.30 -18.94
CA PHE C 349 -36.02 12.38 -18.40
C PHE C 349 -36.35 11.32 -19.44
N LEU C 350 -36.58 11.74 -20.69
CA LEU C 350 -36.84 10.81 -21.78
C LEU C 350 -35.68 9.88 -22.06
N ILE C 351 -34.45 10.41 -22.05
CA ILE C 351 -33.26 9.64 -22.41
C ILE C 351 -32.98 8.55 -21.38
N GLY C 352 -33.26 8.85 -20.12
CA GLY C 352 -33.13 7.87 -19.04
C GLY C 352 -34.17 6.76 -19.10
N ALA C 353 -35.43 7.15 -19.20
CA ALA C 353 -36.55 6.21 -19.34
C ALA C 353 -36.32 5.22 -20.47
N GLY C 354 -35.80 5.71 -21.59
CA GLY C 354 -35.48 4.90 -22.77
C GLY C 354 -34.41 3.87 -22.51
N PHE C 355 -33.31 4.30 -21.90
CA PHE C 355 -32.25 3.39 -21.48
C PHE C 355 -32.74 2.43 -20.41
N GLY C 356 -33.63 2.92 -19.56
CA GLY C 356 -34.26 2.11 -18.52
C GLY C 356 -35.17 1.04 -19.09
N ARG C 357 -35.82 1.34 -20.21
CA ARG C 357 -36.69 0.38 -20.90
C ARG C 357 -35.88 -0.66 -21.66
N LEU C 358 -34.72 -0.22 -22.18
CA LEU C 358 -33.80 -1.11 -22.90
C LEU C 358 -33.14 -2.11 -21.94
N TYR C 359 -32.83 -1.62 -20.73
CA TYR C 359 -32.34 -2.46 -19.64
C TYR C 359 -33.47 -3.33 -19.10
N GLY C 360 -34.63 -2.71 -18.85
CA GLY C 360 -35.80 -3.39 -18.30
C GLY C 360 -36.38 -4.46 -19.21
N GLU C 361 -35.97 -4.42 -20.48
CA GLU C 361 -36.36 -5.41 -21.45
C GLU C 361 -35.28 -6.50 -21.57
N LEU C 362 -34.02 -6.08 -21.53
CA LEU C 362 -32.89 -7.03 -21.54
C LEU C 362 -32.78 -7.79 -20.21
N MET C 363 -33.57 -7.37 -19.23
CA MET C 363 -33.64 -8.07 -17.96
C MET C 363 -34.90 -8.93 -17.92
N ARG C 364 -35.89 -8.52 -18.70
CA ARG C 364 -37.14 -9.26 -18.87
C ARG C 364 -36.85 -10.69 -19.29
N VAL C 365 -35.90 -10.86 -20.19
CA VAL C 365 -35.53 -12.17 -20.72
C VAL C 365 -34.59 -12.96 -19.80
N VAL C 366 -33.64 -12.28 -19.18
CA VAL C 366 -32.59 -12.97 -18.41
C VAL C 366 -33.04 -13.51 -17.05
N PHE C 367 -34.09 -12.93 -16.48
CA PHE C 367 -34.55 -13.32 -15.13
C PHE C 367 -35.99 -13.82 -15.06
N GLY C 368 -36.71 -13.73 -16.19
CA GLY C 368 -38.06 -14.25 -16.29
C GLY C 368 -39.16 -13.21 -16.33
N ASN C 369 -40.39 -13.69 -16.52
CA ASN C 369 -41.60 -12.85 -16.61
C ASN C 369 -41.81 -12.01 -15.33
N ALA C 370 -41.26 -12.50 -14.23
CA ALA C 370 -41.33 -11.83 -12.92
C ALA C 370 -40.76 -10.42 -12.94
N ILE C 371 -39.85 -10.16 -13.89
CA ILE C 371 -39.33 -8.81 -14.11
C ILE C 371 -40.29 -7.97 -14.94
N VAL C 372 -40.57 -6.77 -14.44
CA VAL C 372 -41.46 -5.81 -15.09
C VAL C 372 -40.62 -4.71 -15.73
N PRO C 373 -40.73 -4.55 -17.06
CA PRO C 373 -39.90 -3.59 -17.81
C PRO C 373 -40.25 -2.12 -17.55
N GLY C 374 -41.50 -1.88 -17.13
CA GLY C 374 -42.00 -0.53 -16.86
C GLY C 374 -41.29 0.19 -15.71
N SER C 375 -41.14 -0.50 -14.59
CA SER C 375 -40.52 0.08 -13.39
C SER C 375 -39.03 0.38 -13.58
N TYR C 376 -38.39 -0.31 -14.53
CA TYR C 376 -37.00 -0.04 -14.85
C TYR C 376 -36.83 1.25 -15.65
N ALA C 377 -37.88 1.63 -16.39
CA ALA C 377 -37.90 2.92 -17.09
C ALA C 377 -38.04 4.09 -16.09
N VAL C 378 -38.72 3.85 -14.98
CA VAL C 378 -38.93 4.85 -13.92
C VAL C 378 -37.61 5.14 -13.20
N VAL C 379 -36.91 4.07 -12.86
CA VAL C 379 -35.58 4.13 -12.25
C VAL C 379 -34.58 4.72 -13.27
N GLY C 380 -34.82 4.44 -14.55
CA GLY C 380 -33.98 4.94 -15.64
C GLY C 380 -34.06 6.44 -15.81
N ALA C 381 -35.28 6.96 -15.92
CA ALA C 381 -35.51 8.39 -16.07
C ALA C 381 -34.93 9.16 -14.89
N ALA C 382 -35.10 8.60 -13.69
CA ALA C 382 -34.64 9.23 -12.45
C ALA C 382 -33.12 9.21 -12.29
N ALA C 383 -32.48 8.10 -12.67
CA ALA C 383 -31.05 7.90 -12.44
C ALA C 383 -30.18 8.64 -13.44
N PHE C 384 -30.68 8.79 -14.67
CA PHE C 384 -29.93 9.51 -15.69
C PHE C 384 -29.95 11.02 -15.46
N THR C 385 -31.12 11.59 -15.15
CA THR C 385 -31.18 13.01 -14.81
C THR C 385 -30.34 13.24 -13.56
N ALA C 386 -30.30 12.23 -12.70
CA ALA C 386 -29.43 12.24 -11.53
C ALA C 386 -27.95 12.10 -11.92
N GLY C 387 -27.69 11.45 -13.05
CA GLY C 387 -26.33 11.32 -13.55
C GLY C 387 -25.83 12.64 -14.11
N VAL C 388 -26.64 13.26 -14.97
CA VAL C 388 -26.25 14.51 -15.60
C VAL C 388 -26.35 15.69 -14.62
N THR C 389 -27.44 15.75 -13.84
CA THR C 389 -27.69 16.89 -12.95
C THR C 389 -26.92 16.78 -11.62
N ARG C 390 -26.81 15.55 -11.12
CA ARG C 390 -26.20 15.24 -9.81
C ARG C 390 -27.11 15.59 -8.64
N ALA C 391 -28.36 15.91 -8.95
CA ALA C 391 -29.38 16.18 -7.95
C ALA C 391 -29.99 14.88 -7.51
N LEU C 392 -29.73 14.49 -6.26
CA LEU C 392 -30.37 13.33 -5.66
C LEU C 392 -31.91 13.51 -5.62
N SER C 393 -32.36 14.75 -5.76
CA SER C 393 -33.78 15.10 -5.71
C SER C 393 -34.62 14.46 -6.82
N CYS C 394 -34.01 14.14 -7.96
CA CYS C 394 -34.71 13.53 -9.10
C CYS C 394 -35.54 12.32 -8.67
N ALA C 395 -35.03 11.62 -7.65
CA ALA C 395 -35.75 10.55 -6.98
C ALA C 395 -37.07 11.08 -6.40
N VAL C 396 -37.03 12.21 -5.70
CA VAL C 396 -38.22 12.83 -5.11
C VAL C 396 -39.13 13.44 -6.18
N ILE C 397 -38.52 13.96 -7.25
CA ILE C 397 -39.30 14.58 -8.32
C ILE C 397 -40.18 13.54 -9.02
N ILE C 398 -39.60 12.43 -9.43
CA ILE C 398 -40.34 11.33 -10.07
C ILE C 398 -41.48 10.77 -9.17
N PHE C 399 -41.25 10.79 -7.86
CA PHE C 399 -42.29 10.46 -6.91
C PHE C 399 -43.41 11.48 -6.98
N GLU C 400 -43.09 12.74 -6.69
CA GLU C 400 -44.09 13.79 -6.61
C GLU C 400 -44.95 13.95 -7.85
N VAL C 401 -44.35 13.78 -9.04
CA VAL C 401 -45.07 13.99 -10.31
C VAL C 401 -46.23 13.00 -10.55
N THR C 402 -45.91 11.76 -10.96
CA THR C 402 -46.96 10.75 -11.10
C THR C 402 -46.72 9.60 -10.13
N GLY C 403 -45.47 9.40 -9.74
CA GLY C 403 -45.17 8.42 -8.70
C GLY C 403 -46.16 8.40 -7.54
N GLN C 404 -46.46 7.21 -7.05
CA GLN C 404 -47.28 7.06 -5.86
C GLN C 404 -46.40 7.05 -4.60
N ILE C 405 -45.09 6.88 -4.78
CA ILE C 405 -44.13 6.56 -3.69
C ILE C 405 -44.50 5.24 -2.97
N ARG C 406 -44.48 4.13 -3.73
CA ARG C 406 -44.60 2.79 -3.16
C ARG C 406 -43.48 2.59 -2.14
N HIS C 407 -42.25 2.72 -2.64
CA HIS C 407 -41.05 2.69 -1.82
C HIS C 407 -40.00 3.55 -2.53
N LEU C 408 -39.37 4.44 -1.76
CA LEU C 408 -38.26 5.22 -2.30
C LEU C 408 -37.03 4.34 -2.41
N VAL C 409 -36.76 3.61 -1.33
CA VAL C 409 -35.48 2.91 -1.10
C VAL C 409 -34.80 2.34 -2.36
N PRO C 410 -35.51 1.52 -3.17
CA PRO C 410 -34.89 1.06 -4.43
C PRO C 410 -34.52 2.20 -5.38
N VAL C 411 -35.44 3.13 -5.59
CA VAL C 411 -35.23 4.27 -6.48
C VAL C 411 -34.16 5.20 -5.92
N LEU C 412 -34.20 5.40 -4.60
CA LEU C 412 -33.29 6.34 -3.93
C LEU C 412 -31.84 5.82 -3.84
N ILE C 413 -31.65 4.50 -3.87
CA ILE C 413 -30.30 3.91 -3.90
C ILE C 413 -29.69 4.01 -5.30
N SER C 414 -30.49 3.65 -6.30
CA SER C 414 -30.05 3.71 -7.69
C SER C 414 -29.78 5.16 -8.13
N VAL C 415 -30.58 6.10 -7.64
CA VAL C 415 -30.33 7.52 -7.91
C VAL C 415 -29.02 7.96 -7.27
N LEU C 416 -28.73 7.45 -6.08
CA LEU C 416 -27.49 7.79 -5.36
C LEU C 416 -26.25 7.22 -6.03
N LEU C 417 -26.28 5.93 -6.37
CA LEU C 417 -25.13 5.32 -7.05
C LEU C 417 -24.76 6.13 -8.28
N ALA C 418 -25.78 6.49 -9.07
CA ALA C 418 -25.61 7.33 -10.24
C ALA C 418 -24.86 8.63 -9.94
N VAL C 419 -25.09 9.20 -8.76
CA VAL C 419 -24.37 10.40 -8.35
C VAL C 419 -22.93 10.04 -7.96
N ILE C 420 -22.75 9.06 -7.05
CA ILE C 420 -21.41 8.63 -6.64
C ILE C 420 -20.51 8.24 -7.82
N VAL C 421 -21.07 7.51 -8.79
CA VAL C 421 -20.33 7.08 -9.97
C VAL C 421 -19.96 8.25 -10.89
N GLY C 422 -20.95 8.92 -11.47
CA GLY C 422 -20.71 10.05 -12.39
C GLY C 422 -20.02 11.23 -11.72
N ASN C 423 -20.05 11.22 -10.38
CA ASN C 423 -19.37 12.19 -9.55
C ASN C 423 -17.86 11.90 -9.53
N ALA C 424 -17.48 10.73 -10.06
CA ALA C 424 -16.06 10.34 -10.21
C ALA C 424 -15.44 10.83 -11.52
N PHE C 425 -16.10 10.55 -12.64
CA PHE C 425 -15.68 11.04 -13.94
C PHE C 425 -15.79 12.56 -14.08
N ASN C 426 -17.00 13.08 -13.86
CA ASN C 426 -17.40 14.41 -14.32
C ASN C 426 -17.60 15.44 -13.23
N ARG C 427 -17.83 16.68 -13.67
CA ARG C 427 -18.49 17.71 -12.86
C ARG C 427 -19.96 17.84 -13.27
N SER C 428 -20.82 18.32 -12.37
CA SER C 428 -22.25 18.50 -12.67
C SER C 428 -22.46 19.27 -13.97
N LEU C 429 -23.44 18.86 -14.79
CA LEU C 429 -23.66 19.49 -16.10
C LEU C 429 -23.71 21.00 -15.97
N TYR C 430 -24.32 21.48 -14.87
CA TYR C 430 -24.39 22.90 -14.58
C TYR C 430 -23.00 23.51 -14.36
N GLU C 431 -22.20 22.89 -13.48
CA GLU C 431 -20.82 23.33 -13.22
C GLU C 431 -19.96 23.25 -14.45
N THR C 432 -20.17 22.21 -15.25
CA THR C 432 -19.43 22.05 -16.50
C THR C 432 -19.87 23.13 -17.49
N LEU C 433 -21.17 23.44 -17.52
CA LEU C 433 -21.67 24.55 -18.33
C LEU C 433 -21.08 25.89 -17.88
N VAL C 434 -20.82 26.00 -16.58
CA VAL C 434 -20.21 27.19 -15.99
C VAL C 434 -18.78 27.38 -16.48
N LEU C 435 -18.06 26.27 -16.60
CA LEU C 435 -16.74 26.26 -17.21
C LEU C 435 -16.88 26.58 -18.70
N MET C 436 -17.59 25.71 -19.39
CA MET C 436 -17.87 25.77 -20.81
C MET C 436 -18.27 27.18 -21.30
N LYS C 437 -19.03 27.92 -20.51
CA LYS C 437 -19.48 29.25 -20.91
C LYS C 437 -18.61 30.35 -20.31
N HIS C 438 -17.63 29.97 -19.49
CA HIS C 438 -16.72 30.92 -18.82
C HIS C 438 -17.41 31.99 -17.93
N LEU C 439 -18.07 31.52 -16.87
CA LEU C 439 -18.84 32.38 -15.96
C LEU C 439 -18.16 32.49 -14.62
N PRO C 440 -18.11 33.69 -14.02
CA PRO C 440 -17.44 33.76 -12.73
C PRO C 440 -18.15 32.84 -11.79
N TYR C 441 -17.43 31.85 -11.27
CA TYR C 441 -18.00 30.89 -10.35
C TYR C 441 -17.01 30.62 -9.22
N MET C 442 -17.30 31.23 -8.07
CA MET C 442 -16.43 31.24 -6.88
C MET C 442 -15.84 29.90 -6.46
N PRO C 443 -16.62 28.80 -6.50
CA PRO C 443 -16.11 27.60 -5.83
C PRO C 443 -15.15 26.75 -6.65
N ILE C 444 -15.00 27.04 -7.94
CA ILE C 444 -13.99 26.39 -8.76
C ILE C 444 -12.79 27.33 -8.83
N LEU C 445 -11.60 26.77 -8.66
CA LEU C 445 -10.38 27.56 -8.70
C LEU C 445 -9.94 27.84 -10.13
N ARG C 446 -9.27 28.99 -10.31
CA ARG C 446 -8.69 29.36 -11.61
C ARG C 446 -7.89 28.20 -12.14
N ARG C 447 -8.00 27.98 -13.45
CA ARG C 447 -7.30 26.88 -14.10
C ARG C 447 -5.79 27.00 -13.84
N ASP C 448 -5.30 28.24 -13.71
CA ASP C 448 -3.85 28.50 -13.64
C ASP C 448 -3.28 28.80 -12.24
N ARG C 449 -4.09 28.63 -11.19
CA ARG C 449 -3.60 28.86 -9.81
C ARG C 449 -3.61 27.61 -8.92
N SER C 450 -2.45 27.32 -8.33
CA SER C 450 -2.33 26.23 -7.36
C SER C 450 -2.81 26.71 -5.99
N PRO C 451 -3.40 25.80 -5.17
CA PRO C 451 -3.77 26.12 -3.79
C PRO C 451 -2.56 26.34 -2.88
N GLU C 452 -1.37 26.11 -3.44
CA GLU C 452 -0.12 26.25 -2.69
C GLU C 452 0.49 27.64 -2.79
N MET C 453 0.16 28.37 -3.86
CA MET C 453 0.64 29.74 -4.07
C MET C 453 0.27 30.64 -2.91
N THR C 454 1.21 31.48 -2.49
CA THR C 454 0.99 32.40 -1.41
C THR C 454 0.21 33.60 -1.90
N ALA C 455 -0.61 34.18 -1.03
CA ALA C 455 -1.28 35.45 -1.30
C ALA C 455 -0.32 36.42 -1.98
N ARG C 456 0.95 36.42 -1.54
CA ARG C 456 1.99 37.28 -2.10
C ARG C 456 2.23 37.12 -3.60
N GLU C 457 2.10 35.90 -4.09
CA GLU C 457 2.28 35.63 -5.52
C GLU C 457 1.17 36.25 -6.40
N ILE C 458 -0.04 36.33 -5.87
CA ILE C 458 -1.22 36.78 -6.62
C ILE C 458 -1.65 38.21 -6.31
N MET C 459 -1.31 38.68 -5.10
CA MET C 459 -1.69 40.02 -4.63
C MET C 459 -1.26 41.13 -5.58
N HIS C 460 -2.09 42.16 -5.66
CA HIS C 460 -1.75 43.36 -6.42
C HIS C 460 -1.16 44.40 -5.50
N PRO C 461 0.06 44.86 -5.82
CA PRO C 461 0.81 45.81 -5.01
C PRO C 461 0.01 47.09 -4.73
N ILE C 462 0.11 47.57 -3.49
CA ILE C 462 -0.72 48.68 -3.01
C ILE C 462 -0.46 50.02 -3.70
N GLU C 463 0.76 50.22 -4.21
CA GLU C 463 1.18 51.48 -4.83
C GLU C 463 0.34 51.86 -6.06
N GLY C 464 0.00 50.86 -6.86
CA GLY C 464 -0.83 51.07 -8.06
C GLY C 464 -2.31 51.10 -7.74
N GLU C 465 -2.70 50.37 -6.69
CA GLU C 465 -4.08 50.35 -6.21
C GLU C 465 -4.37 51.59 -5.35
N PRO C 466 -5.59 52.18 -5.48
CA PRO C 466 -5.90 53.42 -4.74
C PRO C 466 -5.83 53.26 -3.22
N HIS C 467 -5.34 54.30 -2.54
CA HIS C 467 -5.29 54.29 -1.07
C HIS C 467 -5.46 55.71 -0.53
N LEU C 468 -5.84 55.82 0.74
CA LEU C 468 -6.04 57.12 1.36
C LEU C 468 -5.19 57.27 2.62
N PHE C 469 -5.00 58.52 3.06
CA PHE C 469 -4.30 58.81 4.30
C PHE C 469 -5.23 59.67 5.17
N PRO C 470 -5.00 59.72 6.50
CA PRO C 470 -5.75 60.68 7.31
C PRO C 470 -5.29 62.11 7.06
N ASP C 471 -4.00 62.29 6.80
CA ASP C 471 -3.39 63.61 6.62
C ASP C 471 -3.68 64.30 5.29
N SER C 472 -4.06 63.51 4.29
CA SER C 472 -4.38 64.05 2.96
C SER C 472 -5.65 64.92 3.02
N GLU C 473 -5.49 66.18 2.60
CA GLU C 473 -6.52 67.22 2.75
C GLU C 473 -7.73 67.04 1.83
N PRO C 474 -8.80 67.83 2.03
CA PRO C 474 -9.98 67.70 1.17
C PRO C 474 -9.65 67.90 -0.31
N GLN C 475 -8.68 68.77 -0.56
CA GLN C 475 -8.15 69.04 -1.89
C GLN C 475 -7.54 67.80 -2.55
N HIS C 476 -7.05 66.88 -1.71
CA HIS C 476 -6.41 65.65 -2.16
C HIS C 476 -7.43 64.62 -2.58
N ILE C 477 -8.36 64.30 -1.67
CA ILE C 477 -9.26 63.15 -1.82
C ILE C 477 -10.21 63.27 -3.00
N LYS C 478 -10.46 64.49 -3.48
CA LYS C 478 -11.25 64.67 -4.70
C LYS C 478 -10.54 63.96 -5.88
N GLY C 479 -9.21 64.03 -5.87
CA GLY C 479 -8.36 63.40 -6.89
C GLY C 479 -8.61 61.92 -7.12
N ILE C 480 -8.37 61.10 -6.10
CA ILE C 480 -8.60 59.65 -6.19
C ILE C 480 -10.04 59.35 -6.58
N LEU C 481 -10.98 60.03 -5.92
CA LEU C 481 -12.43 59.86 -6.13
C LEU C 481 -12.83 59.87 -7.63
N GLU C 482 -12.32 60.84 -8.38
CA GLU C 482 -12.66 60.98 -9.81
C GLU C 482 -11.74 60.18 -10.74
N LYS C 483 -10.47 60.06 -10.36
CA LYS C 483 -9.48 59.35 -11.19
C LYS C 483 -9.64 57.83 -11.05
N PHE C 484 -10.19 57.40 -9.92
CA PHE C 484 -10.63 56.03 -9.74
C PHE C 484 -12.15 56.01 -9.54
N PRO C 485 -12.92 56.21 -10.63
CA PRO C 485 -14.37 56.14 -10.45
C PRO C 485 -14.78 54.73 -10.05
N ASN C 486 -16.06 54.50 -9.78
CA ASN C 486 -16.57 53.15 -9.51
C ASN C 486 -15.95 52.45 -8.30
N ARG C 487 -14.99 53.10 -7.65
CA ARG C 487 -14.36 52.54 -6.45
C ARG C 487 -15.23 52.83 -5.23
N LEU C 488 -15.50 51.80 -4.43
CA LEU C 488 -16.49 51.84 -3.36
C LEU C 488 -15.83 51.77 -1.98
N VAL C 489 -14.70 51.08 -1.90
CA VAL C 489 -13.91 51.01 -0.68
C VAL C 489 -12.58 51.69 -0.93
N PHE C 490 -12.14 52.53 0.01
CA PHE C 490 -10.79 53.08 -0.03
C PHE C 490 -10.01 52.60 1.20
N PRO C 491 -8.91 51.86 0.96
CA PRO C 491 -8.04 51.44 2.05
C PRO C 491 -7.33 52.66 2.64
N VAL C 492 -7.40 52.82 3.95
CA VAL C 492 -6.81 53.99 4.61
C VAL C 492 -5.67 53.60 5.55
N ILE C 493 -4.50 54.18 5.31
CA ILE C 493 -3.27 53.90 6.08
C ILE C 493 -2.54 55.19 6.44
N ASP C 494 -1.71 55.14 7.49
CA ASP C 494 -0.89 56.29 7.87
C ASP C 494 0.30 56.50 6.93
N ALA C 495 1.20 57.42 7.28
CA ALA C 495 2.50 57.45 6.63
C ALA C 495 3.32 56.31 7.22
N ASN C 496 4.12 55.64 6.39
CA ASN C 496 4.68 54.32 6.72
C ASN C 496 3.51 53.39 6.97
N GLY C 497 2.63 53.33 5.97
CA GLY C 497 1.22 52.92 6.08
C GLY C 497 0.74 51.69 6.84
N TYR C 498 -0.08 51.93 7.86
CA TYR C 498 -0.64 50.86 8.68
C TYR C 498 -2.18 50.78 8.66
N LEU C 499 -2.68 49.56 8.78
CA LEU C 499 -4.04 49.25 8.40
C LEU C 499 -5.22 49.87 9.18
N LEU C 500 -6.13 50.43 8.39
CA LEU C 500 -7.53 50.70 8.76
C LEU C 500 -8.37 50.51 7.48
N GLY C 501 -9.61 51.03 7.43
CA GLY C 501 -10.42 50.91 6.21
C GLY C 501 -11.66 51.78 6.21
N ALA C 502 -11.69 52.79 5.35
CA ALA C 502 -12.83 53.71 5.24
C ALA C 502 -13.67 53.38 4.02
N ILE C 503 -14.96 53.73 4.06
CA ILE C 503 -15.81 53.62 2.87
C ILE C 503 -15.39 54.68 1.86
N SER C 504 -15.95 54.59 0.66
CA SER C 504 -15.81 55.67 -0.32
C SER C 504 -17.05 56.54 -0.31
N ARG C 505 -18.15 55.97 -0.77
CA ARG C 505 -19.24 56.80 -1.28
C ARG C 505 -20.20 57.36 -0.21
N LYS C 506 -20.81 56.48 0.59
CA LYS C 506 -21.72 56.96 1.63
C LYS C 506 -21.06 58.04 2.52
N GLU C 507 -19.84 57.79 3.00
CA GLU C 507 -19.19 58.77 3.88
C GLU C 507 -18.33 59.84 3.18
N ILE C 508 -17.33 59.44 2.40
CA ILE C 508 -16.39 60.40 1.80
C ILE C 508 -17.07 61.52 0.98
N VAL C 509 -18.03 61.12 0.14
CA VAL C 509 -18.81 62.06 -0.68
C VAL C 509 -19.71 62.94 0.19
N ASP C 510 -20.22 62.39 1.29
CA ASP C 510 -21.05 63.14 2.23
C ASP C 510 -20.23 63.98 3.23
N ARG C 511 -19.00 63.53 3.50
CA ARG C 511 -18.05 64.29 4.31
C ARG C 511 -17.35 65.36 3.48
N LEU C 512 -17.56 65.32 2.17
CA LEU C 512 -17.05 66.32 1.26
C LEU C 512 -18.06 67.45 1.11
N GLN C 513 -19.34 67.13 1.27
CA GLN C 513 -20.43 68.09 1.13
C GLN C 513 -20.43 69.21 2.19
N HIS C 514 -19.32 69.34 2.91
CA HIS C 514 -19.14 70.43 3.87
C HIS C 514 -17.92 71.27 3.49
N VAL C 515 -16.92 70.62 2.89
CA VAL C 515 -15.71 71.29 2.42
C VAL C 515 -15.56 71.14 0.90
N VAL C 571 -12.26 61.34 5.52
CA VAL C 571 -11.14 61.42 6.46
C VAL C 571 -11.12 60.14 7.35
N VAL C 572 -11.77 60.23 8.51
CA VAL C 572 -11.79 59.19 9.55
C VAL C 572 -12.75 59.73 10.63
N PRO C 573 -13.36 58.87 11.48
CA PRO C 573 -13.26 57.43 11.72
C PRO C 573 -13.74 56.58 10.57
N CYS C 574 -13.34 55.31 10.57
CA CYS C 574 -13.70 54.36 9.51
C CYS C 574 -15.01 53.66 9.80
N ASP C 575 -15.58 53.06 8.76
CA ASP C 575 -16.86 52.39 8.89
C ASP C 575 -16.88 51.01 8.22
N VAL C 576 -15.80 50.65 7.54
CA VAL C 576 -15.71 49.32 6.90
C VAL C 576 -14.57 48.42 7.40
N SER C 577 -14.90 47.21 7.85
CA SER C 577 -13.89 46.25 8.29
C SER C 577 -13.60 45.25 7.19
N PRO C 578 -12.40 45.33 6.59
CA PRO C 578 -12.03 44.50 5.46
C PRO C 578 -11.37 43.19 5.90
N ILE C 579 -11.71 42.08 5.26
CA ILE C 579 -11.06 40.83 5.63
C ILE C 579 -9.60 40.89 5.23
N VAL C 580 -8.76 41.24 6.20
CA VAL C 580 -7.32 41.29 5.99
C VAL C 580 -6.72 39.91 6.24
N VAL C 581 -5.64 39.61 5.52
CA VAL C 581 -5.01 38.30 5.59
C VAL C 581 -3.51 38.50 5.44
N THR C 582 -2.71 37.73 6.18
CA THR C 582 -1.24 37.83 6.09
C THR C 582 -0.69 37.36 4.75
N SER C 583 0.50 37.87 4.41
CA SER C 583 1.11 37.66 3.10
C SER C 583 1.62 36.25 2.82
N TYR C 584 1.66 35.41 3.86
CA TYR C 584 2.11 34.02 3.71
C TYR C 584 0.96 33.02 3.69
N SER C 585 -0.24 33.50 4.01
CA SER C 585 -1.47 32.72 3.87
C SER C 585 -1.66 32.36 2.40
N LEU C 586 -1.99 31.11 2.13
CA LEU C 586 -1.98 30.61 0.75
C LEU C 586 -3.37 30.45 0.12
N VAL C 587 -3.40 30.33 -1.20
CA VAL C 587 -4.63 30.27 -1.99
C VAL C 587 -5.69 29.29 -1.43
N ARG C 588 -5.24 28.11 -1.02
CA ARG C 588 -6.14 27.10 -0.47
C ARG C 588 -6.96 27.64 0.69
N GLN C 589 -6.57 28.81 1.20
CA GLN C 589 -7.32 29.49 2.27
C GLN C 589 -7.87 30.87 1.87
N LEU C 590 -7.28 31.49 0.84
CA LEU C 590 -7.89 32.67 0.24
C LEU C 590 -9.19 32.26 -0.45
N HIS C 591 -9.12 31.13 -1.15
CA HIS C 591 -10.26 30.62 -1.88
C HIS C 591 -11.42 30.33 -0.93
N PHE C 592 -11.10 29.80 0.26
CA PHE C 592 -12.14 29.48 1.23
C PHE C 592 -12.87 30.73 1.70
N LEU C 593 -12.12 31.80 1.92
CA LEU C 593 -12.66 33.07 2.41
C LEU C 593 -13.57 33.70 1.37
N PHE C 594 -13.25 33.47 0.09
CA PHE C 594 -14.06 33.96 -1.01
C PHE C 594 -15.40 33.22 -1.16
N VAL C 595 -15.42 31.95 -0.74
CA VAL C 595 -16.59 31.10 -0.90
C VAL C 595 -17.58 31.31 0.25
N MET C 596 -17.05 31.45 1.45
CA MET C 596 -17.85 31.58 2.67
C MET C 596 -18.19 33.04 2.99
N LEU C 597 -17.17 33.87 3.06
CA LEU C 597 -17.37 35.27 3.38
C LEU C 597 -17.86 36.04 2.16
N MET C 598 -17.50 35.57 0.99
CA MET C 598 -18.01 36.08 -0.28
C MET C 598 -17.69 37.55 -0.58
N PRO C 599 -16.51 38.04 -0.14
CA PRO C 599 -16.17 39.46 -0.32
C PRO C 599 -15.69 39.74 -1.75
N SER C 600 -15.53 41.01 -2.09
CA SER C 600 -15.04 41.35 -3.42
C SER C 600 -13.53 41.47 -3.42
N MET C 601 -12.97 41.78 -2.25
CA MET C 601 -11.53 42.03 -2.08
C MET C 601 -11.02 41.60 -0.70
N ILE C 602 -9.78 41.13 -0.68
CA ILE C 602 -9.10 40.77 0.57
C ILE C 602 -7.77 41.55 0.64
N TYR C 603 -7.53 42.21 1.77
CA TYR C 603 -6.31 42.99 1.96
C TYR C 603 -5.19 42.07 2.42
N VAL C 604 -3.96 42.39 2.04
CA VAL C 604 -2.81 41.58 2.41
C VAL C 604 -1.89 42.34 3.38
N THR C 605 -1.67 41.74 4.54
CA THR C 605 -0.82 42.33 5.59
C THR C 605 0.57 41.72 5.53
N GLU C 606 1.56 42.59 5.37
CA GLU C 606 2.95 42.20 5.45
C GLU C 606 3.59 43.02 6.58
N ARG C 607 3.85 42.33 7.69
CA ARG C 607 4.41 42.92 8.90
C ARG C 607 3.58 44.07 9.48
N GLY C 608 2.28 44.07 9.18
CA GLY C 608 1.37 45.09 9.68
C GLY C 608 1.00 46.13 8.63
N LYS C 609 1.91 46.38 7.70
CA LYS C 609 1.67 47.34 6.62
C LYS C 609 0.76 46.75 5.56
N LEU C 610 -0.13 47.56 5.00
CA LEU C 610 -0.96 47.13 3.88
C LEU C 610 -0.07 46.98 2.66
N VAL C 611 0.15 45.74 2.25
CA VAL C 611 0.96 45.41 1.09
C VAL C 611 0.15 44.55 0.15
N GLY C 612 -0.75 45.17 -0.61
CA GLY C 612 -1.51 44.44 -1.62
C GLY C 612 -2.97 44.13 -1.37
N ILE C 613 -3.76 44.28 -2.43
CA ILE C 613 -5.15 43.83 -2.47
C ILE C 613 -5.17 42.52 -3.26
N VAL C 614 -6.04 41.59 -2.90
CA VAL C 614 -6.28 40.45 -3.77
C VAL C 614 -7.75 40.43 -4.24
N GLU C 615 -7.92 40.78 -5.51
CA GLU C 615 -9.22 40.82 -6.15
C GLU C 615 -9.83 39.42 -6.11
N ARG C 616 -11.15 39.35 -6.23
CA ARG C 616 -11.90 38.10 -6.26
C ARG C 616 -11.70 37.44 -7.62
N GLU C 617 -11.38 38.26 -8.61
CA GLU C 617 -11.01 37.83 -9.96
C GLU C 617 -9.66 37.09 -10.00
N ASP C 618 -8.89 37.19 -8.92
CA ASP C 618 -7.52 36.64 -8.88
C ASP C 618 -7.46 35.17 -8.47
N VAL C 619 -8.58 34.63 -8.00
CA VAL C 619 -8.60 33.28 -7.44
C VAL C 619 -9.73 32.45 -8.04
N ALA C 620 -10.92 33.03 -8.13
CA ALA C 620 -12.06 32.35 -8.72
C ALA C 620 -11.86 32.12 -10.20
N TYR C 621 -12.28 30.94 -10.66
CA TYR C 621 -12.36 30.65 -12.09
C TYR C 621 -13.41 31.55 -12.71
N GLY C 622 -13.04 32.79 -13.03
CA GLY C 622 -14.01 33.76 -13.50
C GLY C 622 -13.71 34.24 -14.90
N TYR C 623 -14.65 34.02 -15.82
CA TYR C 623 -14.52 34.51 -17.19
C TYR C 623 -14.70 36.02 -17.27
N SER C 624 -15.76 36.51 -16.62
CA SER C 624 -16.03 37.95 -16.48
C SER C 624 -16.59 38.58 -17.77
N ASN C 625 -15.82 39.52 -18.33
CA ASN C 625 -16.11 40.08 -19.67
C ASN C 625 -17.27 41.07 -19.69
N SER D 3 9.33 -7.53 -8.13
CA SER D 3 10.64 -7.30 -8.84
C SER D 3 11.54 -6.34 -8.06
N LEU D 4 10.94 -5.30 -7.46
CA LEU D 4 11.68 -4.29 -6.69
C LEU D 4 11.28 -4.32 -5.22
N MET D 5 10.00 -4.57 -4.98
CA MET D 5 9.52 -4.82 -3.64
C MET D 5 10.11 -6.11 -3.11
N TYR D 6 10.43 -7.01 -4.03
CA TYR D 6 11.15 -8.25 -3.73
C TYR D 6 12.54 -7.94 -3.17
N LEU D 7 13.33 -7.18 -3.92
CA LEU D 7 14.71 -6.87 -3.54
C LEU D 7 14.80 -6.03 -2.26
N LEU D 8 13.97 -5.00 -2.15
CA LEU D 8 13.99 -4.09 -1.00
C LEU D 8 13.53 -4.74 0.29
N ARG D 9 12.68 -5.76 0.17
CA ARG D 9 12.24 -6.52 1.33
C ARG D 9 13.41 -7.29 1.89
N LEU D 10 14.10 -7.99 0.98
CA LEU D 10 15.25 -8.85 1.26
C LEU D 10 16.40 -8.02 1.80
N VAL D 11 16.77 -6.95 1.10
CA VAL D 11 17.84 -6.04 1.53
C VAL D 11 17.58 -5.50 2.94
N CYS D 12 16.36 -5.03 3.18
CA CYS D 12 15.94 -4.57 4.51
C CYS D 12 16.18 -5.61 5.61
N PHE D 13 15.83 -6.86 5.31
CA PHE D 13 15.95 -7.96 6.27
C PHE D 13 17.39 -8.23 6.62
N LEU D 14 18.19 -8.47 5.59
CA LEU D 14 19.59 -8.84 5.75
C LEU D 14 20.40 -7.75 6.46
N THR D 15 20.09 -6.49 6.19
CA THR D 15 20.77 -5.37 6.84
C THR D 15 20.35 -5.26 8.30
N LEU D 16 19.04 -5.40 8.55
CA LEU D 16 18.52 -5.36 9.92
C LEU D 16 18.95 -6.57 10.74
N LEU D 17 19.20 -7.70 10.06
CA LEU D 17 19.76 -8.90 10.71
C LEU D 17 21.21 -8.65 11.05
N GLY D 18 22.02 -8.40 10.02
CA GLY D 18 23.46 -8.21 10.17
C GLY D 18 23.88 -7.20 11.22
N VAL D 19 23.22 -6.05 11.21
CA VAL D 19 23.42 -5.03 12.25
C VAL D 19 23.17 -5.68 13.62
N THR D 20 21.92 -6.03 13.91
CA THR D 20 21.54 -6.45 15.26
C THR D 20 22.18 -7.77 15.70
N ALA D 21 22.76 -8.50 14.75
CA ALA D 21 23.54 -9.72 15.05
C ALA D 21 24.91 -9.33 15.57
N ALA D 22 25.67 -8.57 14.77
CA ALA D 22 26.97 -8.07 15.17
C ALA D 22 26.87 -7.08 16.35
N LEU D 23 25.67 -6.59 16.62
CA LEU D 23 25.45 -5.71 17.74
C LEU D 23 25.31 -6.53 19.03
N PHE D 24 24.51 -7.60 18.94
CA PHE D 24 24.27 -8.50 20.06
C PHE D 24 25.55 -9.19 20.49
N ILE D 25 26.33 -9.60 19.50
CA ILE D 25 27.59 -10.33 19.72
C ILE D 25 28.65 -9.41 20.29
N PHE D 26 28.54 -8.12 19.96
CA PHE D 26 29.40 -7.11 20.55
C PHE D 26 29.10 -6.99 22.04
N ALA D 27 27.82 -7.07 22.40
CA ALA D 27 27.39 -7.01 23.80
C ALA D 27 27.74 -8.28 24.59
N VAL D 28 27.76 -9.44 23.92
CA VAL D 28 28.27 -10.69 24.49
C VAL D 28 29.75 -10.50 24.85
N ASP D 29 30.51 -10.04 23.85
CA ASP D 29 31.94 -9.78 23.96
C ASP D 29 32.23 -8.74 25.03
N LEU D 30 31.39 -7.71 25.08
CA LEU D 30 31.50 -6.65 26.07
C LEU D 30 31.26 -7.16 27.49
N ALA D 31 30.37 -8.13 27.63
CA ALA D 31 30.03 -8.72 28.92
C ALA D 31 31.07 -9.73 29.38
N VAL D 32 31.81 -10.32 28.44
CA VAL D 32 32.87 -11.27 28.77
C VAL D 32 34.12 -10.54 29.30
N HIS D 33 34.38 -9.37 28.73
CA HIS D 33 35.51 -8.52 29.11
C HIS D 33 35.31 -7.82 30.46
N GLY D 34 34.07 -7.78 30.93
CA GLY D 34 33.73 -7.20 32.22
C GLY D 34 33.70 -8.25 33.31
N LEU D 35 33.07 -9.38 33.01
CA LEU D 35 32.94 -10.50 33.94
C LEU D 35 34.29 -11.08 34.31
N GLU D 36 35.26 -10.94 33.41
CA GLU D 36 36.64 -11.35 33.68
C GLU D 36 37.34 -10.34 34.60
N GLU D 37 37.10 -9.05 34.38
CA GLU D 37 37.72 -7.99 35.21
C GLU D 37 37.13 -7.91 36.62
N LEU D 38 35.85 -8.25 36.74
CA LEU D 38 35.20 -8.42 38.04
C LEU D 38 35.96 -9.52 38.77
N ARG D 39 35.95 -10.72 38.20
CA ARG D 39 36.66 -11.90 38.71
C ARG D 39 38.11 -11.60 39.13
N MET D 40 38.74 -10.65 38.45
CA MET D 40 40.11 -10.27 38.77
C MET D 40 40.20 -9.35 39.99
N LYS D 41 39.22 -8.43 40.12
CA LYS D 41 39.14 -7.54 41.28
C LYS D 41 38.98 -8.33 42.56
N ILE D 42 38.06 -9.29 42.55
CA ILE D 42 37.81 -10.18 43.68
C ILE D 42 39.12 -10.75 44.25
N SER D 43 40.04 -11.14 43.36
CA SER D 43 41.29 -11.77 43.74
C SER D 43 42.32 -10.80 44.31
N ARG D 44 42.50 -9.65 43.64
CA ARG D 44 43.51 -8.67 44.04
C ARG D 44 43.16 -7.86 45.29
N LEU D 45 41.92 -8.01 45.79
CA LEU D 45 41.48 -7.30 47.00
C LEU D 45 41.86 -8.07 48.28
N ALA D 46 41.96 -9.39 48.18
CA ALA D 46 42.39 -10.26 49.28
C ALA D 46 43.91 -10.45 49.26
N GLY D 47 44.45 -11.20 50.22
CA GLY D 47 45.88 -11.55 50.24
C GLY D 47 46.31 -12.37 49.02
N ARG D 48 47.62 -12.57 48.87
CA ARG D 48 48.18 -13.26 47.70
C ARG D 48 47.86 -14.76 47.68
N PHE D 49 48.06 -15.40 48.84
CA PHE D 49 47.73 -16.82 49.05
C PHE D 49 46.27 -17.12 48.67
N ALA D 50 45.35 -16.41 49.30
CA ALA D 50 43.91 -16.55 49.06
C ALA D 50 43.50 -15.91 47.74
N GLY D 51 44.25 -14.92 47.29
CA GLY D 51 43.99 -14.25 46.02
C GLY D 51 44.02 -15.19 44.84
N TYR D 52 44.77 -16.29 44.98
CA TYR D 52 44.84 -17.32 43.95
C TYR D 52 43.63 -18.28 44.01
N ILE D 53 43.27 -18.72 45.22
CA ILE D 53 42.14 -19.65 45.40
C ILE D 53 40.80 -18.96 45.12
N LEU D 54 40.67 -17.68 45.45
CA LEU D 54 39.48 -16.91 45.09
C LEU D 54 39.36 -16.68 43.58
N TYR D 55 40.47 -16.84 42.86
CA TYR D 55 40.44 -16.84 41.41
C TYR D 55 39.82 -18.15 40.92
N VAL D 56 40.27 -19.27 41.49
CA VAL D 56 39.78 -20.60 41.09
C VAL D 56 38.33 -20.80 41.49
N VAL D 57 37.98 -20.42 42.72
CA VAL D 57 36.61 -20.57 43.23
C VAL D 57 35.60 -19.79 42.37
N SER D 58 35.93 -18.54 42.05
CA SER D 58 35.11 -17.72 41.16
C SER D 58 35.00 -18.37 39.80
N GLY D 59 36.08 -19.02 39.37
CA GLY D 59 36.13 -19.70 38.07
C GLY D 59 35.22 -20.90 37.95
N VAL D 60 35.20 -21.75 38.97
CA VAL D 60 34.28 -22.88 39.01
C VAL D 60 32.86 -22.36 39.09
N ALA D 61 32.60 -21.43 40.01
CA ALA D 61 31.28 -20.82 40.20
C ALA D 61 30.65 -20.38 38.88
N LEU D 62 31.41 -19.66 38.06
CA LEU D 62 30.90 -19.17 36.79
C LEU D 62 30.70 -20.28 35.76
N CYS D 63 31.40 -21.40 35.91
CA CYS D 63 31.17 -22.57 35.05
C CYS D 63 29.94 -23.34 35.49
N LEU D 64 29.65 -23.29 36.78
CA LEU D 64 28.45 -23.91 37.35
C LEU D 64 27.22 -23.09 36.97
N LEU D 65 27.35 -21.77 37.00
CA LEU D 65 26.27 -20.88 36.60
C LEU D 65 26.00 -21.02 35.11
N SER D 66 27.05 -21.36 34.36
CA SER D 66 26.97 -21.54 32.91
C SER D 66 26.06 -22.72 32.54
N THR D 67 26.36 -23.89 33.09
CA THR D 67 25.55 -25.10 32.86
C THR D 67 24.14 -24.97 33.46
N PHE D 68 24.03 -24.18 34.54
CA PHE D 68 22.74 -23.90 35.18
C PHE D 68 21.80 -23.13 34.25
N TRP D 69 22.33 -22.11 33.57
CA TRP D 69 21.55 -21.32 32.61
C TRP D 69 20.91 -22.20 31.52
N CYS D 70 21.70 -23.11 30.94
CA CYS D 70 21.21 -24.08 29.97
C CYS D 70 20.11 -24.95 30.57
N ALA D 71 20.35 -25.42 31.78
CA ALA D 71 19.42 -26.30 32.48
C ALA D 71 18.09 -25.63 32.80
N VAL D 72 18.14 -24.41 33.33
CA VAL D 72 16.94 -23.70 33.78
C VAL D 72 16.12 -23.02 32.65
N LEU D 73 16.76 -22.75 31.52
CA LEU D 73 16.11 -22.10 30.38
C LEU D 73 15.81 -23.04 29.22
N SER D 74 16.85 -23.51 28.53
CA SER D 74 16.70 -24.51 27.46
C SER D 74 17.97 -25.34 27.27
N THR D 75 17.90 -26.62 27.61
CA THR D 75 19.06 -27.51 27.48
C THR D 75 19.46 -27.74 26.02
N GLU D 76 18.61 -27.31 25.09
CA GLU D 76 18.89 -27.38 23.66
C GLU D 76 20.01 -26.41 23.28
N ALA D 77 20.39 -25.57 24.25
CA ALA D 77 21.45 -24.56 24.08
C ALA D 77 22.84 -25.09 24.47
N GLU D 78 22.91 -26.35 24.86
CA GLU D 78 24.18 -26.96 25.25
C GLU D 78 25.00 -27.29 24.01
N GLY D 79 26.31 -27.19 24.16
CA GLY D 79 27.22 -27.48 23.06
C GLY D 79 27.46 -26.33 22.10
N SER D 80 28.01 -26.67 20.93
CA SER D 80 28.41 -25.70 19.92
C SER D 80 27.24 -24.87 19.40
N GLY D 81 26.36 -25.50 18.63
CA GLY D 81 25.24 -24.80 18.01
C GLY D 81 25.29 -24.98 16.51
N LEU D 82 26.50 -24.89 15.94
CA LEU D 82 26.72 -25.14 14.51
C LEU D 82 26.21 -26.51 14.07
N PRO D 83 26.67 -27.60 14.72
CA PRO D 83 26.04 -28.91 14.51
C PRO D 83 24.51 -28.86 14.53
N GLN D 84 23.93 -28.25 15.58
CA GLN D 84 22.48 -28.15 15.74
C GLN D 84 21.82 -27.40 14.60
N MET D 85 22.62 -26.58 13.92
CA MET D 85 22.15 -25.73 12.84
C MET D 85 22.33 -26.46 11.51
N LYS D 86 23.51 -27.07 11.35
CA LYS D 86 23.82 -27.93 10.22
C LYS D 86 22.65 -28.90 10.02
N SER D 87 22.03 -29.27 11.14
CA SER D 87 20.86 -30.14 11.20
C SER D 87 19.65 -29.50 10.52
N ILE D 88 19.35 -28.27 10.93
CA ILE D 88 18.21 -27.52 10.43
C ILE D 88 18.32 -27.24 8.93
N LEU D 89 19.50 -26.81 8.49
CA LEU D 89 19.72 -26.45 7.09
C LEU D 89 19.80 -27.68 6.20
N SER D 90 19.82 -28.84 6.84
CA SER D 90 19.90 -30.11 6.16
C SER D 90 18.51 -30.58 5.69
N GLY D 91 17.46 -29.91 6.18
CA GLY D 91 16.08 -30.24 5.81
C GLY D 91 15.26 -30.79 6.97
N PHE D 92 15.67 -30.46 8.18
CA PHE D 92 14.99 -30.91 9.37
C PHE D 92 14.49 -29.73 10.15
N TYR D 93 14.19 -28.63 9.46
CA TYR D 93 13.69 -27.42 10.13
C TYR D 93 12.43 -27.67 10.95
N ASP D 94 11.54 -28.51 10.44
CA ASP D 94 10.32 -28.91 11.14
C ASP D 94 10.59 -29.69 12.43
N LYS D 95 11.67 -30.47 12.45
CA LYS D 95 12.05 -31.29 13.62
C LYS D 95 12.88 -30.54 14.68
N MET D 96 13.74 -29.62 14.25
CA MET D 96 14.68 -28.94 15.16
C MET D 96 14.29 -27.51 15.47
N ARG D 97 13.12 -27.10 14.98
CA ARG D 97 12.55 -25.76 15.17
C ARG D 97 12.57 -25.29 16.63
N SER D 98 12.76 -26.25 17.53
CA SER D 98 12.75 -26.02 18.97
C SER D 98 14.01 -25.29 19.41
N ALA D 99 15.10 -25.50 18.68
CA ALA D 99 16.39 -24.96 19.05
C ALA D 99 16.50 -23.47 18.75
N LEU D 100 15.58 -22.98 17.91
CA LEU D 100 15.57 -21.56 17.50
C LEU D 100 14.63 -20.65 18.32
N GLU D 101 13.96 -21.23 19.32
CA GLU D 101 13.09 -20.50 20.23
C GLU D 101 13.83 -19.36 20.95
N LEU D 102 13.11 -18.26 21.23
CA LEU D 102 13.71 -17.08 21.85
C LEU D 102 14.35 -17.42 23.19
N ARG D 103 13.69 -18.29 23.96
CA ARG D 103 14.19 -18.72 25.26
C ARG D 103 15.57 -19.40 25.19
N VAL D 104 15.92 -19.95 24.02
CA VAL D 104 17.22 -20.61 23.82
C VAL D 104 18.33 -19.58 23.58
N LEU D 105 17.98 -18.42 23.03
CA LEU D 105 18.91 -17.29 22.87
C LEU D 105 19.51 -16.90 24.20
N PHE D 106 18.71 -16.96 25.25
CA PHE D 106 19.15 -16.53 26.57
C PHE D 106 20.07 -17.57 27.20
N ALA D 107 19.72 -18.85 27.07
CA ALA D 107 20.57 -19.93 27.59
C ALA D 107 21.89 -20.07 26.81
N LYS D 108 21.90 -19.62 25.56
CA LYS D 108 23.12 -19.58 24.78
C LYS D 108 24.02 -18.41 25.19
N ALA D 109 23.47 -17.21 25.19
CA ALA D 109 24.26 -15.99 25.47
C ALA D 109 24.59 -15.75 26.96
N LEU D 110 23.75 -16.25 27.86
CA LEU D 110 24.11 -16.24 29.27
C LEU D 110 25.12 -17.35 29.56
N GLY D 111 24.92 -18.50 28.93
CA GLY D 111 25.81 -19.65 29.09
C GLY D 111 27.21 -19.34 28.63
N LEU D 112 27.31 -18.65 27.49
CA LEU D 112 28.59 -18.33 26.86
C LEU D 112 29.42 -17.34 27.68
N ILE D 113 28.80 -16.22 28.05
CA ILE D 113 29.43 -15.21 28.90
C ILE D 113 30.03 -15.84 30.15
N CYS D 114 29.26 -16.72 30.80
CA CYS D 114 29.69 -17.36 32.04
C CYS D 114 30.72 -18.47 31.83
N ALA D 115 30.65 -19.14 30.68
CA ALA D 115 31.60 -20.21 30.38
C ALA D 115 33.01 -19.65 30.13
N ILE D 116 33.11 -18.66 29.24
CA ILE D 116 34.39 -18.00 28.95
C ILE D 116 34.86 -17.21 30.16
N GLY D 117 33.90 -16.62 30.87
CA GLY D 117 34.19 -15.86 32.08
C GLY D 117 34.87 -16.71 33.13
N GLY D 118 34.30 -17.88 33.36
CA GLY D 118 34.81 -18.82 34.37
C GLY D 118 36.15 -19.44 34.03
N GLY D 119 36.69 -19.11 32.86
CA GLY D 119 38.00 -19.57 32.44
C GLY D 119 38.03 -20.94 31.79
N LEU D 120 36.96 -21.29 31.08
CA LEU D 120 36.97 -22.52 30.28
C LEU D 120 37.70 -22.28 28.97
N PRO D 121 38.52 -23.26 28.54
CA PRO D 121 39.18 -23.21 27.23
C PRO D 121 38.16 -23.42 26.11
N VAL D 122 37.26 -22.46 25.95
CA VAL D 122 36.07 -22.64 25.12
C VAL D 122 35.84 -21.43 24.22
N GLY D 123 35.60 -21.69 22.94
CA GLY D 123 35.38 -20.64 21.95
C GLY D 123 33.96 -20.13 21.88
N TRP D 124 33.66 -19.34 20.85
CA TRP D 124 32.34 -18.73 20.70
C TRP D 124 31.79 -18.82 19.27
N GLU D 125 32.60 -19.33 18.34
CA GLU D 125 32.23 -19.47 16.93
C GLU D 125 30.89 -20.17 16.73
N GLY D 126 30.75 -21.36 17.30
CA GLY D 126 29.52 -22.12 17.27
C GLY D 126 28.38 -21.37 17.95
N PRO D 127 28.47 -21.18 19.29
CA PRO D 127 27.40 -20.52 20.02
C PRO D 127 26.94 -19.25 19.30
N ASN D 128 27.89 -18.55 18.71
CA ASN D 128 27.62 -17.32 18.01
C ASN D 128 26.73 -17.52 16.77
N VAL D 129 27.07 -18.50 15.92
CA VAL D 129 26.21 -18.83 14.76
C VAL D 129 24.79 -19.12 15.24
N HIS D 130 24.69 -19.88 16.33
CA HIS D 130 23.40 -20.25 16.91
C HIS D 130 22.56 -19.03 17.29
N ILE D 131 23.22 -18.01 17.83
CA ILE D 131 22.58 -16.76 18.23
C ILE D 131 21.98 -16.08 17.00
N ALA D 132 22.81 -15.88 15.99
CA ALA D 132 22.42 -15.18 14.77
C ALA D 132 21.19 -15.79 14.13
N CYS D 133 21.07 -17.11 14.23
CA CYS D 133 19.94 -17.81 13.63
C CYS D 133 18.65 -17.51 14.37
N ILE D 134 18.73 -17.42 15.70
CA ILE D 134 17.58 -17.14 16.55
C ILE D 134 17.11 -15.70 16.40
N ILE D 135 18.05 -14.77 16.28
CA ILE D 135 17.76 -13.38 15.93
C ILE D 135 17.10 -13.31 14.55
N ALA D 136 17.67 -14.02 13.58
CA ALA D 136 17.08 -14.06 12.23
C ALA D 136 15.70 -14.70 12.26
N HIS D 137 15.50 -15.63 13.19
CA HIS D 137 14.22 -16.31 13.34
C HIS D 137 13.19 -15.42 14.00
N GLN D 138 13.64 -14.46 14.81
CA GLN D 138 12.75 -13.55 15.49
C GLN D 138 12.20 -12.52 14.51
N PHE D 139 13.09 -11.91 13.73
CA PHE D 139 12.70 -11.02 12.62
C PHE D 139 11.63 -11.66 11.71
N TYR D 140 11.72 -12.98 11.53
CA TYR D 140 10.77 -13.74 10.72
C TYR D 140 9.35 -13.55 11.23
N ARG D 141 9.23 -13.15 12.48
CA ARG D 141 7.92 -12.97 13.11
C ARG D 141 7.20 -11.68 12.69
N LEU D 142 7.95 -10.69 12.20
CA LEU D 142 7.33 -9.46 11.68
C LEU D 142 6.67 -9.73 10.33
N GLY D 143 5.56 -9.06 10.08
CA GLY D 143 4.74 -9.31 8.89
C GLY D 143 5.48 -9.23 7.58
N VAL D 144 6.32 -8.21 7.43
CA VAL D 144 7.06 -7.98 6.19
C VAL D 144 8.08 -9.08 5.92
N PHE D 145 8.49 -9.77 6.97
CA PHE D 145 9.52 -10.76 6.86
C PHE D 145 9.01 -12.21 6.96
N LYS D 146 7.75 -12.40 7.34
CA LYS D 146 7.21 -13.76 7.60
C LYS D 146 7.34 -14.69 6.40
N GLU D 147 7.02 -14.17 5.22
CA GLU D 147 7.15 -14.90 3.94
C GLU D 147 8.56 -15.48 3.73
N LEU D 148 9.57 -14.82 4.29
CA LEU D 148 10.97 -15.24 4.18
C LEU D 148 11.23 -16.60 4.82
N CYS D 149 10.39 -16.96 5.77
CA CYS D 149 10.48 -18.26 6.44
C CYS D 149 9.62 -19.30 5.72
N THR D 150 8.40 -18.88 5.37
CA THR D 150 7.43 -19.68 4.61
C THR D 150 8.09 -20.37 3.42
N ASP D 151 8.69 -19.58 2.54
CA ASP D 151 9.28 -20.07 1.33
C ASP D 151 10.46 -20.94 1.70
N ARG D 152 10.31 -22.23 1.45
CA ARG D 152 11.34 -23.25 1.68
C ARG D 152 12.72 -22.79 1.23
N ALA D 153 12.80 -22.36 -0.04
CA ALA D 153 14.04 -21.92 -0.67
C ALA D 153 14.60 -20.64 -0.04
N LEU D 154 13.71 -19.68 0.19
CA LEU D 154 14.09 -18.37 0.69
C LEU D 154 14.48 -18.43 2.17
N ARG D 155 14.01 -19.47 2.88
CA ARG D 155 14.37 -19.67 4.29
C ARG D 155 15.78 -20.21 4.42
N LEU D 156 16.12 -21.13 3.50
CA LEU D 156 17.43 -21.76 3.42
C LEU D 156 18.51 -20.70 3.28
N GLN D 157 18.33 -19.86 2.26
CA GLN D 157 19.28 -18.83 1.90
C GLN D 157 19.44 -17.73 2.98
N THR D 158 18.34 -17.34 3.63
CA THR D 158 18.37 -16.35 4.70
C THR D 158 18.97 -16.89 5.99
N LEU D 159 18.49 -18.04 6.45
CA LEU D 159 19.07 -18.69 7.64
C LEU D 159 20.57 -18.89 7.49
N ALA D 160 21.02 -19.05 6.25
CA ALA D 160 22.44 -19.17 5.89
C ALA D 160 23.19 -17.85 6.08
N ALA D 161 22.49 -16.74 5.85
CA ALA D 161 23.07 -15.41 6.02
C ALA D 161 23.21 -15.09 7.51
N ALA D 162 22.30 -15.60 8.31
CA ALA D 162 22.42 -15.54 9.76
C ALA D 162 23.74 -16.17 10.17
N CYS D 163 23.98 -17.39 9.66
CA CYS D 163 25.22 -18.14 9.87
C CYS D 163 26.45 -17.35 9.48
N ALA D 164 26.41 -16.77 8.28
CA ALA D 164 27.51 -15.96 7.79
C ALA D 164 27.88 -14.82 8.75
N VAL D 165 26.91 -13.95 9.05
CA VAL D 165 27.10 -12.82 9.97
C VAL D 165 27.46 -13.31 11.39
N GLY D 166 26.85 -14.44 11.79
CA GLY D 166 27.24 -15.14 13.02
C GLY D 166 28.73 -15.46 13.02
N LEU D 167 29.19 -16.18 11.99
CA LEU D 167 30.59 -16.53 11.89
C LEU D 167 31.46 -15.30 11.68
N ALA D 168 31.22 -14.54 10.63
CA ALA D 168 32.11 -13.41 10.30
C ALA D 168 32.34 -12.44 11.47
N SER D 169 31.36 -12.34 12.37
CA SER D 169 31.47 -11.49 13.56
C SER D 169 32.38 -12.10 14.61
N SER D 170 32.40 -13.44 14.65
CA SER D 170 33.23 -14.21 15.56
C SER D 170 34.71 -14.08 15.25
N PHE D 171 35.04 -13.88 13.98
CA PHE D 171 36.44 -13.71 13.56
C PHE D 171 36.85 -12.27 13.23
N GLY D 172 35.86 -11.37 13.19
CA GLY D 172 36.08 -10.01 12.71
C GLY D 172 36.80 -10.05 11.37
N ALA D 173 36.25 -10.83 10.46
CA ALA D 173 36.78 -11.01 9.12
C ALA D 173 35.59 -11.35 8.21
N PRO D 174 35.02 -10.32 7.54
CA PRO D 174 33.77 -10.49 6.83
C PRO D 174 33.80 -11.60 5.76
N LEU D 175 34.81 -11.58 4.88
CA LEU D 175 34.91 -12.59 3.83
C LEU D 175 35.26 -13.95 4.42
N GLY D 176 36.31 -13.97 5.24
CA GLY D 176 36.68 -15.17 5.99
C GLY D 176 35.45 -15.85 6.58
N GLY D 177 34.58 -15.05 7.18
CA GLY D 177 33.37 -15.57 7.76
C GLY D 177 32.43 -16.21 6.77
N VAL D 178 31.95 -15.44 5.78
CA VAL D 178 30.97 -15.96 4.81
C VAL D 178 31.51 -17.21 4.09
N LEU D 179 32.79 -17.18 3.75
CA LEU D 179 33.49 -18.32 3.12
C LEU D 179 33.55 -19.59 3.97
N TYR D 180 33.89 -19.41 5.25
CA TYR D 180 33.85 -20.49 6.23
C TYR D 180 32.42 -21.01 6.38
N SER D 181 31.45 -20.10 6.27
CA SER D 181 30.05 -20.47 6.38
C SER D 181 29.64 -21.47 5.29
N ILE D 182 29.93 -21.14 4.03
CA ILE D 182 29.47 -21.98 2.91
C ILE D 182 30.16 -23.35 2.97
N GLU D 183 31.33 -23.39 3.60
CA GLU D 183 32.13 -24.61 3.67
C GLU D 183 31.61 -25.59 4.70
N THR D 184 30.74 -25.15 5.61
CA THR D 184 30.43 -25.97 6.78
C THR D 184 28.95 -26.22 7.10
N ILE D 185 28.15 -25.17 7.14
CA ILE D 185 26.73 -25.33 7.44
C ILE D 185 26.05 -26.02 6.24
N ALA D 186 26.35 -25.49 5.06
CA ALA D 186 25.81 -25.96 3.78
C ALA D 186 26.21 -27.41 3.39
N SER D 187 25.30 -28.11 2.73
CA SER D 187 25.65 -29.39 2.09
C SER D 187 25.92 -29.12 0.61
N PHE D 188 24.92 -28.57 -0.07
CA PHE D 188 25.16 -27.83 -1.28
C PHE D 188 24.73 -26.36 -1.04
N TYR D 189 24.98 -25.51 -2.03
CA TYR D 189 24.89 -24.09 -1.80
C TYR D 189 24.35 -23.44 -3.06
N LEU D 190 23.24 -22.71 -2.90
CA LEU D 190 22.66 -21.92 -3.99
C LEU D 190 23.40 -20.61 -4.13
N VAL D 191 23.89 -20.37 -5.34
CA VAL D 191 24.86 -19.32 -5.57
C VAL D 191 24.24 -17.97 -5.33
N GLN D 192 22.93 -17.90 -5.48
CA GLN D 192 22.16 -16.70 -5.16
C GLN D 192 22.52 -16.19 -3.78
N ALA D 193 22.26 -17.01 -2.76
CA ALA D 193 22.61 -16.70 -1.36
C ALA D 193 23.96 -15.97 -1.11
N PHE D 194 25.01 -16.29 -1.86
CA PHE D 194 26.31 -15.65 -1.65
C PHE D 194 26.23 -14.12 -1.53
N TRP D 195 25.41 -13.44 -2.35
CA TRP D 195 25.22 -11.98 -2.18
C TRP D 195 24.41 -11.61 -0.93
N LYS D 196 23.54 -12.52 -0.51
CA LYS D 196 22.71 -12.33 0.67
C LYS D 196 23.55 -12.51 1.94
N GLY D 197 24.48 -13.47 1.91
CA GLY D 197 25.42 -13.72 3.00
C GLY D 197 26.52 -12.66 3.15
N VAL D 198 27.07 -12.22 2.02
CA VAL D 198 27.99 -11.06 2.00
C VAL D 198 27.28 -9.82 2.54
N LEU D 199 26.08 -9.52 2.06
CA LEU D 199 25.35 -8.33 2.49
C LEU D 199 25.16 -8.29 4.01
N SER D 200 24.70 -9.40 4.54
CA SER D 200 24.42 -9.50 5.96
C SER D 200 25.69 -9.50 6.82
N ALA D 201 26.83 -9.82 6.21
CA ALA D 201 28.13 -9.80 6.88
C ALA D 201 28.71 -8.39 6.93
N LEU D 202 28.68 -7.68 5.81
CA LEU D 202 29.21 -6.32 5.73
C LEU D 202 28.42 -5.36 6.60
N SER D 203 27.13 -5.63 6.75
CA SER D 203 26.26 -4.85 7.60
C SER D 203 26.82 -4.82 9.01
N GLY D 204 27.22 -6.00 9.49
CA GLY D 204 27.80 -6.16 10.82
C GLY D 204 29.23 -5.72 10.93
N ALA D 205 29.91 -5.61 9.79
CA ALA D 205 31.28 -5.11 9.74
C ALA D 205 31.27 -3.61 10.00
N ILE D 206 30.33 -2.92 9.36
CA ILE D 206 30.12 -1.48 9.55
C ILE D 206 29.77 -1.18 11.00
N VAL D 207 28.94 -2.02 11.60
CA VAL D 207 28.64 -1.94 13.02
C VAL D 207 29.94 -2.08 13.82
N TYR D 208 30.70 -3.13 13.53
CA TYR D 208 31.97 -3.37 14.21
C TYR D 208 33.04 -2.32 13.89
N GLU D 209 32.74 -1.42 12.98
CA GLU D 209 33.65 -0.32 12.63
C GLU D 209 33.30 0.90 13.48
N LEU D 210 32.60 0.68 14.60
CA LEU D 210 32.09 1.76 15.43
C LEU D 210 32.09 1.44 16.93
N ASP D 229 51.35 -10.78 7.85
CA ASP D 229 52.79 -10.98 8.10
C ASP D 229 53.56 -11.34 6.83
N VAL D 230 54.72 -11.97 7.00
CA VAL D 230 55.49 -12.51 5.88
C VAL D 230 55.88 -13.99 6.10
N SER D 231 55.38 -14.87 5.22
CA SER D 231 55.83 -16.27 5.16
C SER D 231 56.68 -16.51 3.92
N ARG D 232 57.97 -16.77 4.10
CA ARG D 232 58.87 -17.11 2.99
C ARG D 232 58.40 -18.39 2.29
N THR D 233 58.69 -18.48 1.00
CA THR D 233 58.28 -19.59 0.16
C THR D 233 59.17 -20.86 0.27
N GLN D 234 59.84 -21.05 1.41
CA GLN D 234 60.43 -22.35 1.78
C GLN D 234 59.31 -23.39 2.00
N THR D 235 58.33 -23.38 1.10
CA THR D 235 57.03 -24.03 1.29
C THR D 235 57.07 -25.52 1.59
N LEU D 236 58.07 -26.23 1.06
CA LEU D 236 58.14 -27.67 1.23
C LEU D 236 58.00 -28.08 2.70
N LEU D 237 58.66 -27.32 3.58
CA LEU D 237 58.57 -27.55 5.02
C LEU D 237 57.24 -27.12 5.62
N TYR D 238 56.54 -26.20 4.97
CA TYR D 238 55.20 -25.81 5.40
C TYR D 238 54.18 -26.89 5.10
N ALA D 239 54.34 -27.55 3.95
CA ALA D 239 53.43 -28.62 3.54
C ALA D 239 53.61 -29.84 4.43
N ILE D 240 54.85 -30.08 4.87
CA ILE D 240 55.17 -31.14 5.83
C ILE D 240 54.44 -30.86 7.16
N LEU D 241 54.40 -29.60 7.55
CA LEU D 241 53.63 -29.17 8.72
C LEU D 241 52.12 -29.29 8.45
N GLY D 242 51.72 -29.07 7.19
CA GLY D 242 50.33 -29.22 6.79
C GLY D 242 49.89 -30.67 6.93
N ALA D 243 50.69 -31.57 6.38
CA ALA D 243 50.45 -33.01 6.49
C ALA D 243 50.29 -33.45 7.94
N LEU D 244 51.29 -33.15 8.78
CA LEU D 244 51.29 -33.53 10.20
C LEU D 244 50.09 -32.96 10.95
N MET D 245 49.76 -31.71 10.63
CA MET D 245 48.69 -30.99 11.31
C MET D 245 47.31 -31.60 11.02
N GLY D 246 47.13 -32.10 9.80
CA GLY D 246 45.95 -32.88 9.46
C GLY D 246 45.83 -34.08 10.36
N VAL D 247 46.94 -34.80 10.54
CA VAL D 247 46.97 -35.97 11.41
C VAL D 247 46.64 -35.60 12.86
N LEU D 248 47.05 -34.41 13.29
CA LEU D 248 46.74 -33.94 14.65
C LEU D 248 45.30 -33.45 14.81
N GLY D 249 44.75 -32.88 13.73
CA GLY D 249 43.34 -32.51 13.68
C GLY D 249 42.50 -33.75 13.74
N ALA D 250 42.92 -34.77 13.00
CA ALA D 250 42.27 -36.08 13.02
C ALA D 250 42.21 -36.59 14.45
N LEU D 251 43.37 -36.66 15.09
CA LEU D 251 43.47 -37.14 16.46
C LEU D 251 42.60 -36.31 17.41
N PHE D 252 42.48 -35.01 17.13
CA PHE D 252 41.66 -34.12 17.97
C PHE D 252 40.19 -34.50 17.93
N ILE D 253 39.65 -34.65 16.73
CA ILE D 253 38.25 -35.05 16.53
C ILE D 253 38.01 -36.47 17.07
N ARG D 254 39.02 -37.33 16.89
CA ARG D 254 39.02 -38.69 17.45
C ARG D 254 38.97 -38.67 18.98
N CYS D 255 39.63 -37.69 19.59
CA CYS D 255 39.68 -37.54 21.05
C CYS D 255 38.37 -37.03 21.60
N VAL D 256 37.82 -36.01 20.95
CA VAL D 256 36.55 -35.41 21.35
C VAL D 256 35.48 -36.48 21.50
N ARG D 257 35.30 -37.28 20.44
CA ARG D 257 34.31 -38.35 20.41
C ARG D 257 34.56 -39.45 21.44
N SER D 258 35.82 -39.86 21.60
CA SER D 258 36.19 -40.96 22.50
C SER D 258 36.13 -40.57 23.98
N ILE D 259 36.56 -39.36 24.29
CA ILE D 259 36.48 -38.85 25.66
C ILE D 259 35.00 -38.70 26.02
N TYR D 260 34.21 -38.22 25.06
CA TYR D 260 32.77 -38.06 25.22
C TYR D 260 32.07 -39.41 25.41
N GLU D 261 32.19 -40.30 24.44
CA GLU D 261 31.44 -41.53 24.45
C GLU D 261 31.87 -42.55 25.50
N LEU D 262 32.96 -42.27 26.21
CA LEU D 262 33.29 -43.09 27.38
C LEU D 262 32.69 -42.51 28.66
N ARG D 263 32.12 -41.30 28.56
CA ARG D 263 31.31 -40.73 29.64
C ARG D 263 29.86 -41.20 29.55
N MET D 264 29.44 -41.54 28.34
CA MET D 264 28.06 -41.98 28.11
C MET D 264 27.94 -43.49 28.33
N ARG D 265 28.89 -44.25 27.81
CA ARG D 265 28.89 -45.72 27.95
C ARG D 265 29.28 -46.13 29.37
N HIS D 266 30.34 -45.51 29.88
CA HIS D 266 30.84 -45.77 31.23
C HIS D 266 30.62 -44.51 32.05
N TYR D 267 30.38 -44.66 33.35
CA TYR D 267 30.09 -43.52 34.24
C TYR D 267 28.90 -42.68 33.72
N PRO D 268 27.89 -43.33 33.09
CA PRO D 268 26.85 -42.54 32.46
C PRO D 268 25.88 -41.94 33.48
N GLY D 269 25.20 -40.87 33.08
CA GLY D 269 24.22 -40.22 33.94
C GLY D 269 24.83 -39.37 35.05
N THR D 270 26.13 -39.05 34.92
CA THR D 270 26.76 -38.06 35.78
C THR D 270 26.06 -36.75 35.48
N ASN D 271 25.63 -36.04 36.51
CA ASN D 271 24.82 -34.84 36.26
C ASN D 271 25.44 -33.48 36.55
N ARG D 272 25.52 -32.70 35.47
CA ARG D 272 25.74 -31.24 35.45
C ARG D 272 26.98 -30.72 36.19
N TYR D 273 26.79 -30.22 37.41
CA TYR D 273 27.79 -29.40 38.11
C TYR D 273 29.03 -30.16 38.56
N PHE D 274 28.84 -31.38 39.07
CA PHE D 274 29.98 -32.22 39.45
C PHE D 274 30.87 -32.51 38.23
N LEU D 275 30.26 -32.68 37.06
CA LEU D 275 30.98 -32.86 35.80
C LEU D 275 31.68 -31.57 35.37
N VAL D 276 30.89 -30.51 35.15
CA VAL D 276 31.41 -29.19 34.77
C VAL D 276 32.41 -28.65 35.80
N GLY D 277 32.09 -28.82 37.09
CA GLY D 277 32.90 -28.33 38.20
C GLY D 277 34.28 -28.95 38.30
N VAL D 278 34.37 -30.27 38.10
CA VAL D 278 35.66 -30.95 38.08
C VAL D 278 36.54 -30.40 36.95
N VAL D 279 35.98 -30.29 35.74
CA VAL D 279 36.71 -29.75 34.59
C VAL D 279 37.18 -28.29 34.82
N ALA D 280 36.33 -27.50 35.47
CA ALA D 280 36.66 -26.12 35.82
C ALA D 280 37.84 -26.05 36.79
N LEU D 281 37.76 -26.82 37.87
CA LEU D 281 38.83 -26.91 38.88
C LEU D 281 40.10 -27.49 38.28
N PHE D 282 39.97 -28.71 37.75
CA PHE D 282 41.05 -29.44 37.07
C PHE D 282 41.80 -28.53 36.08
N ALA D 283 41.05 -27.75 35.30
CA ALA D 283 41.61 -26.81 34.31
C ALA D 283 42.46 -25.71 34.94
N SER D 284 41.87 -24.97 35.88
CA SER D 284 42.53 -23.84 36.54
C SER D 284 43.83 -24.25 37.27
N ALA D 285 43.94 -25.54 37.59
CA ALA D 285 45.12 -26.09 38.25
C ALA D 285 46.12 -26.69 37.25
N LEU D 286 45.62 -27.35 36.21
CA LEU D 286 46.48 -27.96 35.19
C LEU D 286 47.24 -26.89 34.39
N GLN D 287 46.78 -25.64 34.50
CA GLN D 287 47.42 -24.51 33.83
C GLN D 287 48.19 -23.61 34.80
N TYR D 288 48.62 -24.18 35.94
CA TYR D 288 49.33 -23.43 36.99
C TYR D 288 50.67 -22.79 36.53
N PRO D 289 51.58 -23.57 35.91
CA PRO D 289 52.81 -22.95 35.36
C PRO D 289 52.62 -22.11 34.08
N PHE D 290 51.38 -21.97 33.60
CA PHE D 290 51.09 -21.09 32.47
C PHE D 290 49.99 -20.09 32.80
N PRO D 297 44.23 -14.66 25.61
CA PRO D 297 43.69 -15.53 24.55
C PRO D 297 44.17 -15.09 23.16
N ARG D 298 43.61 -13.98 22.68
CA ARG D 298 44.16 -13.22 21.55
C ARG D 298 45.51 -12.57 21.93
N ALA D 299 45.89 -12.67 23.22
CA ALA D 299 47.18 -12.15 23.69
C ALA D 299 48.35 -13.06 23.31
N THR D 300 48.22 -14.34 23.63
CA THR D 300 49.27 -15.32 23.32
C THR D 300 49.52 -15.39 21.82
N ILE D 301 48.45 -15.50 21.04
CA ILE D 301 48.51 -15.67 19.58
C ILE D 301 49.49 -14.70 18.92
N ASN D 302 49.17 -13.41 18.96
CA ASN D 302 50.01 -12.38 18.36
C ASN D 302 51.48 -12.47 18.81
N ASP D 303 51.71 -13.04 20.00
CA ASP D 303 53.06 -13.16 20.57
C ASP D 303 53.90 -14.29 19.98
N LEU D 304 53.25 -15.41 19.66
CA LEU D 304 53.87 -16.51 18.91
C LEU D 304 54.11 -16.10 17.45
N PHE D 305 53.21 -15.28 16.93
CA PHE D 305 53.29 -14.71 15.58
C PHE D 305 54.44 -13.70 15.44
N LYS D 306 54.79 -13.02 16.54
CA LYS D 306 56.01 -12.23 16.61
C LYS D 306 57.19 -13.17 16.32
N ALA D 307 58.25 -12.62 15.72
CA ALA D 307 59.35 -13.44 15.22
C ALA D 307 60.67 -13.30 16.02
N VAL D 308 60.62 -13.68 17.29
CA VAL D 308 61.84 -13.70 18.14
C VAL D 308 62.22 -15.12 18.58
N THR D 319 60.92 -26.86 25.73
CA THR D 319 60.51 -26.90 27.13
C THR D 319 59.46 -25.84 27.43
N GLU D 320 58.63 -26.09 28.43
CA GLU D 320 57.57 -25.18 28.86
C GLU D 320 56.63 -24.71 27.73
N LEU D 321 56.93 -25.16 26.51
CA LEU D 321 56.12 -24.82 25.32
C LEU D 321 55.75 -26.10 24.56
N ILE D 322 56.29 -27.23 25.06
CA ILE D 322 55.97 -28.56 24.56
C ILE D 322 54.69 -29.03 25.24
N LEU D 323 54.59 -28.75 26.54
CA LEU D 323 53.43 -29.12 27.34
C LEU D 323 52.23 -28.21 27.07
N MET D 324 52.50 -26.93 26.82
CA MET D 324 51.46 -25.93 26.58
C MET D 324 50.35 -26.43 25.62
N PRO D 325 50.70 -26.78 24.37
CA PRO D 325 49.65 -27.18 23.42
C PRO D 325 49.07 -28.54 23.73
N ILE D 326 49.90 -29.45 24.24
CA ILE D 326 49.48 -30.81 24.59
C ILE D 326 48.43 -30.80 25.71
N ILE D 327 48.66 -29.96 26.72
CA ILE D 327 47.69 -29.79 27.83
C ILE D 327 46.38 -29.20 27.31
N LYS D 328 46.47 -28.16 26.49
CA LYS D 328 45.30 -27.51 25.91
C LYS D 328 44.61 -28.39 24.85
N PHE D 329 45.37 -29.24 24.18
CA PHE D 329 44.81 -30.22 23.25
C PHE D 329 43.80 -31.08 23.99
N ILE D 330 44.24 -31.66 25.11
CA ILE D 330 43.37 -32.49 25.95
C ILE D 330 42.29 -31.63 26.61
N LEU D 331 42.69 -30.57 27.31
CA LEU D 331 41.75 -29.68 28.01
C LEU D 331 40.59 -29.15 27.16
N VAL D 332 40.86 -28.78 25.90
CA VAL D 332 39.79 -28.26 25.03
C VAL D 332 38.91 -29.42 24.56
N ALA D 333 39.53 -30.49 24.05
CA ALA D 333 38.80 -31.66 23.57
C ALA D 333 37.78 -32.14 24.60
N LEU D 334 38.18 -32.08 25.86
CA LEU D 334 37.34 -32.47 26.99
C LEU D 334 36.21 -31.47 27.22
N SER D 335 36.53 -30.18 27.12
CA SER D 335 35.61 -29.10 27.46
C SER D 335 34.42 -28.89 26.51
N ILE D 336 34.60 -29.21 25.23
CA ILE D 336 33.53 -29.05 24.25
C ILE D 336 32.49 -30.17 24.32
N GLY D 337 32.79 -31.20 25.12
CA GLY D 337 31.83 -32.27 25.42
C GLY D 337 30.92 -31.91 26.59
N LEU D 338 31.20 -30.79 27.24
CA LEU D 338 30.44 -30.33 28.41
C LEU D 338 29.03 -29.83 28.07
N PRO D 339 28.07 -30.04 29.00
CA PRO D 339 26.69 -29.57 28.86
C PRO D 339 26.58 -28.05 29.06
N LEU D 340 27.10 -27.30 28.09
CA LEU D 340 27.08 -25.83 28.08
C LEU D 340 27.57 -25.27 26.74
N PRO D 341 27.29 -23.98 26.45
CA PRO D 341 27.72 -23.34 25.19
C PRO D 341 29.23 -23.39 24.98
N ALA D 342 29.65 -24.03 23.89
CA ALA D 342 31.08 -24.26 23.62
C ALA D 342 31.50 -24.20 22.13
N GLY D 343 32.19 -23.13 21.74
CA GLY D 343 32.76 -23.03 20.39
C GLY D 343 34.15 -23.62 20.41
N VAL D 344 34.78 -23.73 19.24
CA VAL D 344 36.08 -24.41 19.16
C VAL D 344 37.14 -23.72 18.29
N PHE D 345 36.82 -22.58 17.69
CA PHE D 345 37.75 -21.98 16.71
C PHE D 345 38.96 -21.28 17.31
N VAL D 346 38.73 -20.34 18.21
CA VAL D 346 39.82 -19.57 18.84
C VAL D 346 40.71 -20.46 19.73
N PRO D 347 40.13 -21.48 20.40
CA PRO D 347 40.96 -22.45 21.12
C PRO D 347 41.86 -23.26 20.19
N SER D 348 41.30 -23.77 19.09
CA SER D 348 42.09 -24.52 18.12
C SER D 348 43.13 -23.66 17.43
N PHE D 349 42.88 -22.36 17.37
CA PHE D 349 43.84 -21.42 16.82
C PHE D 349 45.11 -21.43 17.67
N LEU D 350 44.95 -21.42 18.99
CA LEU D 350 46.09 -21.51 19.90
C LEU D 350 46.84 -22.83 19.76
N ILE D 351 46.11 -23.93 19.71
CA ILE D 351 46.73 -25.27 19.69
C ILE D 351 47.57 -25.47 18.43
N GLY D 352 47.12 -24.89 17.33
CA GLY D 352 47.88 -24.92 16.08
C GLY D 352 49.15 -24.10 16.13
N ALA D 353 49.00 -22.82 16.46
CA ALA D 353 50.12 -21.90 16.63
C ALA D 353 51.22 -22.48 17.53
N GLY D 354 50.81 -23.11 18.62
CA GLY D 354 51.73 -23.76 19.55
C GLY D 354 52.53 -24.89 18.93
N PHE D 355 51.84 -25.76 18.20
CA PHE D 355 52.49 -26.84 17.45
C PHE D 355 53.34 -26.29 16.32
N GLY D 356 52.85 -25.22 15.69
CA GLY D 356 53.59 -24.52 14.64
C GLY D 356 54.88 -23.89 15.14
N ARG D 357 54.87 -23.44 16.40
CA ARG D 357 56.04 -22.84 17.04
C ARG D 357 57.07 -23.89 17.43
N LEU D 358 56.58 -25.05 17.87
CA LEU D 358 57.42 -26.20 18.22
C LEU D 358 58.11 -26.75 16.98
N TYR D 359 57.39 -26.76 15.85
CA TYR D 359 57.93 -27.15 14.57
C TYR D 359 58.84 -26.04 14.04
N GLY D 360 58.39 -24.79 14.16
CA GLY D 360 59.14 -23.62 13.70
C GLY D 360 60.45 -23.41 14.42
N GLU D 361 60.57 -24.05 15.59
CA GLU D 361 61.79 -23.98 16.36
C GLU D 361 62.68 -25.21 16.10
N LEU D 362 62.06 -26.38 15.96
CA LEU D 362 62.81 -27.59 15.60
C LEU D 362 63.30 -27.55 14.15
N MET D 363 62.86 -26.54 13.40
CA MET D 363 63.34 -26.32 12.05
C MET D 363 64.34 -25.19 12.06
N ARG D 364 64.23 -24.33 13.06
CA ARG D 364 65.17 -23.24 13.30
C ARG D 364 66.59 -23.78 13.35
N VAL D 365 66.76 -24.89 14.05
CA VAL D 365 68.07 -25.49 14.25
C VAL D 365 68.56 -26.33 13.06
N VAL D 366 67.67 -27.10 12.45
CA VAL D 366 68.07 -28.04 11.39
C VAL D 366 68.41 -27.39 10.05
N PHE D 367 67.89 -26.20 9.79
CA PHE D 367 68.09 -25.54 8.48
C PHE D 367 68.79 -24.18 8.56
N GLY D 368 69.05 -23.71 9.77
CA GLY D 368 69.81 -22.48 9.99
C GLY D 368 68.97 -21.28 10.40
N ASN D 369 69.65 -20.17 10.67
CA ASN D 369 69.03 -18.93 11.12
C ASN D 369 68.03 -18.34 10.11
N ALA D 370 68.21 -18.73 8.84
CA ALA D 370 67.33 -18.30 7.75
C ALA D 370 65.86 -18.67 7.98
N ILE D 371 65.64 -19.74 8.75
CA ILE D 371 64.29 -20.13 9.15
C ILE D 371 63.76 -19.23 10.27
N VAL D 372 62.55 -18.73 10.06
CA VAL D 372 61.86 -17.86 11.01
C VAL D 372 60.75 -18.63 11.72
N PRO D 373 60.85 -18.79 13.05
CA PRO D 373 59.91 -19.61 13.81
C PRO D 373 58.51 -19.01 13.91
N GLY D 374 58.41 -17.69 13.74
CA GLY D 374 57.13 -16.98 13.82
C GLY D 374 56.13 -17.37 12.74
N SER D 375 56.58 -17.39 11.49
CA SER D 375 55.72 -17.70 10.35
C SER D 375 55.23 -19.14 10.35
N TYR D 376 55.92 -20.02 11.06
CA TYR D 376 55.49 -21.42 11.18
C TYR D 376 54.36 -21.58 12.19
N ALA D 377 54.25 -20.66 13.14
CA ALA D 377 53.12 -20.60 14.06
C ALA D 377 51.84 -20.09 13.38
N VAL D 378 52.01 -19.25 12.36
CA VAL D 378 50.90 -18.70 11.56
C VAL D 378 50.28 -19.79 10.70
N VAL D 379 51.14 -20.53 10.00
CA VAL D 379 50.75 -21.69 9.19
C VAL D 379 50.24 -22.81 10.12
N GLY D 380 50.78 -22.84 11.34
CA GLY D 380 50.35 -23.79 12.36
C GLY D 380 48.93 -23.58 12.84
N ALA D 381 48.62 -22.35 13.24
CA ALA D 381 47.29 -21.97 13.70
C ALA D 381 46.23 -22.20 12.63
N ALA D 382 46.59 -21.88 11.39
CA ALA D 382 45.70 -22.05 10.24
C ALA D 382 45.46 -23.51 9.87
N ALA D 383 46.52 -24.31 9.87
CA ALA D 383 46.43 -25.69 9.40
C ALA D 383 45.70 -26.61 10.36
N PHE D 384 45.88 -26.38 11.66
CA PHE D 384 45.23 -27.21 12.67
C PHE D 384 43.72 -26.95 12.74
N THR D 385 43.29 -25.69 12.69
CA THR D 385 41.85 -25.41 12.63
C THR D 385 41.29 -26.00 11.35
N ALA D 386 42.13 -26.00 10.31
CA ALA D 386 41.80 -26.63 9.04
C ALA D 386 41.85 -28.16 9.10
N GLY D 387 42.56 -28.69 10.08
CA GLY D 387 42.54 -30.13 10.33
C GLY D 387 41.24 -30.49 11.00
N VAL D 388 40.92 -29.77 12.08
CA VAL D 388 39.75 -30.04 12.89
C VAL D 388 38.46 -29.61 12.19
N THR D 389 38.45 -28.40 11.63
CA THR D 389 37.24 -27.84 11.01
C THR D 389 36.99 -28.40 9.58
N ARG D 390 38.09 -28.61 8.86
CA ARG D 390 38.09 -29.01 7.43
C ARG D 390 37.74 -27.85 6.51
N ALA D 391 37.67 -26.66 7.08
CA ALA D 391 37.42 -25.44 6.32
C ALA D 391 38.71 -24.95 5.74
N LEU D 392 38.78 -24.93 4.41
CA LEU D 392 39.88 -24.33 3.69
C LEU D 392 39.95 -22.81 3.92
N SER D 393 38.86 -22.26 4.45
CA SER D 393 38.75 -20.83 4.71
C SER D 393 39.69 -20.32 5.79
N CYS D 394 40.06 -21.18 6.74
CA CYS D 394 40.96 -20.78 7.84
C CYS D 394 42.20 -20.06 7.33
N ALA D 395 42.61 -20.41 6.11
CA ALA D 395 43.67 -19.73 5.39
C ALA D 395 43.30 -18.28 5.13
N VAL D 396 42.07 -18.03 4.66
CA VAL D 396 41.58 -16.66 4.43
C VAL D 396 41.33 -15.94 5.75
N ILE D 397 40.89 -16.67 6.77
CA ILE D 397 40.58 -16.06 8.06
C ILE D 397 41.84 -15.51 8.72
N ILE D 398 42.91 -16.30 8.75
CA ILE D 398 44.19 -15.82 9.29
C ILE D 398 44.72 -14.59 8.54
N PHE D 399 44.45 -14.52 7.24
CA PHE D 399 44.82 -13.36 6.44
C PHE D 399 44.03 -12.16 6.86
N GLU D 400 42.71 -12.24 6.74
CA GLU D 400 41.83 -11.12 7.04
C GLU D 400 42.02 -10.51 8.43
N VAL D 401 42.22 -11.35 9.44
CA VAL D 401 42.35 -10.87 10.84
C VAL D 401 43.55 -9.92 11.07
N THR D 402 44.76 -10.44 11.15
CA THR D 402 45.94 -9.57 11.28
C THR D 402 46.82 -9.74 10.06
N GLY D 403 46.77 -10.93 9.46
CA GLY D 403 47.50 -11.16 8.22
C GLY D 403 47.52 -9.96 7.26
N GLN D 404 48.65 -9.79 6.56
CA GLN D 404 48.75 -8.78 5.54
C GLN D 404 48.45 -9.39 4.16
N ILE D 405 48.41 -10.73 4.10
CA ILE D 405 48.38 -11.49 2.83
C ILE D 405 49.61 -11.17 1.94
N ARG D 406 50.80 -11.49 2.45
CA ARG D 406 52.03 -11.43 1.65
C ARG D 406 51.87 -12.36 0.46
N HIS D 407 51.70 -13.64 0.75
CA HIS D 407 51.37 -14.65 -0.24
C HIS D 407 50.47 -15.67 0.45
N LEU D 408 49.37 -16.02 -0.21
CA LEU D 408 48.52 -17.09 0.27
C LEU D 408 49.17 -18.42 -0.03
N VAL D 409 49.69 -18.55 -1.25
CA VAL D 409 50.13 -19.84 -1.81
C VAL D 409 50.76 -20.84 -0.82
N PRO D 410 51.82 -20.44 -0.08
CA PRO D 410 52.36 -21.34 0.95
C PRO D 410 51.31 -21.75 2.00
N VAL D 411 50.63 -20.76 2.57
CA VAL D 411 49.62 -21.00 3.60
C VAL D 411 48.47 -21.81 3.03
N LEU D 412 48.08 -21.50 1.81
CA LEU D 412 46.91 -22.13 1.19
C LEU D 412 47.16 -23.59 0.81
N ILE D 413 48.42 -23.94 0.53
CA ILE D 413 48.82 -25.33 0.24
C ILE D 413 48.85 -26.19 1.50
N SER D 414 49.48 -25.67 2.55
CA SER D 414 49.55 -26.35 3.84
C SER D 414 48.18 -26.44 4.54
N VAL D 415 47.32 -25.45 4.31
CA VAL D 415 45.96 -25.54 4.83
C VAL D 415 45.21 -26.64 4.07
N LEU D 416 45.48 -26.76 2.76
CA LEU D 416 44.82 -27.77 1.93
C LEU D 416 45.29 -29.18 2.27
N LEU D 417 46.61 -29.38 2.35
CA LEU D 417 47.14 -30.70 2.69
C LEU D 417 46.51 -31.23 3.96
N ALA D 418 46.41 -30.35 4.97
CA ALA D 418 45.80 -30.69 6.24
C ALA D 418 44.40 -31.24 6.05
N VAL D 419 43.65 -30.68 5.10
CA VAL D 419 42.30 -31.19 4.81
C VAL D 419 42.38 -32.57 4.13
N ILE D 420 43.07 -32.66 3.00
CA ILE D 420 43.26 -33.94 2.29
C ILE D 420 43.73 -35.11 3.21
N VAL D 421 44.68 -34.82 4.09
CA VAL D 421 45.18 -35.79 5.06
C VAL D 421 44.16 -36.16 6.14
N GLY D 422 43.63 -35.15 6.85
CA GLY D 422 42.65 -35.35 7.94
C GLY D 422 41.29 -35.78 7.44
N ASN D 423 41.05 -35.49 6.16
CA ASN D 423 39.86 -35.92 5.44
C ASN D 423 39.91 -37.41 5.16
N ALA D 424 41.08 -38.04 5.35
CA ALA D 424 41.27 -39.48 5.19
C ALA D 424 40.86 -40.25 6.46
N PHE D 425 41.49 -39.89 7.58
CA PHE D 425 41.18 -40.50 8.88
C PHE D 425 39.74 -40.23 9.33
N ASN D 426 39.39 -38.94 9.45
CA ASN D 426 38.23 -38.50 10.19
C ASN D 426 37.11 -37.90 9.36
N ARG D 427 35.97 -37.67 10.02
CA ARG D 427 34.95 -36.72 9.56
C ARG D 427 35.19 -35.38 10.24
N SER D 428 34.64 -34.31 9.67
CA SER D 428 34.78 -32.95 10.23
C SER D 428 34.26 -32.87 11.66
N LEU D 429 34.92 -32.07 12.49
CA LEU D 429 34.57 -32.00 13.92
C LEU D 429 33.08 -31.73 14.09
N TYR D 430 32.53 -30.91 13.20
CA TYR D 430 31.10 -30.62 13.18
C TYR D 430 30.24 -31.85 12.84
N GLU D 431 30.63 -32.58 11.79
CA GLU D 431 29.95 -33.84 11.41
C GLU D 431 30.08 -34.91 12.47
N THR D 432 31.26 -34.97 13.09
CA THR D 432 31.51 -35.92 14.15
C THR D 432 30.69 -35.55 15.37
N LEU D 433 30.55 -34.24 15.62
CA LEU D 433 29.68 -33.74 16.70
C LEU D 433 28.22 -34.06 16.44
N VAL D 434 27.84 -34.11 15.17
CA VAL D 434 26.46 -34.46 14.78
C VAL D 434 26.17 -35.92 15.11
N LEU D 435 27.12 -36.79 14.79
CA LEU D 435 27.05 -38.20 15.16
C LEU D 435 27.05 -38.32 16.68
N MET D 436 28.13 -37.85 17.27
CA MET D 436 28.36 -37.81 18.70
C MET D 436 27.14 -37.35 19.53
N LYS D 437 26.40 -36.35 19.03
CA LYS D 437 25.25 -35.83 19.75
C LYS D 437 23.92 -36.37 19.20
N HIS D 438 23.99 -37.20 18.16
CA HIS D 438 22.82 -37.86 17.58
C HIS D 438 21.75 -36.87 17.07
N LEU D 439 22.11 -36.10 16.03
CA LEU D 439 21.25 -35.05 15.46
C LEU D 439 20.79 -35.41 14.07
N PRO D 440 19.53 -35.16 13.73
CA PRO D 440 19.11 -35.56 12.40
C PRO D 440 19.97 -34.80 11.40
N TYR D 441 20.69 -35.54 10.57
CA TYR D 441 21.58 -34.94 9.59
C TYR D 441 21.48 -35.75 8.30
N MET D 442 20.81 -35.16 7.31
CA MET D 442 20.44 -35.81 6.06
C MET D 442 21.57 -36.49 5.29
N PRO D 443 22.78 -35.88 5.26
CA PRO D 443 23.76 -36.43 4.33
C PRO D 443 24.53 -37.64 4.81
N ILE D 444 24.42 -37.99 6.10
CA ILE D 444 25.02 -39.22 6.58
C ILE D 444 23.92 -40.28 6.59
N LEU D 445 24.27 -41.47 6.14
CA LEU D 445 23.33 -42.58 6.13
C LEU D 445 23.23 -43.24 7.50
N ARG D 446 22.04 -43.77 7.82
CA ARG D 446 21.80 -44.53 9.05
C ARG D 446 22.87 -45.58 9.19
N ARG D 447 23.37 -45.75 10.40
CA ARG D 447 24.44 -46.72 10.65
C ARG D 447 24.03 -48.12 10.17
N ASP D 448 22.72 -48.40 10.22
CA ASP D 448 22.18 -49.74 9.96
C ASP D 448 21.59 -49.98 8.57
N ARG D 449 21.75 -49.03 7.66
CA ARG D 449 21.21 -49.18 6.29
C ARG D 449 22.26 -49.19 5.19
N SER D 450 22.30 -50.28 4.42
CA SER D 450 23.15 -50.35 3.25
C SER D 450 22.53 -49.51 2.14
N PRO D 451 23.36 -48.90 1.26
CA PRO D 451 22.87 -48.20 0.06
C PRO D 451 22.31 -49.18 -0.98
N GLU D 452 22.50 -50.47 -0.74
CA GLU D 452 22.01 -51.52 -1.65
C GLU D 452 20.57 -51.92 -1.39
N MET D 453 20.10 -51.72 -0.16
CA MET D 453 18.73 -52.05 0.25
C MET D 453 17.71 -51.39 -0.66
N THR D 454 16.73 -52.17 -1.10
CA THR D 454 15.65 -51.66 -1.92
C THR D 454 14.72 -50.83 -1.07
N ALA D 455 14.06 -49.85 -1.70
CA ALA D 455 13.06 -49.05 -1.01
C ALA D 455 12.03 -49.96 -0.34
N ARG D 456 11.72 -51.08 -0.99
CA ARG D 456 10.81 -52.09 -0.43
C ARG D 456 11.18 -52.60 0.95
N GLU D 457 12.47 -52.78 1.19
CA GLU D 457 12.96 -53.26 2.49
C GLU D 457 12.69 -52.28 3.64
N ILE D 458 12.71 -50.98 3.35
CA ILE D 458 12.61 -49.93 4.37
C ILE D 458 11.25 -49.22 4.41
N MET D 459 10.52 -49.25 3.29
CA MET D 459 9.21 -48.62 3.19
C MET D 459 8.22 -49.10 4.24
N HIS D 460 7.31 -48.22 4.60
CA HIS D 460 6.24 -48.53 5.53
C HIS D 460 4.96 -48.82 4.77
N PRO D 461 4.38 -50.02 4.98
CA PRO D 461 3.19 -50.45 4.26
C PRO D 461 2.08 -49.42 4.32
N ILE D 462 1.37 -49.25 3.21
CA ILE D 462 0.33 -48.23 3.09
C ILE D 462 -0.92 -48.47 3.96
N GLU D 463 -1.19 -49.73 4.30
CA GLU D 463 -2.37 -50.11 5.08
C GLU D 463 -2.41 -49.42 6.46
N GLY D 464 -1.27 -49.40 7.14
CA GLY D 464 -1.16 -48.79 8.46
C GLY D 464 -0.98 -47.28 8.41
N GLU D 465 -0.40 -46.80 7.32
CA GLU D 465 -0.21 -45.37 7.06
C GLU D 465 -1.50 -44.76 6.50
N PRO D 466 -1.83 -43.50 6.91
CA PRO D 466 -3.11 -42.89 6.49
C PRO D 466 -3.24 -42.72 4.98
N HIS D 467 -4.45 -42.90 4.46
CA HIS D 467 -4.71 -42.72 3.04
C HIS D 467 -6.15 -42.27 2.82
N LEU D 468 -6.40 -41.63 1.68
CA LEU D 468 -7.72 -41.11 1.36
C LEU D 468 -8.23 -41.64 0.01
N PHE D 469 -9.54 -41.65 -0.16
CA PHE D 469 -10.17 -42.05 -1.42
C PHE D 469 -11.03 -40.88 -1.92
N PRO D 470 -11.31 -40.80 -3.24
CA PRO D 470 -12.28 -39.80 -3.70
C PRO D 470 -13.71 -40.14 -3.28
N ASP D 471 -14.04 -41.43 -3.23
CA ASP D 471 -15.39 -41.90 -2.91
C ASP D 471 -15.77 -41.75 -1.44
N SER D 472 -14.78 -41.70 -0.55
CA SER D 472 -15.02 -41.57 0.88
C SER D 472 -15.67 -40.22 1.20
N GLU D 473 -16.86 -40.30 1.80
CA GLU D 473 -17.73 -39.15 2.05
C GLU D 473 -17.19 -38.16 3.09
N PRO D 474 -17.83 -36.99 3.25
CA PRO D 474 -17.38 -36.03 4.26
C PRO D 474 -17.40 -36.62 5.68
N GLN D 475 -18.36 -37.50 5.93
CA GLN D 475 -18.48 -38.24 7.19
C GLN D 475 -17.24 -39.10 7.47
N HIS D 476 -16.59 -39.57 6.42
CA HIS D 476 -15.41 -40.41 6.49
C HIS D 476 -14.17 -39.60 6.87
N ILE D 477 -13.90 -38.56 6.07
CA ILE D 477 -12.64 -37.82 6.14
C ILE D 477 -12.39 -37.11 7.47
N LYS D 478 -13.45 -36.85 8.23
CA LYS D 478 -13.29 -36.29 9.57
C LYS D 478 -12.52 -37.28 10.47
N GLY D 479 -12.77 -38.58 10.24
CA GLY D 479 -12.09 -39.65 10.98
C GLY D 479 -10.57 -39.62 10.93
N ILE D 480 -10.00 -39.80 9.75
CA ILE D 480 -8.54 -39.77 9.57
C ILE D 480 -7.96 -38.48 10.13
N LEU D 481 -8.62 -37.37 9.81
CA LEU D 481 -8.19 -36.03 10.22
C LEU D 481 -7.88 -35.93 11.72
N GLU D 482 -8.77 -36.43 12.56
CA GLU D 482 -8.58 -36.36 14.01
C GLU D 482 -7.77 -37.53 14.58
N LYS D 483 -7.97 -38.72 14.01
CA LYS D 483 -7.28 -39.94 14.49
C LYS D 483 -5.80 -39.95 14.10
N PHE D 484 -5.49 -39.26 13.01
CA PHE D 484 -4.12 -38.97 12.65
C PHE D 484 -3.93 -37.45 12.72
N PRO D 485 -3.78 -36.89 13.94
CA PRO D 485 -3.52 -35.45 14.00
C PRO D 485 -2.14 -35.14 13.43
N ASN D 486 -1.78 -33.87 13.33
CA ASN D 486 -0.44 -33.46 12.88
C ASN D 486 -0.08 -33.87 11.44
N ARG D 487 -0.94 -34.67 10.80
CA ARG D 487 -0.70 -35.12 9.43
C ARG D 487 -1.05 -33.99 8.45
N LEU D 488 -0.13 -33.70 7.54
CA LEU D 488 -0.23 -32.53 6.67
C LEU D 488 -0.49 -32.91 5.21
N VAL D 489 -0.04 -34.10 4.82
CA VAL D 489 -0.28 -34.64 3.49
C VAL D 489 -1.10 -35.91 3.64
N PHE D 490 -2.11 -36.07 2.78
CA PHE D 490 -2.85 -37.31 2.70
C PHE D 490 -2.72 -37.90 1.29
N PRO D 491 -2.11 -39.10 1.19
CA PRO D 491 -2.03 -39.79 -0.09
C PRO D 491 -3.42 -40.18 -0.54
N VAL D 492 -3.77 -39.85 -1.78
CA VAL D 492 -5.11 -40.16 -2.28
C VAL D 492 -5.08 -41.14 -3.46
N ILE D 493 -5.77 -42.27 -3.28
CA ILE D 493 -5.83 -43.34 -4.28
C ILE D 493 -7.26 -43.80 -4.54
N ASP D 494 -7.50 -44.48 -5.66
CA ASP D 494 -8.83 -45.03 -5.94
C ASP D 494 -9.10 -46.34 -5.18
N ALA D 495 -10.19 -47.03 -5.53
CA ALA D 495 -10.35 -48.42 -5.13
C ALA D 495 -9.45 -49.24 -6.05
N ASN D 496 -8.81 -50.28 -5.51
CA ASN D 496 -7.65 -50.91 -6.16
C ASN D 496 -6.59 -49.83 -6.37
N GLY D 497 -6.23 -49.20 -5.25
CA GLY D 497 -5.61 -47.86 -5.19
C GLY D 497 -4.48 -47.40 -6.08
N TYR D 498 -4.76 -46.38 -6.89
CA TYR D 498 -3.75 -45.82 -7.79
C TYR D 498 -3.42 -44.34 -7.54
N LEU D 499 -2.17 -43.98 -7.80
CA LEU D 499 -1.58 -42.76 -7.27
C LEU D 499 -2.13 -41.39 -7.72
N LEU D 500 -2.39 -40.57 -6.70
CA LEU D 500 -2.49 -39.11 -6.80
C LEU D 500 -1.98 -38.54 -5.45
N GLY D 501 -2.28 -37.27 -5.12
CA GLY D 501 -1.82 -36.72 -3.84
C GLY D 501 -2.46 -35.40 -3.46
N ALA D 502 -3.29 -35.42 -2.41
CA ALA D 502 -3.99 -34.22 -1.93
C ALA D 502 -3.32 -33.69 -0.68
N ILE D 503 -3.48 -32.40 -0.42
CA ILE D 503 -3.03 -31.80 0.85
C ILE D 503 -3.94 -32.29 1.97
N SER D 504 -3.55 -31.98 3.20
CA SER D 504 -4.47 -32.14 4.33
C SER D 504 -5.10 -30.81 4.68
N ARG D 505 -4.29 -29.91 5.22
CA ARG D 505 -4.86 -28.85 6.04
C ARG D 505 -5.43 -27.67 5.25
N LYS D 506 -4.63 -27.01 4.42
CA LYS D 506 -5.14 -25.86 3.66
C LYS D 506 -6.43 -26.19 2.92
N GLU D 507 -6.46 -27.33 2.22
CA GLU D 507 -7.65 -27.67 1.44
C GLU D 507 -8.73 -28.50 2.14
N ILE D 508 -8.37 -29.68 2.65
CA ILE D 508 -9.37 -30.60 3.27
C ILE D 508 -10.16 -29.95 4.42
N VAL D 509 -9.47 -29.21 5.29
CA VAL D 509 -10.10 -28.48 6.41
C VAL D 509 -11.01 -27.36 5.90
N ASP D 510 -10.61 -26.71 4.80
CA ASP D 510 -11.40 -25.63 4.20
C ASP D 510 -12.51 -26.14 3.25
N ARG D 511 -12.31 -27.32 2.69
CA ARG D 511 -13.34 -27.99 1.89
C ARG D 511 -14.33 -28.72 2.78
N LEU D 512 -14.05 -28.74 4.08
CA LEU D 512 -14.95 -29.31 5.07
C LEU D 512 -15.86 -28.21 5.63
N GLN D 513 -15.37 -26.97 5.59
CA GLN D 513 -16.11 -25.81 6.10
C GLN D 513 -17.35 -25.46 5.27
N HIS D 514 -17.80 -26.40 4.45
CA HIS D 514 -19.05 -26.26 3.69
C HIS D 514 -20.01 -27.40 4.01
N VAL D 515 -19.45 -28.57 4.31
CA VAL D 515 -20.23 -29.74 4.69
C VAL D 515 -19.85 -30.22 6.11
N VAL D 571 -11.62 -33.68 -0.83
CA VAL D 571 -12.02 -34.61 -1.88
C VAL D 571 -10.94 -34.65 -2.99
N VAL D 572 -11.10 -33.78 -4.00
CA VAL D 572 -10.24 -33.70 -5.19
C VAL D 572 -10.79 -32.50 -5.96
N PRO D 573 -10.01 -31.86 -6.86
CA PRO D 573 -8.66 -32.07 -7.40
C PRO D 573 -7.57 -31.93 -6.36
N CYS D 574 -6.41 -32.53 -6.64
CA CYS D 574 -5.28 -32.49 -5.73
C CYS D 574 -4.47 -31.21 -5.91
N ASP D 575 -3.56 -30.96 -4.97
CA ASP D 575 -2.70 -29.78 -5.03
C ASP D 575 -1.24 -30.05 -4.68
N VAL D 576 -0.94 -31.26 -4.21
CA VAL D 576 0.45 -31.62 -3.88
C VAL D 576 1.03 -32.76 -4.75
N SER D 577 2.17 -32.50 -5.36
CA SER D 577 2.87 -33.53 -6.11
C SER D 577 3.94 -34.11 -5.20
N PRO D 578 3.83 -35.41 -4.92
CA PRO D 578 4.82 -36.07 -4.07
C PRO D 578 5.91 -36.74 -4.89
N ILE D 579 7.13 -36.75 -4.38
CA ILE D 579 8.18 -37.48 -5.08
C ILE D 579 7.92 -38.97 -4.90
N VAL D 580 7.35 -39.56 -5.95
CA VAL D 580 7.07 -41.00 -5.98
C VAL D 580 8.28 -41.72 -6.57
N VAL D 581 8.49 -42.96 -6.13
CA VAL D 581 9.66 -43.74 -6.53
C VAL D 581 9.26 -45.21 -6.62
N THR D 582 9.78 -45.94 -7.60
CA THR D 582 9.47 -47.36 -7.75
C THR D 582 10.08 -48.24 -6.66
N SER D 583 9.42 -49.34 -6.36
CA SER D 583 9.75 -50.20 -5.23
C SER D 583 11.12 -50.87 -5.30
N TYR D 584 11.73 -50.88 -6.48
CA TYR D 584 13.03 -51.51 -6.69
C TYR D 584 14.19 -50.51 -6.65
N SER D 585 13.86 -49.22 -6.71
CA SER D 585 14.84 -48.14 -6.50
C SER D 585 15.47 -48.31 -5.13
N LEU D 586 16.80 -48.22 -5.06
CA LEU D 586 17.50 -48.56 -3.83
C LEU D 586 17.89 -47.35 -2.98
N VAL D 587 18.39 -47.60 -1.77
CA VAL D 587 18.72 -46.56 -0.80
C VAL D 587 19.76 -45.56 -1.35
N ARG D 588 20.78 -46.06 -2.03
CA ARG D 588 21.79 -45.18 -2.63
C ARG D 588 21.15 -44.07 -3.43
N GLN D 589 19.89 -44.27 -3.86
CA GLN D 589 19.17 -43.24 -4.61
C GLN D 589 18.00 -42.60 -3.86
N LEU D 590 17.46 -43.28 -2.85
CA LEU D 590 16.51 -42.64 -1.95
C LEU D 590 17.23 -41.56 -1.15
N HIS D 591 18.43 -41.90 -0.69
CA HIS D 591 19.22 -41.00 0.11
C HIS D 591 19.54 -39.73 -0.66
N PHE D 592 19.69 -39.85 -1.97
CA PHE D 592 20.05 -38.70 -2.81
C PHE D 592 18.90 -37.72 -2.94
N LEU D 593 17.70 -38.26 -3.11
CA LEU D 593 16.50 -37.44 -3.23
C LEU D 593 16.24 -36.71 -1.93
N PHE D 594 16.60 -37.35 -0.82
CA PHE D 594 16.44 -36.76 0.50
C PHE D 594 17.37 -35.57 0.75
N VAL D 595 18.56 -35.60 0.14
CA VAL D 595 19.55 -34.55 0.34
C VAL D 595 19.32 -33.36 -0.60
N MET D 596 19.04 -33.65 -1.86
CA MET D 596 18.82 -32.64 -2.90
C MET D 596 17.41 -32.06 -2.85
N LEU D 597 16.40 -32.92 -2.92
CA LEU D 597 15.01 -32.45 -2.94
C LEU D 597 14.53 -32.05 -1.55
N MET D 598 15.09 -32.70 -0.53
CA MET D 598 14.85 -32.37 0.87
C MET D 598 13.39 -32.55 1.36
N PRO D 599 12.69 -33.60 0.89
CA PRO D 599 11.30 -33.79 1.30
C PRO D 599 11.20 -34.48 2.65
N SER D 600 9.99 -34.58 3.19
CA SER D 600 9.81 -35.29 4.45
C SER D 600 9.45 -36.74 4.19
N MET D 601 8.86 -37.00 3.02
CA MET D 601 8.34 -38.32 2.64
C MET D 601 8.46 -38.61 1.15
N ILE D 602 8.70 -39.88 0.83
CA ILE D 602 8.77 -40.35 -0.55
C ILE D 602 7.79 -41.52 -0.70
N TYR D 603 6.94 -41.46 -1.72
CA TYR D 603 5.94 -42.50 -1.96
C TYR D 603 6.57 -43.63 -2.76
N VAL D 604 6.16 -44.86 -2.48
CA VAL D 604 6.71 -46.00 -3.19
C VAL D 604 5.66 -46.63 -4.12
N THR D 605 6.02 -46.72 -5.40
CA THR D 605 5.14 -47.25 -6.45
C THR D 605 5.51 -48.70 -6.75
N GLU D 606 4.53 -49.58 -6.57
CA GLU D 606 4.66 -50.98 -6.96
C GLU D 606 3.57 -51.27 -7.99
N ARG D 607 4.00 -51.41 -9.25
CA ARG D 607 3.12 -51.65 -10.39
C ARG D 607 2.04 -50.58 -10.59
N GLY D 608 2.32 -49.36 -10.12
CA GLY D 608 1.37 -48.26 -10.24
C GLY D 608 0.63 -47.97 -8.94
N LYS D 609 0.41 -49.02 -8.15
CA LYS D 609 -0.30 -48.90 -6.88
C LYS D 609 0.59 -48.25 -5.82
N LEU D 610 0.01 -47.39 -4.98
CA LEU D 610 0.74 -46.85 -3.85
C LEU D 610 0.94 -47.96 -2.84
N VAL D 611 2.18 -48.43 -2.75
CA VAL D 611 2.56 -49.47 -1.81
C VAL D 611 3.66 -48.93 -0.94
N GLY D 612 3.31 -48.19 0.11
CA GLY D 612 4.32 -47.72 1.07
C GLY D 612 4.87 -46.31 0.98
N ILE D 613 5.00 -45.69 2.15
CA ILE D 613 5.67 -44.41 2.31
C ILE D 613 7.05 -44.70 2.88
N VAL D 614 8.05 -43.91 2.47
CA VAL D 614 9.34 -43.95 3.15
C VAL D 614 9.59 -42.61 3.86
N GLU D 615 9.57 -42.67 5.19
CA GLU D 615 9.86 -41.52 6.03
C GLU D 615 11.30 -41.12 5.82
N ARG D 616 11.60 -39.88 6.14
CA ARG D 616 12.96 -39.32 6.05
C ARG D 616 13.80 -39.83 7.21
N GLU D 617 13.11 -40.24 8.27
CA GLU D 617 13.70 -40.92 9.43
C GLU D 617 14.18 -42.35 9.08
N ASP D 618 13.78 -42.85 7.92
CA ASP D 618 14.08 -44.24 7.53
C ASP D 618 15.42 -44.39 6.82
N VAL D 619 16.07 -43.28 6.51
CA VAL D 619 17.30 -43.30 5.71
C VAL D 619 18.39 -42.42 6.31
N ALA D 620 18.04 -41.20 6.70
CA ALA D 620 18.99 -40.26 7.29
C ALA D 620 19.43 -40.73 8.66
N TYR D 621 20.71 -40.52 8.96
CA TYR D 621 21.24 -40.78 10.29
C TYR D 621 20.63 -39.77 11.27
N GLY D 622 19.40 -40.02 11.68
CA GLY D 622 18.68 -39.07 12.50
C GLY D 622 18.43 -39.59 13.90
N TYR D 623 19.00 -38.90 14.88
CA TYR D 623 18.79 -39.24 16.30
C TYR D 623 17.35 -38.99 16.73
N SER D 624 16.77 -37.87 16.26
CA SER D 624 15.37 -37.51 16.52
C SER D 624 15.13 -37.11 17.97
N ASN D 625 14.32 -37.92 18.68
CA ASN D 625 14.11 -37.80 20.13
C ASN D 625 13.40 -36.51 20.55
#